data_2KZJ
#
_entry.id   2KZJ
#
_cell.length_a   1.000
_cell.length_b   1.000
_cell.length_c   1.000
_cell.angle_alpha   90.00
_cell.angle_beta   90.00
_cell.angle_gamma   90.00
#
_symmetry.space_group_name_H-M   'P 1'
#
_entity_poly.entity_id   1
_entity_poly.type   'polypeptide(L)'
_entity_poly.pdbx_seq_one_letter_code
;MGSSHHHHHHLQVDNKFNKEMRNAYWEIALLPNLNNQQKRAFIRSLYDDPSQSANLLAEAKKLNDAQAPK
;
_entity_poly.pdbx_strand_id   A
#
# COMPACT_ATOMS: atom_id res chain seq x y z
N VAL A 13 -21.05 5.67 2.84
CA VAL A 13 -20.04 5.56 3.93
C VAL A 13 -20.71 5.93 5.27
N ASP A 14 -21.23 4.91 5.96
CA ASP A 14 -21.88 5.13 7.25
C ASP A 14 -20.85 5.60 8.28
N ASN A 15 -19.93 4.70 8.66
CA ASN A 15 -18.88 5.03 9.62
C ASN A 15 -17.65 5.58 8.91
N LYS A 16 -17.05 4.76 8.04
CA LYS A 16 -15.85 5.15 7.27
C LYS A 16 -15.45 4.02 6.31
N PHE A 17 -14.80 4.40 5.20
CA PHE A 17 -14.37 3.41 4.19
C PHE A 17 -13.08 2.69 4.60
N ASN A 18 -13.12 2.07 5.79
CA ASN A 18 -11.97 1.33 6.31
C ASN A 18 -11.66 0.09 5.47
N LYS A 19 -12.69 -0.47 4.82
CA LYS A 19 -12.54 -1.66 3.99
C LYS A 19 -11.48 -1.48 2.89
N GLU A 20 -11.45 -0.27 2.30
CA GLU A 20 -10.50 0.02 1.23
C GLU A 20 -9.07 -0.10 1.76
N MET A 21 -8.84 0.37 2.99
CA MET A 21 -7.53 0.31 3.61
C MET A 21 -7.11 -1.14 3.87
N ARG A 22 -8.08 -1.96 4.29
CA ARG A 22 -7.82 -3.37 4.58
C ARG A 22 -7.27 -4.08 3.33
N ASN A 23 -7.90 -3.81 2.19
CA ASN A 23 -7.47 -4.42 0.93
C ASN A 23 -6.05 -4.01 0.56
N ALA A 24 -5.79 -2.69 0.58
CA ALA A 24 -4.46 -2.18 0.24
C ALA A 24 -3.42 -2.58 1.30
N TYR A 25 -3.88 -2.75 2.55
CA TYR A 25 -2.99 -3.14 3.65
C TYR A 25 -2.30 -4.46 3.36
N TRP A 26 -3.09 -5.54 3.27
CA TRP A 26 -2.53 -6.87 3.02
C TRP A 26 -2.01 -7.02 1.59
N GLU A 27 -2.68 -6.41 0.60
CA GLU A 27 -2.25 -6.54 -0.81
C GLU A 27 -0.81 -6.04 -0.97
N ILE A 28 -0.48 -4.93 -0.31
CA ILE A 28 0.89 -4.40 -0.38
C ILE A 28 1.85 -5.33 0.36
N ALA A 29 1.43 -5.78 1.55
CA ALA A 29 2.25 -6.68 2.36
C ALA A 29 2.60 -7.96 1.59
N LEU A 30 1.71 -8.35 0.68
CA LEU A 30 1.90 -9.56 -0.13
C LEU A 30 3.19 -9.50 -0.97
N LEU A 31 3.53 -8.31 -1.50
CA LEU A 31 4.74 -8.19 -2.33
C LEU A 31 5.98 -8.42 -1.46
N PRO A 32 6.80 -9.42 -1.78
CA PRO A 32 8.04 -9.77 -0.99
C PRO A 32 9.32 -9.03 -1.39
N ASN A 33 9.30 -8.25 -2.48
CA ASN A 33 10.51 -7.55 -2.94
C ASN A 33 10.55 -6.08 -2.53
N LEU A 34 9.49 -5.60 -1.84
CA LEU A 34 9.50 -4.21 -1.39
C LEU A 34 10.42 -4.06 -0.20
N ASN A 35 11.26 -3.02 -0.25
CA ASN A 35 12.21 -2.77 0.85
C ASN A 35 11.47 -2.71 2.19
N ASN A 36 12.12 -3.16 3.27
CA ASN A 36 11.51 -3.18 4.61
C ASN A 36 10.92 -1.82 5.00
N GLN A 37 11.64 -0.75 4.67
CA GLN A 37 11.18 0.61 4.99
C GLN A 37 9.94 0.97 4.16
N GLN A 38 9.97 0.61 2.87
CA GLN A 38 8.86 0.91 1.96
C GLN A 38 7.58 0.18 2.37
N LYS A 39 7.70 -1.10 2.73
CA LYS A 39 6.54 -1.91 3.12
C LYS A 39 5.78 -1.26 4.29
N ARG A 40 6.54 -0.87 5.32
CA ARG A 40 5.94 -0.22 6.49
C ARG A 40 5.51 1.22 6.15
N ALA A 41 6.29 1.88 5.28
CA ALA A 41 6.01 3.26 4.90
C ALA A 41 4.63 3.43 4.24
N PHE A 42 4.38 2.69 3.16
CA PHE A 42 3.08 2.80 2.46
C PHE A 42 1.90 2.46 3.37
N ILE A 43 2.00 1.36 4.12
CA ILE A 43 0.93 0.96 5.04
C ILE A 43 0.64 2.08 6.06
N ARG A 44 1.70 2.74 6.55
CA ARG A 44 1.52 3.87 7.47
C ARG A 44 1.00 5.10 6.73
N SER A 45 1.42 5.23 5.46
CA SER A 45 1.00 6.35 4.62
C SER A 45 -0.52 6.42 4.50
N LEU A 46 -1.18 5.24 4.50
CA LEU A 46 -2.64 5.19 4.41
C LEU A 46 -3.27 6.09 5.48
N TYR A 47 -2.82 5.92 6.72
CA TYR A 47 -3.31 6.72 7.84
C TYR A 47 -2.96 8.19 7.62
N ASP A 48 -1.75 8.44 7.11
CA ASP A 48 -1.27 9.81 6.86
C ASP A 48 -2.20 10.57 5.89
N ASP A 49 -2.71 9.87 4.87
CA ASP A 49 -3.60 10.49 3.89
C ASP A 49 -4.46 9.43 3.18
N PRO A 50 -5.58 9.04 3.77
CA PRO A 50 -6.51 8.01 3.18
C PRO A 50 -6.96 8.38 1.77
N SER A 51 -6.95 9.67 1.46
CA SER A 51 -7.37 10.17 0.15
C SER A 51 -6.51 9.59 -0.97
N GLN A 52 -5.23 9.31 -0.67
CA GLN A 52 -4.31 8.78 -1.67
C GLN A 52 -4.28 7.24 -1.66
N SER A 53 -5.20 6.62 -0.91
CA SER A 53 -5.25 5.15 -0.80
C SER A 53 -5.07 4.45 -2.16
N ALA A 54 -5.86 4.88 -3.15
CA ALA A 54 -5.78 4.29 -4.49
C ALA A 54 -4.39 4.52 -5.11
N ASN A 55 -3.84 5.71 -4.87
CA ASN A 55 -2.52 6.05 -5.40
C ASN A 55 -1.41 5.27 -4.70
N LEU A 56 -1.45 5.27 -3.36
CA LEU A 56 -0.44 4.57 -2.55
C LEU A 56 -0.39 3.08 -2.91
N LEU A 57 -1.57 2.46 -3.03
CA LEU A 57 -1.67 1.05 -3.38
C LEU A 57 -1.02 0.79 -4.74
N ALA A 58 -1.39 1.62 -5.71
CA ALA A 58 -0.83 1.52 -7.06
C ALA A 58 0.67 1.77 -7.02
N GLU A 59 1.05 2.80 -6.26
CA GLU A 59 2.46 3.17 -6.09
C GLU A 59 3.27 2.02 -5.47
N ALA A 60 2.65 1.33 -4.51
CA ALA A 60 3.32 0.21 -3.85
C ALA A 60 3.61 -0.89 -4.86
N LYS A 61 2.60 -1.21 -5.67
CA LYS A 61 2.75 -2.23 -6.70
C LYS A 61 3.81 -1.80 -7.72
N LYS A 62 3.91 -0.49 -7.94
CA LYS A 62 4.90 0.05 -8.88
C LYS A 62 6.31 -0.30 -8.41
N LEU A 63 6.55 -0.16 -7.10
CA LEU A 63 7.84 -0.49 -6.51
C LEU A 63 8.12 -1.99 -6.68
N ASN A 64 7.08 -2.80 -6.51
CA ASN A 64 7.19 -4.25 -6.67
C ASN A 64 7.57 -4.59 -8.11
N ASP A 65 6.82 -4.01 -9.05
CA ASP A 65 7.06 -4.24 -10.48
C ASP A 65 8.45 -3.76 -10.89
N ALA A 66 8.87 -2.61 -10.34
CA ALA A 66 10.15 -2.03 -10.69
C ALA A 66 11.33 -2.80 -10.07
N GLN A 67 11.28 -3.02 -8.76
CA GLN A 67 12.36 -3.72 -8.04
C GLN A 67 12.47 -5.19 -8.50
N ALA A 68 11.34 -5.77 -8.95
CA ALA A 68 11.34 -7.17 -9.39
C ALA A 68 12.38 -7.42 -10.49
N PRO A 69 12.99 -8.60 -10.51
CA PRO A 69 14.02 -8.95 -11.54
C PRO A 69 13.46 -8.92 -12.95
N LYS A 70 14.35 -9.01 -13.94
CA LYS A 70 13.97 -9.00 -15.35
C LYS A 70 13.26 -7.67 -15.70
N VAL A 13 -21.12 7.01 3.03
CA VAL A 13 -20.33 6.39 4.13
C VAL A 13 -20.84 6.91 5.47
N ASP A 14 -21.39 6.02 6.30
CA ASP A 14 -21.91 6.38 7.60
C ASP A 14 -20.78 6.68 8.58
N ASN A 15 -20.00 5.64 8.92
CA ASN A 15 -18.88 5.78 9.85
C ASN A 15 -17.58 6.13 9.13
N LYS A 16 -17.14 5.23 8.22
CA LYS A 16 -15.91 5.43 7.45
C LYS A 16 -15.69 4.26 6.48
N PHE A 17 -14.94 4.53 5.40
CA PHE A 17 -14.64 3.51 4.38
C PHE A 17 -13.35 2.77 4.74
N ASN A 18 -13.25 2.36 6.00
CA ASN A 18 -12.08 1.63 6.52
C ASN A 18 -11.78 0.39 5.67
N LYS A 19 -12.81 -0.16 5.02
CA LYS A 19 -12.66 -1.36 4.20
C LYS A 19 -11.60 -1.16 3.11
N GLU A 20 -11.51 0.06 2.57
CA GLU A 20 -10.52 0.36 1.53
C GLU A 20 -9.10 0.22 2.08
N MET A 21 -8.88 0.67 3.31
CA MET A 21 -7.56 0.58 3.94
C MET A 21 -7.16 -0.88 4.09
N ARG A 22 -8.08 -1.71 4.59
CA ARG A 22 -7.82 -3.14 4.78
C ARG A 22 -7.40 -3.80 3.46
N ASN A 23 -8.06 -3.41 2.36
CA ASN A 23 -7.76 -3.98 1.06
C ASN A 23 -6.30 -3.71 0.66
N ALA A 24 -5.93 -2.43 0.62
CA ALA A 24 -4.55 -2.07 0.25
C ALA A 24 -3.55 -2.54 1.32
N TYR A 25 -4.00 -2.60 2.58
CA TYR A 25 -3.14 -3.02 3.70
C TYR A 25 -2.52 -4.40 3.43
N TRP A 26 -3.36 -5.41 3.22
CA TRP A 26 -2.88 -6.77 2.96
C TRP A 26 -2.24 -6.90 1.59
N GLU A 27 -2.82 -6.23 0.57
CA GLU A 27 -2.28 -6.31 -0.79
C GLU A 27 -0.85 -5.80 -0.85
N ILE A 28 -0.58 -4.68 -0.17
CA ILE A 28 0.78 -4.13 -0.13
C ILE A 28 1.71 -5.10 0.60
N ALA A 29 1.27 -5.57 1.76
CA ALA A 29 2.07 -6.51 2.56
C ALA A 29 2.39 -7.78 1.78
N LEU A 30 1.48 -8.17 0.88
CA LEU A 30 1.65 -9.38 0.07
C LEU A 30 2.94 -9.32 -0.78
N LEU A 31 3.27 -8.11 -1.27
CA LEU A 31 4.48 -7.95 -2.09
C LEU A 31 5.74 -8.19 -1.23
N PRO A 32 6.56 -9.17 -1.60
CA PRO A 32 7.80 -9.54 -0.84
C PRO A 32 9.09 -8.79 -1.21
N ASN A 33 9.18 -8.29 -2.45
CA ASN A 33 10.41 -7.62 -2.92
C ASN A 33 10.48 -6.14 -2.53
N LEU A 34 9.45 -5.62 -1.85
CA LEU A 34 9.47 -4.22 -1.44
C LEU A 34 10.45 -4.04 -0.28
N ASN A 35 11.30 -3.02 -0.39
CA ASN A 35 12.29 -2.74 0.66
C ASN A 35 11.60 -2.69 2.03
N ASN A 36 12.31 -3.14 3.07
CA ASN A 36 11.75 -3.18 4.43
C ASN A 36 11.13 -1.84 4.85
N GLN A 37 11.80 -0.74 4.48
CA GLN A 37 11.30 0.60 4.82
C GLN A 37 9.99 0.91 4.07
N GLN A 38 9.96 0.53 2.79
CA GLN A 38 8.79 0.77 1.94
C GLN A 38 7.56 0.00 2.42
N LYS A 39 7.76 -1.25 2.86
CA LYS A 39 6.65 -2.10 3.32
C LYS A 39 5.85 -1.42 4.43
N ARG A 40 6.55 -0.99 5.48
CA ARG A 40 5.91 -0.31 6.62
C ARG A 40 5.47 1.11 6.25
N ALA A 41 6.25 1.76 5.38
CA ALA A 41 5.97 3.14 4.97
C ALA A 41 4.60 3.28 4.28
N PHE A 42 4.41 2.56 3.17
CA PHE A 42 3.15 2.66 2.41
C PHE A 42 1.94 2.27 3.27
N ILE A 43 2.04 1.14 3.98
CA ILE A 43 0.93 0.70 4.84
C ILE A 43 0.62 1.77 5.90
N ARG A 44 1.67 2.43 6.41
CA ARG A 44 1.48 3.50 7.40
C ARG A 44 0.85 4.72 6.72
N SER A 45 1.27 4.98 5.48
CA SER A 45 0.76 6.12 4.71
C SER A 45 -0.76 6.05 4.53
N LEU A 46 -1.30 4.82 4.43
CA LEU A 46 -2.76 4.64 4.25
C LEU A 46 -3.53 5.44 5.32
N TYR A 47 -3.22 5.15 6.58
CA TYR A 47 -3.86 5.85 7.70
C TYR A 47 -3.54 7.33 7.66
N ASP A 48 -2.28 7.65 7.30
CA ASP A 48 -1.83 9.05 7.23
C ASP A 48 -2.69 9.90 6.28
N ASP A 49 -3.14 9.30 5.17
CA ASP A 49 -3.97 10.03 4.19
C ASP A 49 -4.73 9.06 3.27
N PRO A 50 -5.86 8.54 3.71
CA PRO A 50 -6.69 7.59 2.90
C PRO A 50 -7.10 8.16 1.54
N SER A 51 -7.03 9.49 1.41
CA SER A 51 -7.42 10.17 0.17
C SER A 51 -6.62 9.67 -1.03
N GLN A 52 -5.34 9.32 -0.81
CA GLN A 52 -4.49 8.84 -1.91
C GLN A 52 -4.29 7.31 -1.81
N SER A 53 -5.16 6.64 -1.06
CA SER A 53 -5.07 5.18 -0.88
C SER A 53 -4.95 4.44 -2.20
N ALA A 54 -5.68 4.90 -3.21
CA ALA A 54 -5.64 4.26 -4.52
C ALA A 54 -4.26 4.41 -5.13
N ASN A 55 -3.66 5.59 -4.91
CA ASN A 55 -2.33 5.89 -5.44
C ASN A 55 -1.26 5.05 -4.74
N LEU A 56 -1.33 4.99 -3.41
CA LEU A 56 -0.35 4.25 -2.62
C LEU A 56 -0.29 2.78 -3.03
N LEU A 57 -1.47 2.16 -3.21
CA LEU A 57 -1.54 0.75 -3.63
C LEU A 57 -0.87 0.57 -4.99
N ALA A 58 -1.27 1.45 -5.93
CA ALA A 58 -0.70 1.42 -7.28
C ALA A 58 0.81 1.68 -7.22
N GLU A 59 1.19 2.63 -6.35
CA GLU A 59 2.59 2.99 -6.15
C GLU A 59 3.37 1.80 -5.58
N ALA A 60 2.75 1.07 -4.66
CA ALA A 60 3.40 -0.09 -4.05
C ALA A 60 3.66 -1.15 -5.12
N LYS A 61 2.67 -1.30 -6.01
CA LYS A 61 2.79 -2.25 -7.11
C LYS A 61 3.91 -1.83 -8.04
N LYS A 62 4.04 -0.51 -8.23
CA LYS A 62 5.08 0.05 -9.10
C LYS A 62 6.46 -0.33 -8.58
N LEU A 63 6.64 -0.25 -7.26
CA LEU A 63 7.91 -0.62 -6.64
C LEU A 63 8.19 -2.11 -6.86
N ASN A 64 7.16 -2.93 -6.70
CA ASN A 64 7.29 -4.37 -6.91
C ASN A 64 7.69 -4.66 -8.35
N ASP A 65 6.98 -4.03 -9.29
CA ASP A 65 7.24 -4.23 -10.72
C ASP A 65 8.66 -3.78 -11.08
N ALA A 66 9.12 -2.69 -10.47
CA ALA A 66 10.44 -2.15 -10.78
C ALA A 66 11.57 -2.97 -10.12
N GLN A 67 11.45 -3.19 -8.80
CA GLN A 67 12.48 -3.93 -8.06
C GLN A 67 12.55 -5.40 -8.49
N ALA A 68 11.43 -5.95 -8.97
CA ALA A 68 11.38 -7.36 -9.39
C ALA A 68 12.45 -7.67 -10.45
N PRO A 69 13.02 -8.87 -10.41
CA PRO A 69 14.07 -9.31 -11.38
C PRO A 69 13.49 -9.60 -12.77
N LYS A 70 14.35 -9.45 -13.80
CA LYS A 70 13.95 -9.69 -15.19
C LYS A 70 14.53 -11.01 -15.69
N VAL A 13 -20.26 7.26 1.36
CA VAL A 13 -19.66 6.51 2.50
C VAL A 13 -20.43 6.84 3.78
N ASP A 14 -20.98 5.80 4.42
CA ASP A 14 -21.74 5.99 5.66
C ASP A 14 -20.82 6.46 6.80
N ASN A 15 -20.06 5.53 7.38
CA ASN A 15 -19.14 5.85 8.47
C ASN A 15 -17.75 6.21 7.92
N LYS A 16 -17.12 5.25 7.23
CA LYS A 16 -15.78 5.46 6.66
C LYS A 16 -15.43 4.30 5.71
N PHE A 17 -14.62 4.60 4.69
CA PHE A 17 -14.22 3.59 3.70
C PHE A 17 -13.03 2.74 4.20
N ASN A 18 -13.17 2.21 5.42
CA ASN A 18 -12.14 1.37 6.03
C ASN A 18 -11.91 0.10 5.20
N LYS A 19 -12.99 -0.41 4.57
CA LYS A 19 -12.90 -1.64 3.77
C LYS A 19 -11.83 -1.54 2.68
N GLU A 20 -11.86 -0.44 1.91
CA GLU A 20 -10.87 -0.21 0.85
C GLU A 20 -9.47 -0.18 1.44
N MET A 21 -9.37 0.34 2.66
CA MET A 21 -8.10 0.42 3.37
C MET A 21 -7.57 -0.99 3.64
N ARG A 22 -8.46 -1.89 4.07
CA ARG A 22 -8.07 -3.27 4.37
C ARG A 22 -7.52 -3.96 3.12
N ASN A 23 -8.14 -3.69 1.96
CA ASN A 23 -7.70 -4.30 0.71
C ASN A 23 -6.27 -3.90 0.39
N ALA A 24 -6.00 -2.58 0.31
CA ALA A 24 -4.66 -2.10 0.01
C ALA A 24 -3.67 -2.50 1.11
N TYR A 25 -4.14 -2.57 2.36
CA TYR A 25 -3.28 -2.93 3.49
C TYR A 25 -2.60 -4.29 3.27
N TRP A 26 -3.41 -5.34 3.09
CA TRP A 26 -2.86 -6.68 2.86
C TRP A 26 -2.20 -6.82 1.49
N GLU A 27 -2.80 -6.21 0.45
CA GLU A 27 -2.25 -6.30 -0.91
C GLU A 27 -0.82 -5.77 -0.95
N ILE A 28 -0.57 -4.65 -0.26
CA ILE A 28 0.78 -4.08 -0.22
C ILE A 28 1.71 -5.04 0.53
N ALA A 29 1.27 -5.50 1.70
CA ALA A 29 2.07 -6.42 2.52
C ALA A 29 2.38 -7.71 1.75
N LEU A 30 1.47 -8.10 0.85
CA LEU A 30 1.64 -9.32 0.06
C LEU A 30 2.91 -9.27 -0.81
N LEU A 31 3.24 -8.08 -1.33
CA LEU A 31 4.44 -7.94 -2.18
C LEU A 31 5.71 -8.22 -1.34
N PRO A 32 6.50 -9.21 -1.74
CA PRO A 32 7.74 -9.64 -1.02
C PRO A 32 9.03 -8.90 -1.39
N ASN A 33 9.13 -8.39 -2.63
CA ASN A 33 10.37 -7.75 -3.09
C ASN A 33 10.47 -6.27 -2.69
N LEU A 34 9.46 -5.74 -1.99
CA LEU A 34 9.53 -4.35 -1.55
C LEU A 34 10.53 -4.22 -0.41
N ASN A 35 11.36 -3.19 -0.46
CA ASN A 35 12.37 -2.95 0.59
C ASN A 35 11.67 -2.87 1.96
N ASN A 36 12.35 -3.37 3.00
CA ASN A 36 11.80 -3.40 4.38
C ASN A 36 11.22 -2.05 4.81
N GLN A 37 11.93 -0.96 4.48
CA GLN A 37 11.48 0.38 4.84
C GLN A 37 10.19 0.74 4.09
N GLN A 38 10.13 0.38 2.80
CA GLN A 38 8.97 0.67 1.97
C GLN A 38 7.72 -0.07 2.44
N LYS A 39 7.88 -1.34 2.84
CA LYS A 39 6.75 -2.16 3.30
C LYS A 39 5.99 -1.49 4.45
N ARG A 40 6.73 -1.11 5.49
CA ARG A 40 6.16 -0.43 6.66
C ARG A 40 5.72 1.00 6.30
N ALA A 41 6.50 1.66 5.45
CA ALA A 41 6.23 3.05 5.07
C ALA A 41 4.86 3.22 4.39
N PHE A 42 4.63 2.51 3.28
CA PHE A 42 3.36 2.65 2.55
C PHE A 42 2.15 2.32 3.43
N ILE A 43 2.21 1.19 4.15
CA ILE A 43 1.08 0.80 5.02
C ILE A 43 0.84 1.87 6.09
N ARG A 44 1.92 2.46 6.62
CA ARG A 44 1.79 3.52 7.62
C ARG A 44 1.19 4.78 6.98
N SER A 45 1.66 5.09 5.77
CA SER A 45 1.19 6.26 5.03
C SER A 45 -0.32 6.18 4.78
N LEU A 46 -0.83 4.97 4.58
CA LEU A 46 -2.26 4.77 4.35
C LEU A 46 -3.09 5.37 5.50
N TYR A 47 -2.65 5.12 6.73
CA TYR A 47 -3.33 5.65 7.91
C TYR A 47 -3.21 7.18 7.94
N ASP A 48 -2.00 7.67 7.64
CA ASP A 48 -1.73 9.12 7.65
C ASP A 48 -2.53 9.86 6.56
N ASP A 49 -2.63 9.25 5.37
CA ASP A 49 -3.35 9.86 4.24
C ASP A 49 -4.21 8.81 3.52
N PRO A 50 -5.36 8.47 4.09
CA PRO A 50 -6.28 7.45 3.49
C PRO A 50 -6.79 7.88 2.10
N SER A 51 -6.78 9.18 1.86
CA SER A 51 -7.24 9.73 0.58
C SER A 51 -6.38 9.23 -0.59
N GLN A 52 -5.10 8.96 -0.31
CA GLN A 52 -4.17 8.48 -1.33
C GLN A 52 -4.16 6.96 -1.39
N SER A 53 -5.03 6.30 -0.62
CA SER A 53 -5.11 4.83 -0.56
C SER A 53 -4.94 4.17 -1.93
N ALA A 54 -5.76 4.59 -2.90
CA ALA A 54 -5.70 4.01 -4.24
C ALA A 54 -4.32 4.27 -4.88
N ASN A 55 -3.79 5.47 -4.66
CA ASN A 55 -2.48 5.84 -5.22
C ASN A 55 -1.37 5.03 -4.58
N LEU A 56 -1.37 4.93 -3.25
CA LEU A 56 -0.33 4.19 -2.53
C LEU A 56 -0.28 2.73 -2.98
N LEU A 57 -1.45 2.13 -3.19
CA LEU A 57 -1.52 0.73 -3.64
C LEU A 57 -0.84 0.61 -5.01
N ALA A 58 -1.21 1.52 -5.91
CA ALA A 58 -0.64 1.55 -7.26
C ALA A 58 0.87 1.80 -7.17
N GLU A 59 1.24 2.74 -6.30
CA GLU A 59 2.64 3.09 -6.07
C GLU A 59 3.41 1.90 -5.52
N ALA A 60 2.77 1.12 -4.64
CA ALA A 60 3.41 -0.04 -4.05
C ALA A 60 3.68 -1.07 -5.15
N LYS A 61 2.70 -1.24 -6.04
CA LYS A 61 2.84 -2.18 -7.15
C LYS A 61 3.98 -1.72 -8.06
N LYS A 62 4.11 -0.39 -8.23
CA LYS A 62 5.14 0.19 -9.06
C LYS A 62 6.53 -0.23 -8.56
N LEU A 63 6.71 -0.17 -7.24
CA LEU A 63 7.99 -0.56 -6.62
C LEU A 63 8.26 -2.04 -6.88
N ASN A 64 7.22 -2.87 -6.72
CA ASN A 64 7.34 -4.30 -6.97
C ASN A 64 7.72 -4.56 -8.42
N ASP A 65 7.01 -3.91 -9.33
CA ASP A 65 7.26 -4.07 -10.77
C ASP A 65 8.67 -3.62 -11.15
N ALA A 66 9.15 -2.54 -10.52
CA ALA A 66 10.48 -2.00 -10.81
C ALA A 66 11.60 -2.84 -10.17
N GLN A 67 11.46 -3.10 -8.88
CA GLN A 67 12.48 -3.88 -8.14
C GLN A 67 12.56 -5.32 -8.62
N ALA A 68 11.44 -5.85 -9.13
CA ALA A 68 11.39 -7.24 -9.60
C ALA A 68 12.47 -7.52 -10.66
N PRO A 69 13.03 -8.72 -10.66
CA PRO A 69 14.09 -9.11 -11.64
C PRO A 69 13.58 -9.05 -13.08
N LYS A 70 14.53 -9.14 -14.02
CA LYS A 70 14.22 -9.11 -15.44
C LYS A 70 13.48 -7.81 -15.82
N VAL A 13 -20.69 7.25 3.49
CA VAL A 13 -19.96 6.46 4.51
C VAL A 13 -20.54 6.78 5.89
N ASP A 14 -20.92 5.73 6.64
CA ASP A 14 -21.48 5.89 7.97
C ASP A 14 -20.39 6.28 8.98
N ASN A 15 -19.57 5.30 9.37
CA ASN A 15 -18.49 5.54 10.32
C ASN A 15 -17.19 5.95 9.58
N LYS A 16 -16.69 5.04 8.73
CA LYS A 16 -15.46 5.28 7.97
C LYS A 16 -15.24 4.16 6.94
N PHE A 17 -14.63 4.52 5.80
CA PHE A 17 -14.37 3.54 4.73
C PHE A 17 -13.12 2.71 5.04
N ASN A 18 -13.16 2.03 6.19
CA ASN A 18 -12.05 1.18 6.64
C ASN A 18 -11.89 -0.06 5.75
N LYS A 19 -13.01 -0.53 5.18
CA LYS A 19 -13.00 -1.74 4.32
C LYS A 19 -11.98 -1.60 3.18
N GLU A 20 -11.99 -0.45 2.50
CA GLU A 20 -11.07 -0.21 1.39
C GLU A 20 -9.61 -0.24 1.89
N MET A 21 -9.39 0.28 3.10
CA MET A 21 -8.05 0.32 3.68
C MET A 21 -7.55 -1.10 3.92
N ARG A 22 -8.43 -1.98 4.40
CA ARG A 22 -8.07 -3.37 4.66
C ARG A 22 -7.63 -4.05 3.36
N ASN A 23 -8.32 -3.73 2.26
CA ASN A 23 -7.99 -4.31 0.97
C ASN A 23 -6.56 -3.97 0.56
N ALA A 24 -6.24 -2.67 0.54
CA ALA A 24 -4.88 -2.23 0.17
C ALA A 24 -3.86 -2.66 1.23
N TYR A 25 -4.29 -2.73 2.50
CA TYR A 25 -3.40 -3.12 3.61
C TYR A 25 -2.73 -4.47 3.33
N TRP A 26 -3.53 -5.51 3.12
CA TRP A 26 -3.00 -6.84 2.85
C TRP A 26 -2.32 -6.92 1.49
N GLU A 27 -2.90 -6.26 0.47
CA GLU A 27 -2.32 -6.30 -0.88
C GLU A 27 -0.92 -5.70 -0.89
N ILE A 28 -0.72 -4.61 -0.15
CA ILE A 28 0.61 -3.98 -0.09
C ILE A 28 1.59 -4.93 0.58
N ALA A 29 1.22 -5.44 1.76
CA ALA A 29 2.08 -6.36 2.51
C ALA A 29 2.35 -7.64 1.72
N LEU A 30 1.41 -8.01 0.85
CA LEU A 30 1.54 -9.22 0.03
C LEU A 30 2.77 -9.16 -0.88
N LEU A 31 3.14 -7.95 -1.35
CA LEU A 31 4.29 -7.80 -2.26
C LEU A 31 5.57 -8.39 -1.63
N PRO A 32 6.36 -9.12 -2.40
CA PRO A 32 7.60 -9.82 -1.92
C PRO A 32 8.90 -9.02 -2.00
N ASN A 33 9.12 -8.31 -3.11
CA ASN A 33 10.38 -7.59 -3.35
C ASN A 33 10.41 -6.15 -2.82
N LEU A 34 9.33 -5.65 -2.23
CA LEU A 34 9.36 -4.27 -1.70
C LEU A 34 10.35 -4.18 -0.56
N ASN A 35 11.13 -3.10 -0.55
CA ASN A 35 12.13 -2.87 0.50
C ASN A 35 11.47 -2.87 1.90
N ASN A 36 12.26 -3.14 2.93
CA ASN A 36 11.75 -3.20 4.31
C ASN A 36 10.98 -1.94 4.71
N GLN A 37 11.58 -0.77 4.48
CA GLN A 37 10.93 0.50 4.84
C GLN A 37 9.75 0.81 3.92
N GLN A 38 9.92 0.54 2.63
CA GLN A 38 8.87 0.82 1.64
C GLN A 38 7.56 0.09 1.93
N LYS A 39 7.67 -1.19 2.33
CA LYS A 39 6.47 -1.99 2.62
C LYS A 39 5.66 -1.37 3.76
N ARG A 40 6.34 -1.05 4.86
CA ARG A 40 5.69 -0.45 6.03
C ARG A 40 5.29 1.00 5.75
N ALA A 41 6.10 1.69 4.93
CA ALA A 41 5.86 3.10 4.60
C ALA A 41 4.51 3.33 3.95
N PHE A 42 4.15 2.52 2.95
CA PHE A 42 2.86 2.72 2.25
C PHE A 42 1.68 2.59 3.21
N ILE A 43 1.61 1.49 3.95
CA ILE A 43 0.52 1.26 4.91
C ILE A 43 0.47 2.40 5.94
N ARG A 44 1.64 2.84 6.41
CA ARG A 44 1.71 3.94 7.38
C ARG A 44 1.15 5.23 6.75
N SER A 45 1.57 5.48 5.50
CA SER A 45 1.13 6.68 4.77
C SER A 45 -0.39 6.67 4.60
N LEU A 46 -0.98 5.47 4.47
CA LEU A 46 -2.42 5.34 4.31
C LEU A 46 -3.15 6.04 5.45
N TYR A 47 -2.70 5.79 6.68
CA TYR A 47 -3.29 6.41 7.86
C TYR A 47 -3.05 7.92 7.80
N ASP A 48 -1.83 8.31 7.40
CA ASP A 48 -1.46 9.72 7.31
C ASP A 48 -2.34 10.46 6.29
N ASP A 49 -2.70 9.78 5.18
CA ASP A 49 -3.53 10.40 4.15
C ASP A 49 -4.36 9.34 3.40
N PRO A 50 -5.55 9.02 3.90
CA PRO A 50 -6.45 8.01 3.26
C PRO A 50 -6.73 8.31 1.78
N SER A 51 -6.60 9.59 1.41
CA SER A 51 -6.85 10.03 0.03
C SER A 51 -5.92 9.31 -0.95
N GLN A 52 -4.70 9.01 -0.50
CA GLN A 52 -3.71 8.35 -1.37
C GLN A 52 -3.86 6.82 -1.35
N SER A 53 -4.83 6.30 -0.59
CA SER A 53 -5.05 4.85 -0.48
C SER A 53 -4.86 4.11 -1.81
N ALA A 54 -5.61 4.54 -2.83
CA ALA A 54 -5.53 3.92 -4.15
C ALA A 54 -4.14 4.11 -4.76
N ASN A 55 -3.57 5.30 -4.55
CA ASN A 55 -2.24 5.61 -5.09
C ASN A 55 -1.14 4.80 -4.43
N LEU A 56 -1.17 4.74 -3.10
CA LEU A 56 -0.17 4.01 -2.33
C LEU A 56 -0.13 2.53 -2.74
N LEU A 57 -1.31 1.95 -2.94
CA LEU A 57 -1.42 0.55 -3.37
C LEU A 57 -0.73 0.37 -4.72
N ALA A 58 -1.11 1.23 -5.67
CA ALA A 58 -0.53 1.19 -7.02
C ALA A 58 0.97 1.46 -6.95
N GLU A 59 1.35 2.36 -6.03
CA GLU A 59 2.75 2.72 -5.83
C GLU A 59 3.53 1.48 -5.38
N ALA A 60 2.86 0.60 -4.61
CA ALA A 60 3.47 -0.65 -4.17
C ALA A 60 3.74 -1.51 -5.40
N LYS A 61 2.76 -1.55 -6.30
CA LYS A 61 2.88 -2.30 -7.54
C LYS A 61 4.01 -1.73 -8.40
N LYS A 62 4.17 -0.39 -8.35
CA LYS A 62 5.21 0.29 -9.12
C LYS A 62 6.60 -0.16 -8.65
N LEU A 63 6.82 -0.09 -7.33
CA LEU A 63 8.11 -0.50 -6.76
C LEU A 63 8.38 -1.97 -7.02
N ASN A 64 7.34 -2.80 -6.86
CA ASN A 64 7.48 -4.24 -7.12
C ASN A 64 7.87 -4.49 -8.57
N ASP A 65 7.17 -3.83 -9.49
CA ASP A 65 7.45 -3.99 -10.92
C ASP A 65 8.86 -3.51 -11.26
N ALA A 66 9.29 -2.42 -10.61
CA ALA A 66 10.61 -1.84 -10.89
C ALA A 66 11.74 -2.65 -10.25
N GLN A 67 11.62 -2.95 -8.95
CA GLN A 67 12.65 -3.69 -8.22
C GLN A 67 12.77 -5.14 -8.72
N ALA A 68 11.67 -5.69 -9.25
CA ALA A 68 11.66 -7.07 -9.74
C ALA A 68 12.72 -7.26 -10.83
N PRO A 69 13.31 -8.45 -10.90
CA PRO A 69 14.36 -8.77 -11.93
C PRO A 69 13.78 -8.81 -13.34
N LYS A 70 14.67 -8.68 -14.33
CA LYS A 70 14.30 -8.70 -15.76
C LYS A 70 13.40 -7.50 -16.10
N VAL A 13 -20.66 7.29 4.53
CA VAL A 13 -19.77 6.50 5.45
C VAL A 13 -20.35 6.59 6.87
N ASP A 14 -20.68 5.43 7.44
CA ASP A 14 -21.24 5.37 8.79
C ASP A 14 -20.15 5.63 9.83
N ASN A 15 -19.28 4.64 10.06
CA ASN A 15 -18.19 4.76 11.03
C ASN A 15 -16.93 5.31 10.37
N LYS A 16 -16.40 4.57 9.39
CA LYS A 16 -15.18 4.97 8.67
C LYS A 16 -14.97 4.09 7.44
N PHE A 17 -14.45 4.69 6.36
CA PHE A 17 -14.19 3.96 5.11
C PHE A 17 -12.83 3.23 5.16
N ASN A 18 -12.63 2.45 6.23
CA ASN A 18 -11.38 1.70 6.40
C ASN A 18 -11.42 0.34 5.66
N LYS A 19 -12.54 0.05 5.00
CA LYS A 19 -12.69 -1.21 4.25
C LYS A 19 -11.64 -1.28 3.14
N GLU A 20 -11.55 -0.18 2.37
CA GLU A 20 -10.60 -0.10 1.27
C GLU A 20 -9.17 -0.15 1.81
N MET A 21 -8.96 0.45 2.98
CA MET A 21 -7.64 0.46 3.61
C MET A 21 -7.19 -0.97 3.91
N ARG A 22 -8.14 -1.78 4.39
CA ARG A 22 -7.87 -3.18 4.71
C ARG A 22 -7.42 -3.94 3.47
N ASN A 23 -8.12 -3.69 2.34
CA ASN A 23 -7.79 -4.36 1.09
C ASN A 23 -6.35 -4.06 0.66
N ALA A 24 -5.98 -2.78 0.65
CA ALA A 24 -4.62 -2.38 0.27
C ALA A 24 -3.61 -2.80 1.33
N TYR A 25 -4.05 -2.86 2.59
CA TYR A 25 -3.17 -3.24 3.70
C TYR A 25 -2.55 -4.62 3.47
N TRP A 26 -3.38 -5.64 3.23
CA TRP A 26 -2.88 -7.01 3.02
C TRP A 26 -2.26 -7.18 1.64
N GLU A 27 -2.82 -6.53 0.61
CA GLU A 27 -2.30 -6.64 -0.75
C GLU A 27 -0.87 -6.09 -0.83
N ILE A 28 -0.66 -4.90 -0.26
CA ILE A 28 0.66 -4.27 -0.27
C ILE A 28 1.65 -5.12 0.54
N ALA A 29 1.25 -5.47 1.76
CA ALA A 29 2.10 -6.27 2.65
C ALA A 29 2.50 -7.61 2.00
N LEU A 30 1.62 -8.13 1.15
CA LEU A 30 1.87 -9.42 0.47
C LEU A 30 3.14 -9.37 -0.39
N LEU A 31 3.41 -8.22 -1.03
CA LEU A 31 4.58 -8.10 -1.90
C LEU A 31 5.87 -8.25 -1.06
N PRO A 32 6.70 -9.24 -1.37
CA PRO A 32 7.96 -9.53 -0.62
C PRO A 32 9.21 -8.77 -1.11
N ASN A 33 9.21 -8.30 -2.36
CA ASN A 33 10.38 -7.60 -2.91
C ASN A 33 10.43 -6.13 -2.52
N LEU A 34 9.37 -5.64 -1.85
CA LEU A 34 9.37 -4.23 -1.42
C LEU A 34 10.33 -4.05 -0.26
N ASN A 35 11.17 -3.04 -0.36
CA ASN A 35 12.14 -2.74 0.72
C ASN A 35 11.40 -2.61 2.06
N ASN A 36 12.07 -3.02 3.16
CA ASN A 36 11.48 -2.97 4.50
C ASN A 36 10.90 -1.60 4.84
N GLN A 37 11.63 -0.54 4.46
CA GLN A 37 11.19 0.83 4.73
C GLN A 37 9.96 1.18 3.90
N GLN A 38 9.97 0.76 2.63
CA GLN A 38 8.85 1.05 1.71
C GLN A 38 7.55 0.39 2.18
N LYS A 39 7.63 -0.84 2.68
CA LYS A 39 6.43 -1.56 3.15
C LYS A 39 5.74 -0.78 4.28
N ARG A 40 6.50 -0.53 5.34
CA ARG A 40 5.98 0.22 6.50
C ARG A 40 5.58 1.64 6.09
N ALA A 41 6.32 2.22 5.13
CA ALA A 41 6.06 3.58 4.67
C ALA A 41 4.66 3.70 4.03
N PHE A 42 4.29 2.74 3.17
CA PHE A 42 2.98 2.80 2.51
C PHE A 42 1.84 2.77 3.52
N ILE A 43 1.77 1.71 4.31
CA ILE A 43 0.71 1.57 5.32
C ILE A 43 0.67 2.76 6.28
N ARG A 44 1.85 3.19 6.75
CA ARG A 44 1.93 4.33 7.68
C ARG A 44 1.40 5.61 7.01
N SER A 45 1.89 5.89 5.80
CA SER A 45 1.45 7.07 5.05
C SER A 45 -0.04 6.98 4.74
N LEU A 46 -0.56 5.74 4.64
CA LEU A 46 -1.96 5.51 4.35
C LEU A 46 -2.83 6.13 5.44
N TYR A 47 -2.46 5.86 6.69
CA TYR A 47 -3.19 6.40 7.84
C TYR A 47 -3.09 7.92 7.85
N ASP A 48 -1.87 8.42 7.58
CA ASP A 48 -1.63 9.87 7.56
C ASP A 48 -2.41 10.56 6.43
N ASP A 49 -2.53 9.87 5.29
CA ASP A 49 -3.25 10.41 4.12
C ASP A 49 -4.12 9.33 3.46
N PRO A 50 -5.29 9.06 4.03
CA PRO A 50 -6.22 8.02 3.48
C PRO A 50 -6.69 8.35 2.07
N SER A 51 -6.58 9.63 1.71
CA SER A 51 -7.00 10.10 0.38
C SER A 51 -6.21 9.42 -0.74
N GLN A 52 -4.95 9.03 -0.48
CA GLN A 52 -4.10 8.41 -1.51
C GLN A 52 -4.05 6.89 -1.40
N SER A 53 -4.83 6.29 -0.46
CA SER A 53 -4.81 4.83 -0.27
C SER A 53 -4.85 4.06 -1.60
N ALA A 54 -5.64 4.55 -2.54
CA ALA A 54 -5.74 3.91 -3.86
C ALA A 54 -4.42 4.06 -4.61
N ASN A 55 -3.88 5.28 -4.61
CA ASN A 55 -2.62 5.55 -5.30
C ASN A 55 -1.48 4.77 -4.66
N LEU A 56 -1.43 4.75 -3.32
CA LEU A 56 -0.37 4.04 -2.59
C LEU A 56 -0.34 2.56 -2.97
N LEU A 57 -1.52 1.95 -3.11
CA LEU A 57 -1.62 0.53 -3.51
C LEU A 57 -0.99 0.35 -4.89
N ALA A 58 -1.35 1.24 -5.80
CA ALA A 58 -0.79 1.20 -7.16
C ALA A 58 0.71 1.44 -7.11
N GLU A 59 1.11 2.43 -6.30
CA GLU A 59 2.51 2.79 -6.13
C GLU A 59 3.31 1.61 -5.56
N ALA A 60 2.69 0.86 -4.65
CA ALA A 60 3.35 -0.29 -4.04
C ALA A 60 3.65 -1.33 -5.10
N LYS A 61 2.65 -1.58 -5.96
CA LYS A 61 2.81 -2.55 -7.04
C LYS A 61 3.92 -2.09 -7.99
N LYS A 62 4.02 -0.78 -8.18
CA LYS A 62 5.03 -0.19 -9.07
C LYS A 62 6.44 -0.55 -8.58
N LEU A 63 6.67 -0.38 -7.27
CA LEU A 63 7.97 -0.70 -6.69
C LEU A 63 8.26 -2.20 -6.83
N ASN A 64 7.22 -3.01 -6.65
CA ASN A 64 7.34 -4.46 -6.78
C ASN A 64 7.74 -4.82 -8.21
N ASP A 65 7.03 -4.25 -9.18
CA ASP A 65 7.29 -4.51 -10.60
C ASP A 65 8.70 -4.05 -10.98
N ALA A 66 9.12 -2.92 -10.42
CA ALA A 66 10.43 -2.36 -10.73
C ALA A 66 11.56 -3.16 -10.07
N GLN A 67 11.44 -3.39 -8.76
CA GLN A 67 12.47 -4.14 -8.01
C GLN A 67 12.55 -5.60 -8.46
N ALA A 68 11.44 -6.14 -8.97
CA ALA A 68 11.39 -7.54 -9.42
C ALA A 68 12.49 -7.83 -10.46
N PRO A 69 12.99 -9.06 -10.49
CA PRO A 69 14.07 -9.46 -11.45
C PRO A 69 13.57 -9.50 -12.90
N LYS A 70 14.51 -9.40 -13.84
CA LYS A 70 14.20 -9.41 -15.29
C LYS A 70 13.38 -8.17 -15.71
N VAL A 13 -20.66 6.51 3.12
CA VAL A 13 -19.65 6.23 4.18
C VAL A 13 -20.30 6.44 5.55
N ASP A 14 -20.81 5.36 6.14
CA ASP A 14 -21.46 5.43 7.45
C ASP A 14 -20.43 5.85 8.51
N ASN A 15 -19.54 4.93 8.89
CA ASN A 15 -18.50 5.22 9.87
C ASN A 15 -17.25 5.76 9.16
N LYS A 16 -16.68 4.94 8.28
CA LYS A 16 -15.50 5.32 7.50
C LYS A 16 -15.14 4.21 6.51
N PHE A 17 -14.47 4.59 5.41
CA PHE A 17 -14.08 3.63 4.36
C PHE A 17 -12.83 2.83 4.77
N ASN A 18 -12.92 2.17 5.92
CA ASN A 18 -11.82 1.35 6.44
C ASN A 18 -11.63 0.07 5.61
N LYS A 19 -12.74 -0.44 5.06
CA LYS A 19 -12.71 -1.68 4.27
C LYS A 19 -11.70 -1.59 3.12
N GLU A 20 -11.69 -0.46 2.41
CA GLU A 20 -10.76 -0.26 1.30
C GLU A 20 -9.32 -0.31 1.80
N MET A 21 -9.09 0.25 2.99
CA MET A 21 -7.75 0.26 3.59
C MET A 21 -7.30 -1.15 3.88
N ARG A 22 -8.21 -1.98 4.40
CA ARG A 22 -7.89 -3.38 4.72
C ARG A 22 -7.42 -4.13 3.47
N ASN A 23 -8.08 -3.85 2.34
CA ASN A 23 -7.72 -4.50 1.08
C ASN A 23 -6.29 -4.16 0.67
N ALA A 24 -5.96 -2.86 0.66
CA ALA A 24 -4.61 -2.42 0.28
C ALA A 24 -3.59 -2.81 1.37
N TYR A 25 -4.04 -2.84 2.63
CA TYR A 25 -3.18 -3.20 3.77
C TYR A 25 -2.53 -4.57 3.54
N TRP A 26 -3.36 -5.61 3.43
CA TRP A 26 -2.90 -6.97 3.22
C TRP A 26 -2.30 -7.16 1.82
N GLU A 27 -2.94 -6.58 0.79
CA GLU A 27 -2.46 -6.72 -0.58
C GLU A 27 -1.03 -6.20 -0.73
N ILE A 28 -0.75 -5.03 -0.16
CA ILE A 28 0.60 -4.47 -0.22
C ILE A 28 1.57 -5.36 0.55
N ALA A 29 1.16 -5.82 1.74
CA ALA A 29 1.99 -6.68 2.57
C ALA A 29 2.36 -7.98 1.84
N LEU A 30 1.48 -8.41 0.92
CA LEU A 30 1.70 -9.64 0.15
C LEU A 30 2.98 -9.54 -0.68
N LEU A 31 3.27 -8.35 -1.22
CA LEU A 31 4.47 -8.15 -2.05
C LEU A 31 5.74 -8.39 -1.20
N PRO A 32 6.56 -9.36 -1.59
CA PRO A 32 7.81 -9.74 -0.85
C PRO A 32 9.09 -8.96 -1.22
N ASN A 33 9.13 -8.33 -2.41
CA ASN A 33 10.35 -7.62 -2.85
C ASN A 33 10.38 -6.15 -2.45
N LEU A 34 9.34 -5.65 -1.78
CA LEU A 34 9.34 -4.24 -1.34
C LEU A 34 10.34 -4.06 -0.21
N ASN A 35 11.11 -2.97 -0.28
CA ASN A 35 12.12 -2.67 0.76
C ASN A 35 11.47 -2.60 2.15
N ASN A 36 12.24 -2.99 3.18
CA ASN A 36 11.75 -3.01 4.57
C ASN A 36 11.15 -1.66 4.98
N GLN A 37 11.75 -0.56 4.53
CA GLN A 37 11.26 0.77 4.86
C GLN A 37 9.98 1.10 4.10
N GLN A 38 9.93 0.68 2.82
CA GLN A 38 8.77 0.96 1.96
C GLN A 38 7.49 0.24 2.40
N LYS A 39 7.59 -1.05 2.75
CA LYS A 39 6.39 -1.81 3.14
C LYS A 39 5.72 -1.17 4.37
N ARG A 40 6.53 -0.77 5.35
CA ARG A 40 6.01 -0.13 6.57
C ARG A 40 5.51 1.29 6.27
N ALA A 41 6.27 2.02 5.44
CA ALA A 41 5.93 3.39 5.09
C ALA A 41 4.58 3.50 4.39
N PHE A 42 4.32 2.60 3.43
CA PHE A 42 3.06 2.63 2.69
C PHE A 42 1.85 2.43 3.60
N ILE A 43 1.84 1.35 4.38
CA ILE A 43 0.73 1.08 5.29
C ILE A 43 0.58 2.22 6.31
N ARG A 44 1.70 2.85 6.69
CA ARG A 44 1.67 3.97 7.63
C ARG A 44 1.08 5.21 6.94
N SER A 45 1.51 5.46 5.70
CA SER A 45 1.04 6.61 4.94
C SER A 45 -0.47 6.55 4.70
N LEU A 46 -1.05 5.33 4.69
CA LEU A 46 -2.50 5.19 4.49
C LEU A 46 -3.24 6.06 5.52
N TYR A 47 -2.79 5.97 6.77
CA TYR A 47 -3.37 6.75 7.86
C TYR A 47 -3.00 8.23 7.71
N ASP A 48 -1.75 8.49 7.29
CA ASP A 48 -1.26 9.87 7.12
C ASP A 48 -2.11 10.65 6.11
N ASP A 49 -2.47 10.01 4.98
CA ASP A 49 -3.26 10.66 3.95
C ASP A 49 -4.21 9.66 3.25
N PRO A 50 -5.35 9.37 3.86
CA PRO A 50 -6.36 8.42 3.29
C PRO A 50 -6.80 8.81 1.88
N SER A 51 -6.60 10.07 1.52
CA SER A 51 -6.97 10.57 0.20
C SER A 51 -6.18 9.88 -0.92
N GLN A 52 -4.97 9.40 -0.61
CA GLN A 52 -4.12 8.74 -1.62
C GLN A 52 -4.17 7.21 -1.54
N SER A 53 -5.03 6.66 -0.66
CA SER A 53 -5.12 5.19 -0.49
C SER A 53 -5.10 4.44 -1.83
N ALA A 54 -5.85 4.94 -2.81
CA ALA A 54 -5.90 4.31 -4.12
C ALA A 54 -4.53 4.41 -4.81
N ASN A 55 -3.94 5.60 -4.76
CA ASN A 55 -2.63 5.85 -5.38
C ASN A 55 -1.54 5.03 -4.70
N LEU A 56 -1.55 5.01 -3.37
CA LEU A 56 -0.55 4.27 -2.60
C LEU A 56 -0.54 2.79 -2.97
N LEU A 57 -1.73 2.19 -3.13
CA LEU A 57 -1.84 0.77 -3.51
C LEU A 57 -1.18 0.56 -4.87
N ALA A 58 -1.57 1.39 -5.84
CA ALA A 58 -1.00 1.31 -7.19
C ALA A 58 0.52 1.55 -7.14
N GLU A 59 0.90 2.53 -6.31
CA GLU A 59 2.30 2.89 -6.13
C GLU A 59 3.08 1.72 -5.54
N ALA A 60 2.43 0.97 -4.66
CA ALA A 60 3.07 -0.19 -4.04
C ALA A 60 3.40 -1.23 -5.10
N LYS A 61 2.44 -1.44 -6.01
CA LYS A 61 2.63 -2.39 -7.10
C LYS A 61 3.77 -1.92 -8.00
N LYS A 62 3.88 -0.61 -8.18
CA LYS A 62 4.92 -0.01 -9.01
C LYS A 62 6.31 -0.39 -8.46
N LEU A 63 6.46 -0.27 -7.14
CA LEU A 63 7.72 -0.61 -6.47
C LEU A 63 8.05 -2.08 -6.71
N ASN A 64 7.03 -2.94 -6.56
CA ASN A 64 7.20 -4.38 -6.78
C ASN A 64 7.63 -4.66 -8.22
N ASP A 65 6.92 -4.05 -9.17
CA ASP A 65 7.22 -4.24 -10.59
C ASP A 65 8.63 -3.76 -10.93
N ALA A 66 9.05 -2.65 -10.31
CA ALA A 66 10.37 -2.09 -10.59
C ALA A 66 11.49 -2.89 -9.92
N GLN A 67 11.36 -3.13 -8.61
CA GLN A 67 12.37 -3.87 -7.84
C GLN A 67 12.49 -5.32 -8.30
N ALA A 68 11.39 -5.88 -8.83
CA ALA A 68 11.38 -7.28 -9.28
C ALA A 68 12.49 -7.54 -10.32
N PRO A 69 13.06 -8.73 -10.32
CA PRO A 69 14.14 -9.11 -11.29
C PRO A 69 13.62 -9.16 -12.72
N LYS A 70 14.57 -9.18 -13.68
CA LYS A 70 14.26 -9.23 -15.12
C LYS A 70 13.70 -7.89 -15.61
N VAL A 13 -16.84 8.27 11.21
CA VAL A 13 -16.78 7.97 9.74
C VAL A 13 -17.51 6.67 9.46
N ASP A 14 -17.82 6.44 8.17
CA ASP A 14 -18.52 5.24 7.73
C ASP A 14 -17.53 4.11 7.41
N ASN A 15 -18.07 2.97 7.00
CA ASN A 15 -17.25 1.78 6.65
C ASN A 15 -16.19 2.13 5.59
N LYS A 16 -16.47 3.17 4.80
CA LYS A 16 -15.55 3.64 3.74
C LYS A 16 -14.08 3.64 4.19
N PHE A 17 -13.86 4.08 5.42
CA PHE A 17 -12.50 4.15 5.97
C PHE A 17 -11.85 2.77 6.05
N ASN A 18 -12.50 1.85 6.77
CA ASN A 18 -11.96 0.50 6.96
C ASN A 18 -11.90 -0.33 5.67
N LYS A 19 -12.95 -0.22 4.84
CA LYS A 19 -13.01 -1.02 3.59
C LYS A 19 -11.82 -0.75 2.66
N GLU A 20 -11.66 0.51 2.24
CA GLU A 20 -10.56 0.87 1.33
C GLU A 20 -9.19 0.58 1.96
N MET A 21 -9.07 0.84 3.26
CA MET A 21 -7.82 0.64 3.98
C MET A 21 -7.41 -0.83 3.94
N ARG A 22 -8.32 -1.72 4.39
CA ARG A 22 -8.03 -3.16 4.42
C ARG A 22 -7.63 -3.69 3.03
N ASN A 23 -8.28 -3.19 1.98
CA ASN A 23 -7.98 -3.63 0.62
C ASN A 23 -6.51 -3.36 0.26
N ALA A 24 -6.11 -2.09 0.26
CA ALA A 24 -4.72 -1.74 -0.08
C ALA A 24 -3.74 -2.24 0.99
N TYR A 25 -4.20 -2.37 2.24
CA TYR A 25 -3.35 -2.83 3.35
C TYR A 25 -2.73 -4.19 3.04
N TRP A 26 -3.58 -5.20 2.81
CA TRP A 26 -3.11 -6.55 2.52
C TRP A 26 -2.46 -6.65 1.14
N GLU A 27 -3.03 -5.98 0.14
CA GLU A 27 -2.50 -6.05 -1.22
C GLU A 27 -1.04 -5.57 -1.27
N ILE A 28 -0.72 -4.49 -0.54
CA ILE A 28 0.65 -3.97 -0.51
C ILE A 28 1.55 -4.96 0.24
N ALA A 29 1.09 -5.39 1.41
CA ALA A 29 1.86 -6.33 2.24
C ALA A 29 2.13 -7.64 1.48
N LEU A 30 1.22 -8.00 0.57
CA LEU A 30 1.35 -9.23 -0.22
C LEU A 30 2.66 -9.23 -1.04
N LEU A 31 3.04 -8.06 -1.56
CA LEU A 31 4.27 -7.96 -2.36
C LEU A 31 5.49 -8.29 -1.50
N PRO A 32 6.27 -9.29 -1.87
CA PRO A 32 7.47 -9.75 -1.09
C PRO A 32 8.81 -9.04 -1.39
N ASN A 33 8.94 -8.40 -2.57
CA ASN A 33 10.20 -7.76 -2.94
C ASN A 33 10.27 -6.29 -2.55
N LEU A 34 9.20 -5.74 -1.94
CA LEU A 34 9.24 -4.33 -1.52
C LEU A 34 10.19 -4.19 -0.33
N ASN A 35 11.00 -3.13 -0.35
CA ASN A 35 11.93 -2.89 0.77
C ASN A 35 11.14 -2.75 2.07
N ASN A 36 11.73 -3.22 3.18
CA ASN A 36 11.06 -3.17 4.49
C ASN A 36 10.60 -1.75 4.84
N GLN A 37 11.44 -0.76 4.54
CA GLN A 37 11.12 0.63 4.82
C GLN A 37 9.92 1.09 3.98
N GLN A 38 9.95 0.74 2.69
CA GLN A 38 8.88 1.11 1.76
C GLN A 38 7.55 0.45 2.14
N LYS A 39 7.62 -0.78 2.66
CA LYS A 39 6.42 -1.51 3.06
C LYS A 39 5.69 -0.76 4.17
N ARG A 40 6.38 -0.59 5.30
CA ARG A 40 5.82 0.11 6.45
C ARG A 40 5.45 1.55 6.09
N ALA A 41 6.28 2.19 5.27
CA ALA A 41 6.06 3.58 4.86
C ALA A 41 4.74 3.76 4.12
N PHE A 42 4.45 2.89 3.15
CA PHE A 42 3.21 3.00 2.37
C PHE A 42 1.98 2.86 3.27
N ILE A 43 1.86 1.69 3.92
CA ILE A 43 0.71 1.43 4.79
C ILE A 43 0.58 2.50 5.90
N ARG A 44 1.69 2.95 6.47
CA ARG A 44 1.64 3.98 7.51
C ARG A 44 1.04 5.27 6.93
N SER A 45 1.59 5.70 5.79
CA SER A 45 1.11 6.91 5.11
C SER A 45 -0.35 6.71 4.68
N LEU A 46 -0.69 5.45 4.37
CA LEU A 46 -2.04 5.09 3.94
C LEU A 46 -3.05 5.45 5.03
N TYR A 47 -2.70 5.12 6.28
CA TYR A 47 -3.55 5.42 7.43
C TYR A 47 -3.69 6.93 7.57
N ASP A 48 -2.58 7.64 7.40
CA ASP A 48 -2.56 9.10 7.52
C ASP A 48 -3.47 9.75 6.46
N ASP A 49 -3.49 9.17 5.25
CA ASP A 49 -4.31 9.69 4.14
C ASP A 49 -4.81 8.56 3.23
N PRO A 50 -5.93 7.93 3.56
CA PRO A 50 -6.51 6.82 2.74
C PRO A 50 -6.86 7.28 1.32
N SER A 51 -6.91 8.59 1.11
CA SER A 51 -7.23 9.16 -0.19
C SER A 51 -6.27 8.66 -1.27
N GLN A 52 -5.00 8.42 -0.88
CA GLN A 52 -4.00 7.95 -1.83
C GLN A 52 -3.91 6.41 -1.86
N SER A 53 -4.78 5.74 -1.08
CA SER A 53 -4.77 4.27 -1.01
C SER A 53 -4.63 3.61 -2.39
N ALA A 54 -5.48 4.05 -3.33
CA ALA A 54 -5.44 3.52 -4.69
C ALA A 54 -4.10 3.82 -5.35
N ASN A 55 -3.58 5.02 -5.09
CA ASN A 55 -2.30 5.44 -5.65
C ASN A 55 -1.14 4.66 -5.04
N LEU A 56 -1.11 4.58 -3.70
CA LEU A 56 -0.05 3.87 -2.99
C LEU A 56 0.03 2.41 -3.42
N LEU A 57 -1.14 1.77 -3.58
CA LEU A 57 -1.19 0.37 -4.01
C LEU A 57 -0.57 0.25 -5.41
N ALA A 58 -0.99 1.13 -6.31
CA ALA A 58 -0.47 1.15 -7.68
C ALA A 58 1.04 1.44 -7.65
N GLU A 59 1.42 2.38 -6.78
CA GLU A 59 2.81 2.77 -6.61
C GLU A 59 3.64 1.60 -6.07
N ALA A 60 3.05 0.85 -5.13
CA ALA A 60 3.74 -0.31 -4.56
C ALA A 60 3.99 -1.35 -5.65
N LYS A 61 3.01 -1.49 -6.55
CA LYS A 61 3.14 -2.42 -7.67
C LYS A 61 4.29 -1.97 -8.57
N LYS A 62 4.40 -0.64 -8.72
CA LYS A 62 5.46 -0.05 -9.53
C LYS A 62 6.81 -0.40 -8.89
N LEU A 63 6.87 -0.28 -7.56
CA LEU A 63 8.09 -0.59 -6.81
C LEU A 63 8.44 -2.07 -6.99
N ASN A 64 7.42 -2.93 -6.84
CA ASN A 64 7.60 -4.37 -7.00
C ASN A 64 8.09 -4.68 -8.42
N ASP A 65 7.43 -4.11 -9.41
CA ASP A 65 7.80 -4.32 -10.82
C ASP A 65 9.23 -3.86 -11.08
N ALA A 66 9.61 -2.75 -10.46
CA ALA A 66 10.95 -2.19 -10.65
C ALA A 66 12.02 -3.00 -9.93
N GLN A 67 11.80 -3.26 -8.63
CA GLN A 67 12.76 -4.01 -7.80
C GLN A 67 12.87 -5.47 -8.25
N ALA A 68 11.80 -6.00 -8.84
CA ALA A 68 11.77 -7.39 -9.28
C ALA A 68 12.93 -7.71 -10.24
N PRO A 69 13.46 -8.92 -10.17
CA PRO A 69 14.61 -9.36 -11.04
C PRO A 69 14.16 -9.66 -12.48
N LYS A 70 15.10 -9.54 -13.41
CA LYS A 70 14.84 -9.80 -14.84
C LYS A 70 15.44 -11.14 -15.26
N VAL A 13 -16.61 6.49 13.16
CA VAL A 13 -16.54 6.80 11.70
C VAL A 13 -17.19 5.65 10.92
N ASP A 14 -17.67 5.97 9.71
CA ASP A 14 -18.31 4.98 8.85
C ASP A 14 -17.35 3.84 8.48
N ASN A 15 -17.92 2.67 8.23
CA ASN A 15 -17.14 1.47 7.86
C ASN A 15 -16.24 1.74 6.64
N LYS A 16 -16.62 2.75 5.83
CA LYS A 16 -15.87 3.12 4.62
C LYS A 16 -14.37 3.31 4.89
N PHE A 17 -14.04 3.91 6.04
CA PHE A 17 -12.64 4.15 6.40
C PHE A 17 -11.85 2.84 6.50
N ASN A 18 -12.26 1.97 7.42
CA ASN A 18 -11.59 0.69 7.63
C ASN A 18 -11.66 -0.22 6.40
N LYS A 19 -12.79 -0.16 5.68
CA LYS A 19 -12.99 -1.01 4.49
C LYS A 19 -11.90 -0.77 3.42
N GLU A 20 -11.78 0.48 2.98
CA GLU A 20 -10.79 0.83 1.95
C GLU A 20 -9.37 0.60 2.46
N MET A 21 -9.15 0.98 3.72
CA MET A 21 -7.84 0.83 4.36
C MET A 21 -7.43 -0.64 4.43
N ARG A 22 -8.34 -1.49 4.89
CA ARG A 22 -8.08 -2.92 5.01
C ARG A 22 -7.70 -3.54 3.64
N ASN A 23 -8.40 -3.09 2.60
CA ASN A 23 -8.15 -3.60 1.24
C ASN A 23 -6.71 -3.36 0.81
N ALA A 24 -6.30 -2.08 0.77
CA ALA A 24 -4.92 -1.75 0.35
C ALA A 24 -3.88 -2.22 1.38
N TYR A 25 -4.28 -2.26 2.66
CA TYR A 25 -3.38 -2.70 3.74
C TYR A 25 -2.80 -4.10 3.45
N TRP A 26 -3.68 -5.08 3.34
CA TRP A 26 -3.28 -6.46 3.08
C TRP A 26 -2.67 -6.63 1.68
N GLU A 27 -3.28 -5.98 0.69
CA GLU A 27 -2.81 -6.09 -0.70
C GLU A 27 -1.36 -5.59 -0.82
N ILE A 28 -1.05 -4.45 -0.19
CA ILE A 28 0.31 -3.91 -0.24
C ILE A 28 1.30 -4.87 0.44
N ALA A 29 0.92 -5.34 1.63
CA ALA A 29 1.77 -6.26 2.39
C ALA A 29 2.04 -7.56 1.61
N LEU A 30 1.11 -7.90 0.71
CA LEU A 30 1.23 -9.11 -0.11
C LEU A 30 2.52 -9.11 -0.95
N LEU A 31 2.96 -7.93 -1.40
CA LEU A 31 4.18 -7.83 -2.23
C LEU A 31 5.39 -8.45 -1.50
N PRO A 32 6.22 -9.20 -2.21
CA PRO A 32 7.40 -9.91 -1.63
C PRO A 32 8.72 -9.13 -1.59
N ASN A 33 9.05 -8.46 -2.71
CA ASN A 33 10.35 -7.76 -2.83
C ASN A 33 10.37 -6.32 -2.27
N LEU A 34 9.23 -5.80 -1.79
CA LEU A 34 9.24 -4.44 -1.23
C LEU A 34 10.08 -4.44 0.04
N ASN A 35 10.98 -3.46 0.13
CA ASN A 35 11.86 -3.34 1.32
C ASN A 35 11.03 -3.22 2.61
N ASN A 36 11.64 -3.55 3.75
CA ASN A 36 10.95 -3.49 5.06
C ASN A 36 10.39 -2.09 5.31
N GLN A 37 11.18 -1.07 4.97
CA GLN A 37 10.76 0.31 5.14
C GLN A 37 9.67 0.68 4.15
N GLN A 38 9.81 0.21 2.90
CA GLN A 38 8.83 0.51 1.85
C GLN A 38 7.45 -0.04 2.18
N LYS A 39 7.38 -1.27 2.72
CA LYS A 39 6.09 -1.87 3.07
C LYS A 39 5.39 -1.03 4.14
N ARG A 40 6.10 -0.78 5.23
CA ARG A 40 5.58 0.01 6.33
C ARG A 40 5.25 1.44 5.88
N ALA A 41 6.07 1.97 4.96
CA ALA A 41 5.88 3.34 4.46
C ALA A 41 4.52 3.54 3.80
N PHE A 42 4.16 2.66 2.86
CA PHE A 42 2.87 2.80 2.17
C PHE A 42 1.70 2.72 3.15
N ILE A 43 1.65 1.67 3.97
CA ILE A 43 0.58 1.50 4.94
C ILE A 43 0.53 2.69 5.92
N ARG A 44 1.70 3.25 6.24
CA ARG A 44 1.75 4.43 7.14
C ARG A 44 1.04 5.60 6.45
N SER A 45 1.35 5.78 5.17
CA SER A 45 0.74 6.84 4.35
C SER A 45 -0.77 6.63 4.27
N LEU A 46 -1.21 5.37 4.31
CA LEU A 46 -2.64 5.04 4.26
C LEU A 46 -3.39 5.81 5.35
N TYR A 47 -2.88 5.69 6.59
CA TYR A 47 -3.47 6.38 7.73
C TYR A 47 -3.38 7.89 7.55
N ASP A 48 -2.25 8.36 6.99
CA ASP A 48 -2.04 9.78 6.76
C ASP A 48 -3.14 10.36 5.86
N ASP A 49 -3.55 9.59 4.85
CA ASP A 49 -4.60 10.03 3.92
C ASP A 49 -5.13 8.86 3.08
N PRO A 50 -6.33 8.35 3.37
CA PRO A 50 -6.93 7.23 2.57
C PRO A 50 -7.16 7.64 1.12
N SER A 51 -7.15 8.96 0.88
CA SER A 51 -7.35 9.52 -0.44
C SER A 51 -6.33 8.96 -1.43
N GLN A 52 -5.10 8.70 -0.95
CA GLN A 52 -4.03 8.18 -1.80
C GLN A 52 -3.99 6.66 -1.77
N SER A 53 -4.86 6.03 -0.95
CA SER A 53 -4.88 4.55 -0.83
C SER A 53 -4.83 3.88 -2.20
N ALA A 54 -5.51 4.46 -3.18
CA ALA A 54 -5.52 3.91 -4.54
C ALA A 54 -4.13 4.06 -5.16
N ASN A 55 -3.55 5.25 -5.01
CA ASN A 55 -2.21 5.53 -5.56
C ASN A 55 -1.14 4.73 -4.84
N LEU A 56 -1.18 4.74 -3.51
CA LEU A 56 -0.20 4.03 -2.68
C LEU A 56 -0.14 2.55 -3.04
N LEU A 57 -1.32 1.93 -3.22
CA LEU A 57 -1.40 0.52 -3.59
C LEU A 57 -0.73 0.29 -4.94
N ALA A 58 -1.13 1.12 -5.91
CA ALA A 58 -0.56 1.05 -7.27
C ALA A 58 0.95 1.30 -7.21
N GLU A 59 1.34 2.24 -6.35
CA GLU A 59 2.73 2.60 -6.15
C GLU A 59 3.49 1.39 -5.61
N ALA A 60 2.84 0.58 -4.75
CA ALA A 60 3.48 -0.61 -4.19
C ALA A 60 3.82 -1.59 -5.32
N LYS A 61 2.89 -1.76 -6.25
CA LYS A 61 3.11 -2.63 -7.39
C LYS A 61 4.27 -2.10 -8.24
N LYS A 62 4.33 -0.77 -8.37
CA LYS A 62 5.39 -0.12 -9.14
C LYS A 62 6.76 -0.41 -8.52
N LEU A 63 6.82 -0.29 -7.18
CA LEU A 63 8.05 -0.55 -6.43
C LEU A 63 8.48 -2.00 -6.65
N ASN A 64 7.51 -2.92 -6.56
CA ASN A 64 7.78 -4.34 -6.76
C ASN A 64 8.36 -4.58 -8.17
N ASP A 65 7.72 -3.97 -9.17
CA ASP A 65 8.16 -4.12 -10.56
C ASP A 65 9.57 -3.56 -10.75
N ALA A 66 9.86 -2.47 -10.03
CA ALA A 66 11.17 -1.82 -10.15
C ALA A 66 12.29 -2.66 -9.53
N GLN A 67 12.09 -3.08 -8.28
CA GLN A 67 13.10 -3.87 -7.56
C GLN A 67 13.22 -5.31 -8.09
N ALA A 68 12.12 -5.82 -8.65
CA ALA A 68 12.10 -7.20 -9.17
C ALA A 68 13.20 -7.42 -10.22
N PRO A 69 13.79 -8.59 -10.27
CA PRO A 69 14.87 -8.93 -11.24
C PRO A 69 14.41 -8.80 -12.68
N LYS A 70 15.36 -8.87 -13.61
CA LYS A 70 15.08 -8.78 -15.04
C LYS A 70 14.44 -7.40 -15.38
N VAL A 13 -12.82 3.97 8.23
CA VAL A 13 -12.46 4.26 9.64
C VAL A 13 -13.75 4.32 10.47
N ASP A 14 -13.85 5.29 11.40
CA ASP A 14 -15.04 5.41 12.23
C ASP A 14 -16.26 5.74 11.35
N ASN A 15 -16.33 6.99 10.88
CA ASN A 15 -17.43 7.43 10.01
C ASN A 15 -17.08 7.20 8.53
N LYS A 16 -15.79 7.37 8.19
CA LYS A 16 -15.32 7.22 6.82
C LYS A 16 -15.28 5.73 6.39
N PHE A 17 -14.47 5.44 5.37
CA PHE A 17 -14.34 4.07 4.82
C PHE A 17 -13.23 3.27 5.50
N ASN A 18 -13.61 2.15 6.13
CA ASN A 18 -12.65 1.26 6.81
C ASN A 18 -12.17 0.15 5.87
N LYS A 19 -13.11 -0.37 5.06
CA LYS A 19 -12.83 -1.47 4.13
C LYS A 19 -11.66 -1.14 3.20
N GLU A 20 -11.64 0.08 2.69
CA GLU A 20 -10.57 0.52 1.77
C GLU A 20 -9.19 0.38 2.43
N MET A 21 -9.13 0.71 3.73
CA MET A 21 -7.87 0.62 4.47
C MET A 21 -7.40 -0.83 4.54
N ARG A 22 -8.30 -1.73 4.96
CA ARG A 22 -7.95 -3.15 5.09
C ARG A 22 -7.51 -3.74 3.75
N ASN A 23 -8.17 -3.30 2.66
CA ASN A 23 -7.84 -3.80 1.32
C ASN A 23 -6.39 -3.49 0.93
N ALA A 24 -6.04 -2.19 0.88
CA ALA A 24 -4.68 -1.80 0.50
C ALA A 24 -3.65 -2.27 1.52
N TYR A 25 -4.06 -2.35 2.80
CA TYR A 25 -3.16 -2.80 3.89
C TYR A 25 -2.58 -4.18 3.58
N TRP A 26 -3.47 -5.17 3.43
CA TRP A 26 -3.07 -6.54 3.15
C TRP A 26 -2.48 -6.68 1.74
N GLU A 27 -3.12 -6.03 0.76
CA GLU A 27 -2.68 -6.11 -0.63
C GLU A 27 -1.22 -5.66 -0.78
N ILE A 28 -0.87 -4.51 -0.16
CA ILE A 28 0.50 -4.00 -0.23
C ILE A 28 1.45 -4.97 0.47
N ALA A 29 1.06 -5.44 1.67
CA ALA A 29 1.89 -6.36 2.44
C ALA A 29 2.17 -7.65 1.66
N LEU A 30 1.28 -7.98 0.72
CA LEU A 30 1.43 -9.20 -0.09
C LEU A 30 2.76 -9.22 -0.86
N LEU A 31 3.21 -8.04 -1.35
CA LEU A 31 4.46 -7.97 -2.10
C LEU A 31 5.66 -8.14 -1.15
N PRO A 32 6.49 -9.15 -1.36
CA PRO A 32 7.69 -9.45 -0.49
C PRO A 32 8.99 -8.75 -0.90
N ASN A 33 9.10 -8.32 -2.17
CA ASN A 33 10.33 -7.70 -2.68
C ASN A 33 10.43 -6.21 -2.35
N LEU A 34 9.40 -5.64 -1.72
CA LEU A 34 9.44 -4.22 -1.37
C LEU A 34 10.39 -4.01 -0.20
N ASN A 35 11.31 -3.05 -0.36
CA ASN A 35 12.30 -2.74 0.68
C ASN A 35 11.61 -2.57 2.04
N ASN A 36 12.32 -2.96 3.13
CA ASN A 36 11.77 -2.89 4.50
C ASN A 36 11.10 -1.54 4.82
N GLN A 37 11.75 -0.44 4.41
CA GLN A 37 11.20 0.90 4.66
C GLN A 37 9.95 1.13 3.83
N GLN A 38 10.02 0.75 2.54
CA GLN A 38 8.91 0.93 1.61
C GLN A 38 7.63 0.21 2.07
N LYS A 39 7.79 -0.99 2.64
CA LYS A 39 6.64 -1.78 3.10
C LYS A 39 5.82 -0.99 4.12
N ARG A 40 6.49 -0.57 5.19
CA ARG A 40 5.83 0.18 6.26
C ARG A 40 5.48 1.61 5.82
N ALA A 41 6.30 2.18 4.93
CA ALA A 41 6.09 3.55 4.45
C ALA A 41 4.73 3.75 3.78
N PHE A 42 4.39 2.89 2.81
CA PHE A 42 3.10 3.04 2.10
C PHE A 42 1.90 2.88 3.04
N ILE A 43 1.85 1.77 3.77
CA ILE A 43 0.74 1.51 4.69
C ILE A 43 0.61 2.63 5.74
N ARG A 44 1.75 3.06 6.30
CA ARG A 44 1.74 4.14 7.30
C ARG A 44 1.17 5.43 6.69
N SER A 45 1.64 5.76 5.49
CA SER A 45 1.18 6.95 4.78
C SER A 45 -0.31 6.87 4.51
N LEU A 46 -0.82 5.64 4.30
CA LEU A 46 -2.24 5.41 4.04
C LEU A 46 -3.10 5.96 5.18
N TYR A 47 -2.70 5.63 6.42
CA TYR A 47 -3.42 6.11 7.60
C TYR A 47 -3.33 7.64 7.66
N ASP A 48 -2.14 8.18 7.38
CA ASP A 48 -1.93 9.63 7.40
C ASP A 48 -2.82 10.34 6.37
N ASP A 49 -3.04 9.69 5.21
CA ASP A 49 -3.88 10.27 4.15
C ASP A 49 -4.67 9.18 3.43
N PRO A 50 -5.82 8.79 3.97
CA PRO A 50 -6.69 7.73 3.35
C PRO A 50 -7.08 8.06 1.91
N SER A 51 -7.07 9.36 1.58
CA SER A 51 -7.43 9.83 0.25
C SER A 51 -6.54 9.24 -0.86
N GLN A 52 -5.27 8.95 -0.54
CA GLN A 52 -4.34 8.43 -1.54
C GLN A 52 -4.23 6.89 -1.51
N SER A 53 -5.06 6.24 -0.68
CA SER A 53 -5.02 4.77 -0.55
C SER A 53 -4.95 4.07 -1.91
N ALA A 54 -5.68 4.61 -2.89
CA ALA A 54 -5.68 4.04 -4.23
C ALA A 54 -4.31 4.23 -4.91
N ASN A 55 -3.77 5.45 -4.79
CA ASN A 55 -2.48 5.77 -5.39
C ASN A 55 -1.34 5.02 -4.70
N LEU A 56 -1.31 5.05 -3.37
CA LEU A 56 -0.26 4.38 -2.59
C LEU A 56 -0.19 2.89 -2.92
N LEU A 57 -1.37 2.24 -3.04
CA LEU A 57 -1.44 0.81 -3.37
C LEU A 57 -0.79 0.58 -4.75
N ALA A 58 -1.21 1.40 -5.71
CA ALA A 58 -0.68 1.31 -7.07
C ALA A 58 0.83 1.60 -7.06
N GLU A 59 1.22 2.58 -6.26
CA GLU A 59 2.62 2.97 -6.11
C GLU A 59 3.44 1.84 -5.49
N ALA A 60 2.85 1.16 -4.50
CA ALA A 60 3.53 0.04 -3.85
C ALA A 60 3.77 -1.08 -4.85
N LYS A 61 2.74 -1.37 -5.64
CA LYS A 61 2.83 -2.41 -6.66
C LYS A 61 3.87 -2.01 -7.71
N LYS A 62 4.00 -0.70 -7.96
CA LYS A 62 4.96 -0.19 -8.93
C LYS A 62 6.38 -0.58 -8.51
N LEU A 63 6.70 -0.38 -7.24
CA LEU A 63 8.03 -0.73 -6.71
C LEU A 63 8.24 -2.25 -6.79
N ASN A 64 7.17 -3.01 -6.53
CA ASN A 64 7.23 -4.48 -6.59
C ASN A 64 7.58 -4.91 -8.01
N ASP A 65 6.88 -4.33 -8.99
CA ASP A 65 7.11 -4.65 -10.39
C ASP A 65 8.51 -4.22 -10.84
N ALA A 66 8.96 -3.08 -10.32
CA ALA A 66 10.26 -2.53 -10.69
C ALA A 66 11.42 -3.36 -10.12
N GLN A 67 11.38 -3.60 -8.81
CA GLN A 67 12.44 -4.35 -8.12
C GLN A 67 12.44 -5.83 -8.50
N ALA A 68 11.26 -6.35 -8.85
CA ALA A 68 11.11 -7.78 -9.22
C ALA A 68 12.10 -8.18 -10.34
N PRO A 69 12.40 -9.47 -10.45
CA PRO A 69 13.35 -10.00 -11.49
C PRO A 69 12.96 -9.58 -12.91
N LYS A 70 13.97 -9.59 -13.80
CA LYS A 70 13.76 -9.22 -15.21
C LYS A 70 13.52 -10.47 -16.06
N VAL A 13 -17.13 8.47 10.97
CA VAL A 13 -17.06 7.90 9.59
C VAL A 13 -17.63 6.48 9.59
N ASP A 14 -18.22 6.08 8.46
CA ASP A 14 -18.80 4.75 8.32
C ASP A 14 -17.73 3.70 7.96
N ASN A 15 -18.19 2.50 7.60
CA ASN A 15 -17.30 1.39 7.23
C ASN A 15 -16.36 1.76 6.08
N LYS A 16 -16.75 2.76 5.29
CA LYS A 16 -15.95 3.23 4.14
C LYS A 16 -14.46 3.37 4.50
N PHE A 17 -14.18 3.88 5.70
CA PHE A 17 -12.81 4.08 6.14
C PHE A 17 -12.06 2.75 6.25
N ASN A 18 -12.62 1.81 7.01
CA ASN A 18 -11.99 0.50 7.21
C ASN A 18 -11.94 -0.35 5.94
N LYS A 19 -13.00 -0.29 5.12
CA LYS A 19 -13.07 -1.08 3.89
C LYS A 19 -11.87 -0.87 2.96
N GLU A 20 -11.76 0.35 2.40
CA GLU A 20 -10.66 0.67 1.47
C GLU A 20 -9.29 0.49 2.12
N MET A 21 -9.19 0.86 3.40
CA MET A 21 -7.93 0.74 4.13
C MET A 21 -7.46 -0.72 4.19
N ARG A 22 -8.34 -1.61 4.65
CA ARG A 22 -8.00 -3.03 4.76
C ARG A 22 -7.61 -3.63 3.42
N ASN A 23 -8.28 -3.19 2.34
CA ASN A 23 -7.99 -3.71 0.99
C ASN A 23 -6.53 -3.45 0.60
N ALA A 24 -6.13 -2.18 0.53
CA ALA A 24 -4.76 -1.83 0.15
C ALA A 24 -3.75 -2.26 1.23
N TYR A 25 -4.20 -2.29 2.50
CA TYR A 25 -3.32 -2.68 3.62
C TYR A 25 -2.71 -4.06 3.39
N TRP A 26 -3.58 -5.07 3.29
CA TRP A 26 -3.15 -6.46 3.10
C TRP A 26 -2.51 -6.67 1.72
N GLU A 27 -3.11 -6.08 0.68
CA GLU A 27 -2.60 -6.24 -0.69
C GLU A 27 -1.17 -5.73 -0.82
N ILE A 28 -0.89 -4.54 -0.29
CA ILE A 28 0.47 -3.97 -0.36
C ILE A 28 1.44 -4.84 0.43
N ALA A 29 1.06 -5.19 1.65
CA ALA A 29 1.91 -6.01 2.53
C ALA A 29 2.24 -7.35 1.88
N LEU A 30 1.33 -7.84 1.03
CA LEU A 30 1.51 -9.14 0.36
C LEU A 30 2.79 -9.16 -0.47
N LEU A 31 3.14 -8.02 -1.10
CA LEU A 31 4.35 -7.95 -1.92
C LEU A 31 5.60 -8.21 -1.06
N PRO A 32 6.37 -9.24 -1.38
CA PRO A 32 7.59 -9.65 -0.58
C PRO A 32 8.91 -8.96 -0.97
N ASN A 33 9.02 -8.43 -2.18
CA ASN A 33 10.29 -7.81 -2.63
C ASN A 33 10.38 -6.32 -2.29
N LEU A 34 9.34 -5.76 -1.67
CA LEU A 34 9.39 -4.34 -1.29
C LEU A 34 10.33 -4.16 -0.12
N ASN A 35 11.13 -3.08 -0.17
CA ASN A 35 12.08 -2.76 0.93
C ASN A 35 11.32 -2.61 2.26
N ASN A 36 11.95 -3.05 3.35
CA ASN A 36 11.32 -3.00 4.69
C ASN A 36 10.75 -1.61 5.01
N GLN A 37 11.49 -0.56 4.67
CA GLN A 37 11.04 0.81 4.93
C GLN A 37 9.84 1.17 4.05
N GLN A 38 9.90 0.76 2.78
CA GLN A 38 8.83 1.05 1.82
C GLN A 38 7.49 0.41 2.23
N LYS A 39 7.54 -0.81 2.77
CA LYS A 39 6.31 -1.50 3.19
C LYS A 39 5.55 -0.68 4.23
N ARG A 40 6.20 -0.44 5.36
CA ARG A 40 5.59 0.33 6.45
C ARG A 40 5.27 1.76 6.00
N ALA A 41 6.12 2.31 5.12
CA ALA A 41 5.94 3.68 4.63
C ALA A 41 4.58 3.87 3.95
N PHE A 42 4.23 2.97 3.03
CA PHE A 42 2.95 3.09 2.32
C PHE A 42 1.76 3.06 3.29
N ILE A 43 1.60 1.96 4.01
CA ILE A 43 0.49 1.79 4.95
C ILE A 43 0.41 2.95 5.97
N ARG A 44 1.55 3.39 6.50
CA ARG A 44 1.56 4.51 7.45
C ARG A 44 1.01 5.78 6.78
N SER A 45 1.51 6.06 5.58
CA SER A 45 1.04 7.22 4.81
C SER A 45 -0.44 7.05 4.47
N LEU A 46 -0.83 5.79 4.24
CA LEU A 46 -2.21 5.45 3.91
C LEU A 46 -3.14 5.88 5.05
N TYR A 47 -2.71 5.59 6.28
CA TYR A 47 -3.48 5.95 7.47
C TYR A 47 -3.64 7.47 7.54
N ASP A 48 -2.55 8.18 7.21
CA ASP A 48 -2.55 9.64 7.22
C ASP A 48 -3.57 10.19 6.22
N ASP A 49 -3.69 9.52 5.07
CA ASP A 49 -4.65 9.95 4.02
C ASP A 49 -5.12 8.75 3.17
N PRO A 50 -6.26 8.16 3.46
CA PRO A 50 -6.79 7.00 2.66
C PRO A 50 -7.08 7.41 1.22
N SER A 51 -7.15 8.73 0.99
CA SER A 51 -7.43 9.27 -0.34
C SER A 51 -6.37 8.80 -1.34
N GLN A 52 -5.13 8.62 -0.86
CA GLN A 52 -4.03 8.18 -1.70
C GLN A 52 -3.94 6.66 -1.76
N SER A 53 -4.79 5.95 -0.99
CA SER A 53 -4.77 4.48 -0.95
C SER A 53 -4.69 3.87 -2.36
N ALA A 54 -5.43 4.47 -3.30
CA ALA A 54 -5.41 3.99 -4.68
C ALA A 54 -4.02 4.19 -5.28
N ASN A 55 -3.45 5.38 -5.05
CA ASN A 55 -2.12 5.71 -5.56
C ASN A 55 -1.04 4.88 -4.87
N LEU A 56 -1.08 4.82 -3.54
CA LEU A 56 -0.09 4.07 -2.77
C LEU A 56 -0.06 2.61 -3.19
N LEU A 57 -1.25 2.02 -3.37
CA LEU A 57 -1.35 0.61 -3.79
C LEU A 57 -0.68 0.42 -5.14
N ALA A 58 -1.01 1.30 -6.07
CA ALA A 58 -0.41 1.26 -7.41
C ALA A 58 1.09 1.49 -7.31
N GLU A 59 1.46 2.48 -6.49
CA GLU A 59 2.87 2.82 -6.26
C GLU A 59 3.63 1.65 -5.68
N ALA A 60 2.97 0.88 -4.81
CA ALA A 60 3.60 -0.28 -4.20
C ALA A 60 3.92 -1.32 -5.27
N LYS A 61 2.94 -1.53 -6.16
CA LYS A 61 3.10 -2.48 -7.26
C LYS A 61 4.25 -2.04 -8.17
N LYS A 62 4.39 -0.72 -8.32
CA LYS A 62 5.44 -0.14 -9.15
C LYS A 62 6.81 -0.56 -8.61
N LEU A 63 6.97 -0.44 -7.29
CA LEU A 63 8.24 -0.82 -6.64
C LEU A 63 8.47 -2.32 -6.80
N ASN A 64 7.40 -3.10 -6.64
CA ASN A 64 7.48 -4.56 -6.78
C ASN A 64 7.93 -4.93 -8.19
N ASP A 65 7.30 -4.32 -9.18
CA ASP A 65 7.62 -4.58 -10.59
C ASP A 65 9.06 -4.17 -10.90
N ALA A 66 9.49 -3.05 -10.33
CA ALA A 66 10.83 -2.53 -10.59
C ALA A 66 11.92 -3.33 -9.87
N GLN A 67 11.74 -3.52 -8.56
CA GLN A 67 12.73 -4.26 -7.75
C GLN A 67 12.81 -5.73 -8.14
N ALA A 68 11.70 -6.28 -8.67
CA ALA A 68 11.65 -7.69 -9.06
C ALA A 68 12.79 -8.07 -10.02
N PRO A 69 13.34 -9.25 -9.89
CA PRO A 69 14.45 -9.73 -10.76
C PRO A 69 14.05 -9.80 -12.23
N LYS A 70 15.05 -10.00 -13.10
CA LYS A 70 14.85 -10.11 -14.55
C LYS A 70 14.44 -8.77 -15.17
N VAL A 13 -20.79 7.09 3.37
CA VAL A 13 -19.97 6.31 4.33
C VAL A 13 -20.66 6.34 5.70
N ASP A 14 -21.02 5.14 6.21
CA ASP A 14 -21.69 5.04 7.51
C ASP A 14 -20.69 5.32 8.64
N ASN A 15 -19.82 4.34 8.92
CA ASN A 15 -18.82 4.48 9.98
C ASN A 15 -17.51 5.07 9.44
N LYS A 16 -16.89 4.35 8.49
CA LYS A 16 -15.62 4.80 7.88
C LYS A 16 -15.29 3.94 6.65
N PHE A 17 -14.73 4.57 5.61
CA PHE A 17 -14.35 3.86 4.38
C PHE A 17 -12.98 3.19 4.52
N ASN A 18 -12.77 2.50 5.65
CA ASN A 18 -11.50 1.81 5.89
C ASN A 18 -11.48 0.41 5.28
N LYS A 19 -12.58 -0.01 4.65
CA LYS A 19 -12.65 -1.34 4.03
C LYS A 19 -11.57 -1.47 2.95
N GLU A 20 -11.46 -0.46 2.10
CA GLU A 20 -10.47 -0.45 1.03
C GLU A 20 -9.06 -0.48 1.61
N MET A 21 -8.88 0.18 2.77
CA MET A 21 -7.58 0.23 3.44
C MET A 21 -7.15 -1.18 3.84
N ARG A 22 -8.11 -1.98 4.33
CA ARG A 22 -7.81 -3.36 4.74
C ARG A 22 -7.34 -4.16 3.53
N ASN A 23 -8.01 -3.94 2.39
CA ASN A 23 -7.65 -4.64 1.15
C ASN A 23 -6.23 -4.28 0.71
N ALA A 24 -5.93 -2.98 0.64
CA ALA A 24 -4.60 -2.52 0.23
C ALA A 24 -3.54 -2.89 1.27
N TYR A 25 -3.92 -2.86 2.55
CA TYR A 25 -3.01 -3.20 3.66
C TYR A 25 -2.40 -4.59 3.46
N TRP A 26 -3.28 -5.57 3.24
CA TRP A 26 -2.86 -6.95 3.03
C TRP A 26 -2.06 -7.11 1.73
N GLU A 27 -2.55 -6.51 0.65
CA GLU A 27 -1.90 -6.60 -0.66
C GLU A 27 -0.48 -6.03 -0.62
N ILE A 28 -0.30 -4.90 0.07
CA ILE A 28 1.03 -4.28 0.18
C ILE A 28 1.98 -5.23 0.91
N ALA A 29 1.59 -5.64 2.12
CA ALA A 29 2.41 -6.54 2.94
C ALA A 29 2.73 -7.83 2.20
N LEU A 30 1.81 -8.27 1.33
CA LEU A 30 1.99 -9.51 0.56
C LEU A 30 3.20 -9.41 -0.36
N LEU A 31 3.44 -8.22 -0.94
CA LEU A 31 4.57 -8.03 -1.85
C LEU A 31 5.90 -8.13 -1.07
N PRO A 32 6.78 -9.05 -1.43
CA PRO A 32 8.09 -9.27 -0.74
C PRO A 32 9.25 -8.39 -1.26
N ASN A 33 9.26 -8.12 -2.57
CA ASN A 33 10.33 -7.33 -3.17
C ASN A 33 10.41 -5.92 -2.61
N LEU A 34 9.31 -5.44 -1.99
CA LEU A 34 9.32 -4.10 -1.43
C LEU A 34 10.28 -4.02 -0.27
N ASN A 35 11.19 -3.04 -0.34
CA ASN A 35 12.18 -2.82 0.72
C ASN A 35 11.49 -2.79 2.10
N ASN A 36 12.20 -3.27 3.13
CA ASN A 36 11.66 -3.33 4.50
C ASN A 36 11.07 -1.99 4.95
N GLN A 37 11.73 -0.90 4.60
CA GLN A 37 11.27 0.44 4.97
C GLN A 37 10.00 0.83 4.20
N GLN A 38 9.97 0.51 2.91
CA GLN A 38 8.82 0.84 2.06
C GLN A 38 7.53 0.17 2.54
N LYS A 39 7.61 -1.08 3.00
CA LYS A 39 6.42 -1.80 3.47
C LYS A 39 5.68 -0.99 4.54
N ARG A 40 6.34 -0.76 5.67
CA ARG A 40 5.75 -0.01 6.77
C ARG A 40 5.43 1.44 6.35
N ALA A 41 6.26 1.99 5.44
CA ALA A 41 6.07 3.37 4.98
C ALA A 41 4.69 3.57 4.33
N PHE A 42 4.40 2.81 3.27
CA PHE A 42 3.11 2.94 2.58
C PHE A 42 1.95 2.60 3.52
N ILE A 43 2.10 1.51 4.27
CA ILE A 43 1.07 1.09 5.22
C ILE A 43 0.71 2.25 6.17
N ARG A 44 1.73 2.98 6.63
CA ARG A 44 1.54 4.12 7.53
C ARG A 44 1.05 5.36 6.76
N SER A 45 1.51 5.51 5.52
CA SER A 45 1.13 6.68 4.69
C SER A 45 -0.39 6.76 4.53
N LEU A 46 -1.05 5.59 4.51
CA LEU A 46 -2.53 5.54 4.39
C LEU A 46 -3.19 6.31 5.53
N TYR A 47 -2.64 6.13 6.74
CA TYR A 47 -3.16 6.83 7.92
C TYR A 47 -2.92 8.33 7.76
N ASP A 48 -1.72 8.69 7.31
CA ASP A 48 -1.34 10.08 7.11
C ASP A 48 -2.27 10.78 6.11
N ASP A 49 -2.67 10.06 5.06
CA ASP A 49 -3.56 10.61 4.02
C ASP A 49 -4.39 9.49 3.36
N PRO A 50 -5.54 9.16 3.91
CA PRO A 50 -6.42 8.08 3.34
C PRO A 50 -6.93 8.44 1.94
N SER A 51 -6.87 9.73 1.61
CA SER A 51 -7.32 10.21 0.30
C SER A 51 -6.52 9.57 -0.84
N GLN A 52 -5.29 9.13 -0.54
CA GLN A 52 -4.42 8.53 -1.56
C GLN A 52 -4.43 6.98 -1.49
N SER A 53 -5.30 6.40 -0.64
CA SER A 53 -5.36 4.93 -0.49
C SER A 53 -5.25 4.19 -1.81
N ALA A 54 -6.01 4.63 -2.82
CA ALA A 54 -5.98 4.00 -4.14
C ALA A 54 -4.62 4.19 -4.81
N ASN A 55 -4.08 5.42 -4.73
CA ASN A 55 -2.79 5.73 -5.34
C ASN A 55 -1.66 4.96 -4.66
N LEU A 56 -1.67 4.93 -3.33
CA LEU A 56 -0.63 4.24 -2.56
C LEU A 56 -0.57 2.76 -2.93
N LEU A 57 -1.73 2.11 -3.08
CA LEU A 57 -1.78 0.70 -3.46
C LEU A 57 -1.13 0.50 -4.82
N ALA A 58 -1.52 1.35 -5.76
CA ALA A 58 -0.96 1.30 -7.12
C ALA A 58 0.55 1.58 -7.06
N GLU A 59 0.91 2.58 -6.26
CA GLU A 59 2.31 2.97 -6.07
C GLU A 59 3.11 1.81 -5.48
N ALA A 60 2.49 1.07 -4.56
CA ALA A 60 3.16 -0.06 -3.93
C ALA A 60 3.45 -1.13 -4.97
N LYS A 61 2.46 -1.38 -5.83
CA LYS A 61 2.60 -2.37 -6.89
C LYS A 61 3.71 -1.93 -7.86
N LYS A 62 3.80 -0.60 -8.07
CA LYS A 62 4.81 -0.03 -8.96
C LYS A 62 6.22 -0.40 -8.47
N LEU A 63 6.42 -0.28 -7.15
CA LEU A 63 7.71 -0.61 -6.55
C LEU A 63 8.02 -2.09 -6.76
N ASN A 64 6.99 -2.94 -6.57
CA ASN A 64 7.15 -4.38 -6.77
C ASN A 64 7.53 -4.68 -8.22
N ASP A 65 6.81 -4.07 -9.16
CA ASP A 65 7.08 -4.28 -10.59
C ASP A 65 8.48 -3.81 -10.97
N ALA A 66 8.92 -2.70 -10.36
CA ALA A 66 10.23 -2.15 -10.67
C ALA A 66 11.36 -2.97 -10.04
N GLN A 67 11.26 -3.23 -8.74
CA GLN A 67 12.28 -4.00 -8.02
C GLN A 67 12.37 -5.45 -8.51
N ALA A 68 11.25 -5.98 -9.02
CA ALA A 68 11.20 -7.36 -9.50
C ALA A 68 12.30 -7.65 -10.55
N PRO A 69 12.84 -8.86 -10.57
CA PRO A 69 13.92 -9.24 -11.54
C PRO A 69 13.38 -9.47 -12.96
N LYS A 70 14.25 -9.28 -13.95
CA LYS A 70 13.89 -9.45 -15.35
C LYS A 70 13.88 -10.94 -15.72
N VAL A 13 -20.57 6.90 1.98
CA VAL A 13 -19.91 6.26 3.16
C VAL A 13 -20.60 6.71 4.43
N ASP A 14 -21.12 5.73 5.20
CA ASP A 14 -21.82 6.03 6.44
C ASP A 14 -20.83 6.49 7.52
N ASN A 15 -20.04 5.54 8.04
CA ASN A 15 -19.04 5.85 9.07
C ASN A 15 -17.69 6.20 8.44
N LYS A 16 -17.11 5.24 7.71
CA LYS A 16 -15.81 5.45 7.05
C LYS A 16 -15.50 4.28 6.09
N PHE A 17 -14.74 4.57 5.02
CA PHE A 17 -14.39 3.54 4.03
C PHE A 17 -13.21 2.70 4.51
N ASN A 18 -13.37 2.11 5.69
CA ASN A 18 -12.34 1.25 6.29
C ASN A 18 -12.10 -0.01 5.45
N LYS A 19 -13.18 -0.52 4.84
CA LYS A 19 -13.11 -1.75 4.03
C LYS A 19 -12.06 -1.63 2.93
N GLU A 20 -12.10 -0.51 2.19
CA GLU A 20 -11.13 -0.28 1.11
C GLU A 20 -9.71 -0.19 1.70
N MET A 21 -9.63 0.35 2.91
CA MET A 21 -8.35 0.50 3.60
C MET A 21 -7.73 -0.87 3.85
N ARG A 22 -8.55 -1.80 4.36
CA ARG A 22 -8.09 -3.17 4.63
C ARG A 22 -7.62 -3.85 3.36
N ASN A 23 -8.32 -3.59 2.25
CA ASN A 23 -7.96 -4.18 0.96
C ASN A 23 -6.53 -3.83 0.56
N ALA A 24 -6.22 -2.53 0.51
CA ALA A 24 -4.87 -2.08 0.14
C ALA A 24 -3.85 -2.44 1.23
N TYR A 25 -4.30 -2.48 2.49
CA TYR A 25 -3.43 -2.80 3.63
C TYR A 25 -2.71 -4.15 3.42
N TRP A 26 -3.50 -5.22 3.36
CA TRP A 26 -2.95 -6.56 3.18
C TRP A 26 -2.36 -6.75 1.79
N GLU A 27 -3.00 -6.17 0.77
CA GLU A 27 -2.51 -6.30 -0.61
C GLU A 27 -1.08 -5.79 -0.75
N ILE A 28 -0.79 -4.64 -0.12
CA ILE A 28 0.57 -4.09 -0.15
C ILE A 28 1.53 -5.02 0.60
N ALA A 29 1.10 -5.44 1.79
CA ALA A 29 1.92 -6.34 2.62
C ALA A 29 2.24 -7.65 1.87
N LEU A 30 1.34 -8.07 0.98
CA LEU A 30 1.52 -9.29 0.21
C LEU A 30 2.79 -9.25 -0.64
N LEU A 31 3.11 -8.07 -1.19
CA LEU A 31 4.31 -7.92 -2.03
C LEU A 31 5.58 -8.20 -1.19
N PRO A 32 6.38 -9.18 -1.58
CA PRO A 32 7.61 -9.60 -0.84
C PRO A 32 8.92 -8.88 -1.23
N ASN A 33 9.01 -8.37 -2.47
CA ASN A 33 10.24 -7.73 -2.94
C ASN A 33 10.34 -6.25 -2.56
N LEU A 34 9.32 -5.71 -1.91
CA LEU A 34 9.38 -4.30 -1.49
C LEU A 34 10.39 -4.16 -0.37
N ASN A 35 11.18 -3.08 -0.42
CA ASN A 35 12.19 -2.81 0.61
C ASN A 35 11.56 -2.78 2.02
N ASN A 36 12.27 -3.34 3.00
CA ASN A 36 11.76 -3.42 4.39
C ASN A 36 11.16 -2.09 4.87
N GLN A 37 11.81 -0.98 4.51
CA GLN A 37 11.33 0.34 4.90
C GLN A 37 10.04 0.71 4.16
N GLN A 38 10.03 0.46 2.85
CA GLN A 38 8.87 0.78 2.01
C GLN A 38 7.60 0.03 2.46
N LYS A 39 7.77 -1.22 2.88
CA LYS A 39 6.62 -2.04 3.30
C LYS A 39 5.81 -1.34 4.40
N ARG A 40 6.48 -1.00 5.49
CA ARG A 40 5.83 -0.31 6.61
C ARG A 40 5.46 1.13 6.24
N ALA A 41 6.29 1.76 5.40
CA ALA A 41 6.08 3.15 5.00
C ALA A 41 4.74 3.37 4.30
N PHE A 42 4.49 2.66 3.19
CA PHE A 42 3.25 2.83 2.44
C PHE A 42 2.01 2.52 3.30
N ILE A 43 2.05 1.40 4.03
CA ILE A 43 0.93 1.03 4.89
C ILE A 43 0.69 2.11 5.96
N ARG A 44 1.78 2.67 6.50
CA ARG A 44 1.67 3.73 7.51
C ARG A 44 1.09 5.00 6.88
N SER A 45 1.57 5.31 5.67
CA SER A 45 1.13 6.51 4.93
C SER A 45 -0.37 6.45 4.66
N LEU A 46 -0.90 5.24 4.42
CA LEU A 46 -2.32 5.03 4.14
C LEU A 46 -3.18 5.66 5.25
N TYR A 47 -2.86 5.31 6.50
CA TYR A 47 -3.60 5.84 7.65
C TYR A 47 -3.40 7.36 7.73
N ASP A 48 -2.16 7.80 7.51
CA ASP A 48 -1.82 9.23 7.57
C ASP A 48 -2.60 10.04 6.52
N ASP A 49 -2.78 9.45 5.33
CA ASP A 49 -3.49 10.14 4.23
C ASP A 49 -4.36 9.15 3.43
N PRO A 50 -5.53 8.81 3.95
CA PRO A 50 -6.48 7.87 3.28
C PRO A 50 -6.83 8.30 1.85
N SER A 51 -6.72 9.61 1.60
CA SER A 51 -7.03 10.18 0.29
C SER A 51 -6.15 9.57 -0.81
N GLN A 52 -4.91 9.21 -0.45
CA GLN A 52 -3.96 8.64 -1.40
C GLN A 52 -4.04 7.10 -1.43
N SER A 53 -5.00 6.53 -0.67
CA SER A 53 -5.16 5.06 -0.59
C SER A 53 -4.98 4.37 -1.95
N ALA A 54 -5.75 4.80 -2.94
CA ALA A 54 -5.67 4.22 -4.28
C ALA A 54 -4.30 4.43 -4.89
N ASN A 55 -3.73 5.61 -4.66
CA ASN A 55 -2.41 5.95 -5.22
C ASN A 55 -1.30 5.13 -4.58
N LEU A 56 -1.30 5.08 -3.24
CA LEU A 56 -0.28 4.34 -2.49
C LEU A 56 -0.24 2.86 -2.91
N LEU A 57 -1.43 2.27 -3.10
CA LEU A 57 -1.53 0.87 -3.52
C LEU A 57 -0.87 0.70 -4.88
N ALA A 58 -1.26 1.57 -5.81
CA ALA A 58 -0.70 1.55 -7.17
C ALA A 58 0.81 1.80 -7.11
N GLU A 59 1.21 2.74 -6.25
CA GLU A 59 2.61 3.08 -6.06
C GLU A 59 3.38 1.89 -5.51
N ALA A 60 2.74 1.13 -4.61
CA ALA A 60 3.38 -0.04 -4.02
C ALA A 60 3.62 -1.08 -5.10
N LYS A 61 2.63 -1.25 -5.97
CA LYS A 61 2.74 -2.20 -7.08
C LYS A 61 3.87 -1.77 -8.02
N LYS A 62 4.01 -0.45 -8.19
CA LYS A 62 5.05 0.11 -9.05
C LYS A 62 6.43 -0.31 -8.55
N LEU A 63 6.63 -0.23 -7.23
CA LEU A 63 7.90 -0.62 -6.62
C LEU A 63 8.14 -2.12 -6.85
N ASN A 64 7.08 -2.92 -6.68
CA ASN A 64 7.18 -4.36 -6.90
C ASN A 64 7.58 -4.66 -8.34
N ASP A 65 6.89 -4.02 -9.28
CA ASP A 65 7.17 -4.21 -10.70
C ASP A 65 8.58 -3.80 -11.07
N ALA A 66 9.05 -2.71 -10.46
CA ALA A 66 10.38 -2.19 -10.75
C ALA A 66 11.50 -3.01 -10.10
N GLN A 67 11.38 -3.24 -8.79
CA GLN A 67 12.40 -4.01 -8.04
C GLN A 67 12.46 -5.47 -8.48
N ALA A 68 11.33 -6.00 -8.96
CA ALA A 68 11.25 -7.40 -9.40
C ALA A 68 12.33 -7.72 -10.46
N PRO A 69 12.78 -8.96 -10.51
CA PRO A 69 13.83 -9.40 -11.49
C PRO A 69 13.30 -9.44 -12.93
N LYS A 70 14.22 -9.28 -13.88
CA LYS A 70 13.88 -9.28 -15.31
C LYS A 70 14.24 -10.62 -15.95
N VAL A 13 -21.10 6.92 3.89
CA VAL A 13 -20.15 6.32 4.87
C VAL A 13 -20.75 6.45 6.27
N ASP A 14 -21.11 5.31 6.87
CA ASP A 14 -21.70 5.30 8.21
C ASP A 14 -20.63 5.70 9.24
N ASN A 15 -19.70 4.76 9.51
CA ASN A 15 -18.62 5.02 10.47
C ASN A 15 -17.41 5.63 9.74
N LYS A 16 -16.86 4.87 8.79
CA LYS A 16 -15.71 5.32 7.99
C LYS A 16 -15.40 4.31 6.88
N PHE A 17 -14.81 4.81 5.78
CA PHE A 17 -14.47 3.95 4.63
C PHE A 17 -13.17 3.18 4.88
N ASN A 18 -13.21 2.27 5.86
CA ASN A 18 -12.05 1.46 6.21
C ASN A 18 -11.96 0.19 5.36
N LYS A 19 -13.00 -0.08 4.55
CA LYS A 19 -13.04 -1.28 3.71
C LYS A 19 -11.88 -1.28 2.71
N GLU A 20 -11.77 -0.19 1.95
CA GLU A 20 -10.70 -0.05 0.96
C GLU A 20 -9.33 -0.13 1.61
N MET A 21 -9.24 0.40 2.83
CA MET A 21 -7.98 0.41 3.58
C MET A 21 -7.53 -1.03 3.86
N ARG A 22 -8.48 -1.89 4.26
CA ARG A 22 -8.16 -3.28 4.56
C ARG A 22 -7.66 -3.99 3.30
N ASN A 23 -8.26 -3.67 2.15
CA ASN A 23 -7.86 -4.28 0.88
C ASN A 23 -6.41 -3.92 0.53
N ALA A 24 -6.10 -2.62 0.53
CA ALA A 24 -4.74 -2.17 0.20
C ALA A 24 -3.74 -2.58 1.28
N TYR A 25 -4.21 -2.61 2.54
CA TYR A 25 -3.34 -3.00 3.68
C TYR A 25 -2.73 -4.39 3.45
N TRP A 26 -3.59 -5.37 3.23
CA TRP A 26 -3.16 -6.75 3.01
C TRP A 26 -2.46 -6.91 1.66
N GLU A 27 -3.02 -6.29 0.60
CA GLU A 27 -2.45 -6.39 -0.75
C GLU A 27 -1.01 -5.88 -0.79
N ILE A 28 -0.77 -4.71 -0.21
CA ILE A 28 0.58 -4.13 -0.19
C ILE A 28 1.53 -5.03 0.62
N ALA A 29 1.10 -5.40 1.82
CA ALA A 29 1.91 -6.25 2.70
C ALA A 29 2.26 -7.58 2.03
N LEU A 30 1.37 -8.06 1.16
CA LEU A 30 1.56 -9.33 0.45
C LEU A 30 2.84 -9.31 -0.40
N LEU A 31 3.16 -8.16 -1.02
CA LEU A 31 4.35 -8.06 -1.87
C LEU A 31 5.62 -8.28 -1.03
N PRO A 32 6.43 -9.29 -1.36
CA PRO A 32 7.68 -9.64 -0.61
C PRO A 32 8.95 -8.91 -1.07
N ASN A 33 8.95 -8.34 -2.28
CA ASN A 33 10.15 -7.66 -2.80
C ASN A 33 10.23 -6.19 -2.40
N LEU A 34 9.19 -5.68 -1.72
CA LEU A 34 9.22 -4.28 -1.29
C LEU A 34 10.16 -4.12 -0.11
N ASN A 35 11.03 -3.11 -0.18
CA ASN A 35 11.98 -2.85 0.91
C ASN A 35 11.22 -2.67 2.24
N ASN A 36 11.88 -3.01 3.35
CA ASN A 36 11.27 -2.92 4.68
C ASN A 36 10.70 -1.52 4.96
N GLN A 37 11.45 -0.49 4.53
CA GLN A 37 11.02 0.90 4.73
C GLN A 37 9.84 1.25 3.82
N GLN A 38 9.94 0.86 2.54
CA GLN A 38 8.91 1.15 1.56
C GLN A 38 7.56 0.51 1.93
N LYS A 39 7.61 -0.77 2.34
CA LYS A 39 6.37 -1.49 2.69
C LYS A 39 5.65 -0.80 3.85
N ARG A 40 6.37 -0.55 4.93
CA ARG A 40 5.80 0.11 6.11
C ARG A 40 5.40 1.54 5.80
N ALA A 41 6.16 2.20 4.92
CA ALA A 41 5.90 3.59 4.56
C ALA A 41 4.52 3.78 3.92
N PHE A 42 4.15 2.89 2.98
CA PHE A 42 2.85 3.01 2.30
C PHE A 42 1.69 2.91 3.28
N ILE A 43 1.56 1.76 3.95
CA ILE A 43 0.47 1.55 4.91
C ILE A 43 0.45 2.63 6.00
N ARG A 44 1.64 3.00 6.51
CA ARG A 44 1.71 4.04 7.55
C ARG A 44 1.19 5.38 7.02
N SER A 45 1.72 5.79 5.86
CA SER A 45 1.29 7.04 5.22
C SER A 45 -0.19 6.95 4.82
N LEU A 46 -0.68 5.73 4.64
CA LEU A 46 -2.08 5.50 4.26
C LEU A 46 -2.99 6.05 5.36
N TYR A 47 -2.66 5.71 6.60
CA TYR A 47 -3.42 6.17 7.75
C TYR A 47 -3.31 7.70 7.85
N ASP A 48 -2.09 8.20 7.68
CA ASP A 48 -1.82 9.64 7.74
C ASP A 48 -2.60 10.40 6.65
N ASP A 49 -2.69 9.79 5.46
CA ASP A 49 -3.39 10.40 4.32
C ASP A 49 -4.28 9.35 3.61
N PRO A 50 -5.49 9.08 4.11
CA PRO A 50 -6.41 8.07 3.49
C PRO A 50 -6.84 8.47 2.07
N SER A 51 -6.66 9.75 1.74
CA SER A 51 -7.04 10.27 0.43
C SER A 51 -6.20 9.66 -0.70
N GLN A 52 -4.96 9.22 -0.39
CA GLN A 52 -4.07 8.65 -1.40
C GLN A 52 -4.01 7.12 -1.35
N SER A 53 -4.82 6.50 -0.48
CA SER A 53 -4.81 5.03 -0.33
C SER A 53 -4.80 4.31 -1.69
N ALA A 54 -5.55 4.84 -2.65
CA ALA A 54 -5.60 4.25 -3.99
C ALA A 54 -4.24 4.39 -4.69
N ASN A 55 -3.67 5.60 -4.60
CA ASN A 55 -2.38 5.88 -5.22
C ASN A 55 -1.26 5.08 -4.56
N LEU A 56 -1.24 5.06 -3.23
CA LEU A 56 -0.21 4.34 -2.48
C LEU A 56 -0.19 2.85 -2.85
N LEU A 57 -1.39 2.26 -3.01
CA LEU A 57 -1.50 0.85 -3.39
C LEU A 57 -0.85 0.64 -4.75
N ALA A 58 -1.22 1.49 -5.71
CA ALA A 58 -0.67 1.43 -7.06
C ALA A 58 0.85 1.65 -7.01
N GLU A 59 1.24 2.63 -6.20
CA GLU A 59 2.66 2.96 -6.02
C GLU A 59 3.43 1.78 -5.44
N ALA A 60 2.81 1.07 -4.51
CA ALA A 60 3.45 -0.10 -3.89
C ALA A 60 3.71 -1.16 -4.95
N LYS A 61 2.74 -1.33 -5.85
CA LYS A 61 2.87 -2.31 -6.93
C LYS A 61 4.00 -1.90 -7.87
N LYS A 62 4.15 -0.58 -8.06
CA LYS A 62 5.19 -0.02 -8.93
C LYS A 62 6.56 -0.45 -8.45
N LEU A 63 6.81 -0.30 -7.14
CA LEU A 63 8.10 -0.69 -6.56
C LEU A 63 8.31 -2.19 -6.69
N ASN A 64 7.23 -2.95 -6.54
CA ASN A 64 7.30 -4.40 -6.67
C ASN A 64 7.70 -4.78 -8.09
N ASP A 65 7.02 -4.16 -9.07
CA ASP A 65 7.30 -4.43 -10.48
C ASP A 65 8.72 -4.02 -10.85
N ALA A 66 9.19 -2.91 -10.28
CA ALA A 66 10.52 -2.40 -10.58
C ALA A 66 11.61 -3.26 -9.92
N GLN A 67 11.48 -3.49 -8.60
CA GLN A 67 12.48 -4.28 -7.86
C GLN A 67 12.50 -5.74 -8.30
N ALA A 68 11.38 -6.23 -8.84
CA ALA A 68 11.27 -7.62 -9.30
C ALA A 68 12.38 -7.98 -10.30
N PRO A 69 12.86 -9.21 -10.28
CA PRO A 69 13.94 -9.69 -11.20
C PRO A 69 13.44 -9.89 -12.64
N LYS A 70 14.36 -9.76 -13.60
CA LYS A 70 14.04 -9.94 -15.03
C LYS A 70 14.55 -11.29 -15.53
N VAL A 13 -20.76 6.63 2.55
CA VAL A 13 -19.81 6.34 3.66
C VAL A 13 -20.53 6.59 4.99
N ASP A 14 -21.03 5.51 5.61
CA ASP A 14 -21.73 5.61 6.89
C ASP A 14 -20.77 6.10 7.96
N ASN A 15 -19.88 5.21 8.43
CA ASN A 15 -18.89 5.57 9.45
C ASN A 15 -17.61 6.10 8.80
N LYS A 16 -16.98 5.23 7.98
CA LYS A 16 -15.74 5.60 7.27
C LYS A 16 -15.35 4.48 6.29
N PHE A 17 -14.65 4.85 5.21
CA PHE A 17 -14.22 3.88 4.18
C PHE A 17 -12.98 3.08 4.63
N ASN A 18 -13.12 2.38 5.76
CA ASN A 18 -12.04 1.55 6.29
C ASN A 18 -11.81 0.30 5.43
N LYS A 19 -12.89 -0.18 4.80
CA LYS A 19 -12.82 -1.38 3.96
C LYS A 19 -11.76 -1.25 2.86
N GLU A 20 -11.73 -0.08 2.22
CA GLU A 20 -10.75 0.17 1.15
C GLU A 20 -9.32 0.08 1.71
N MET A 21 -9.14 0.61 2.92
CA MET A 21 -7.82 0.58 3.57
C MET A 21 -7.42 -0.86 3.86
N ARG A 22 -8.39 -1.68 4.26
CA ARG A 22 -8.14 -3.09 4.56
C ARG A 22 -7.57 -3.81 3.33
N ASN A 23 -8.13 -3.48 2.16
CA ASN A 23 -7.67 -4.09 0.90
C ASN A 23 -6.22 -3.72 0.61
N ALA A 24 -5.92 -2.42 0.57
CA ALA A 24 -4.55 -1.96 0.29
C ALA A 24 -3.58 -2.41 1.38
N TYR A 25 -4.08 -2.48 2.63
CA TYR A 25 -3.26 -2.90 3.77
C TYR A 25 -2.68 -4.31 3.56
N TRP A 26 -3.57 -5.28 3.34
CA TRP A 26 -3.18 -6.67 3.16
C TRP A 26 -2.43 -6.89 1.83
N GLU A 27 -2.95 -6.31 0.73
CA GLU A 27 -2.32 -6.50 -0.58
C GLU A 27 -0.88 -6.00 -0.60
N ILE A 28 -0.64 -4.81 -0.05
CA ILE A 28 0.72 -4.26 -0.01
C ILE A 28 1.61 -5.12 0.88
N ALA A 29 1.08 -5.53 2.05
CA ALA A 29 1.83 -6.36 2.99
C ALA A 29 2.26 -7.67 2.34
N LEU A 30 1.44 -8.18 1.44
CA LEU A 30 1.73 -9.44 0.74
C LEU A 30 3.00 -9.34 -0.11
N LEU A 31 3.25 -8.16 -0.69
CA LEU A 31 4.43 -7.96 -1.55
C LEU A 31 5.74 -8.18 -0.77
N PRO A 32 6.56 -9.16 -1.18
CA PRO A 32 7.86 -9.49 -0.51
C PRO A 32 9.07 -8.71 -1.05
N ASN A 33 9.15 -8.59 -2.39
CA ASN A 33 10.29 -7.92 -3.03
C ASN A 33 10.47 -6.47 -2.57
N LEU A 34 9.37 -5.76 -2.33
CA LEU A 34 9.47 -4.36 -1.88
C LEU A 34 10.14 -4.28 -0.52
N ASN A 35 11.15 -3.41 -0.41
CA ASN A 35 11.90 -3.22 0.82
C ASN A 35 10.97 -3.00 2.03
N ASN A 36 11.39 -3.49 3.20
CA ASN A 36 10.59 -3.36 4.44
C ASN A 36 10.20 -1.91 4.71
N GLN A 37 11.12 -0.98 4.42
CA GLN A 37 10.85 0.44 4.63
C GLN A 37 9.70 0.91 3.76
N GLN A 38 9.71 0.47 2.50
CA GLN A 38 8.65 0.83 1.55
C GLN A 38 7.31 0.25 2.00
N LYS A 39 7.34 -1.02 2.42
CA LYS A 39 6.13 -1.70 2.88
C LYS A 39 5.55 -1.01 4.11
N ARG A 40 6.41 -0.78 5.11
CA ARG A 40 5.99 -0.13 6.35
C ARG A 40 5.50 1.29 6.07
N ALA A 41 6.21 1.99 5.17
CA ALA A 41 5.87 3.36 4.81
C ALA A 41 4.48 3.45 4.16
N PHE A 42 4.11 2.43 3.38
CA PHE A 42 2.81 2.43 2.70
C PHE A 42 1.66 2.43 3.70
N ILE A 43 1.61 1.41 4.56
CA ILE A 43 0.55 1.31 5.56
C ILE A 43 0.60 2.51 6.53
N ARG A 44 1.80 3.02 6.80
CA ARG A 44 1.94 4.19 7.68
C ARG A 44 1.35 5.43 6.99
N SER A 45 1.72 5.61 5.72
CA SER A 45 1.24 6.74 4.94
C SER A 45 -0.27 6.66 4.73
N LEU A 46 -0.85 5.45 4.84
CA LEU A 46 -2.31 5.26 4.70
C LEU A 46 -3.05 6.11 5.73
N TYR A 47 -2.59 6.00 6.99
CA TYR A 47 -3.17 6.75 8.09
C TYR A 47 -2.89 8.25 7.89
N ASP A 48 -1.66 8.56 7.47
CA ASP A 48 -1.25 9.94 7.24
C ASP A 48 -2.08 10.60 6.13
N ASP A 49 -2.43 9.82 5.09
CA ASP A 49 -3.22 10.32 3.96
C ASP A 49 -4.11 9.19 3.39
N PRO A 50 -5.21 8.91 4.05
CA PRO A 50 -6.14 7.81 3.60
C PRO A 50 -6.70 8.06 2.20
N SER A 51 -6.80 9.34 1.83
CA SER A 51 -7.33 9.73 0.52
C SER A 51 -6.50 9.12 -0.62
N GLN A 52 -5.20 8.91 -0.38
CA GLN A 52 -4.32 8.37 -1.43
C GLN A 52 -4.27 6.83 -1.41
N SER A 53 -5.09 6.17 -0.56
CA SER A 53 -5.07 4.70 -0.48
C SER A 53 -5.05 4.04 -1.86
N ALA A 54 -5.79 4.64 -2.81
CA ALA A 54 -5.83 4.12 -4.17
C ALA A 54 -4.47 4.30 -4.86
N ASN A 55 -3.91 5.51 -4.71
CA ASN A 55 -2.61 5.82 -5.33
C ASN A 55 -1.49 5.02 -4.67
N LEU A 56 -1.51 4.98 -3.33
CA LEU A 56 -0.49 4.25 -2.57
C LEU A 56 -0.41 2.78 -2.98
N LEU A 57 -1.59 2.17 -3.18
CA LEU A 57 -1.66 0.77 -3.60
C LEU A 57 -1.00 0.62 -4.97
N ALA A 58 -1.40 1.49 -5.90
CA ALA A 58 -0.84 1.48 -7.26
C ALA A 58 0.66 1.77 -7.20
N GLU A 59 1.04 2.65 -6.28
CA GLU A 59 2.44 3.02 -6.07
C GLU A 59 3.23 1.78 -5.65
N ALA A 60 2.56 0.90 -4.90
CA ALA A 60 3.19 -0.35 -4.48
C ALA A 60 3.46 -1.20 -5.71
N LYS A 61 2.48 -1.22 -6.62
CA LYS A 61 2.60 -1.96 -7.88
C LYS A 61 3.76 -1.41 -8.69
N LYS A 62 3.97 -0.09 -8.61
CA LYS A 62 5.05 0.56 -9.33
C LYS A 62 6.39 0.04 -8.83
N LEU A 63 6.57 0.08 -7.50
CA LEU A 63 7.82 -0.40 -6.88
C LEU A 63 7.99 -1.89 -7.15
N ASN A 64 6.88 -2.64 -7.07
CA ASN A 64 6.90 -4.08 -7.33
C ASN A 64 7.47 -4.36 -8.71
N ASP A 65 6.97 -3.62 -9.69
CA ASP A 65 7.43 -3.76 -11.07
C ASP A 65 8.87 -3.27 -11.19
N ALA A 66 9.23 -2.28 -10.37
CA ALA A 66 10.57 -1.71 -10.41
C ALA A 66 11.66 -2.69 -9.97
N GLN A 67 11.48 -3.28 -8.78
CA GLN A 67 12.47 -4.21 -8.23
C GLN A 67 12.36 -5.63 -8.81
N ALA A 68 11.16 -6.02 -9.27
CA ALA A 68 10.94 -7.36 -9.81
C ALA A 68 11.92 -7.66 -10.97
N PRO A 69 12.17 -8.93 -11.25
CA PRO A 69 13.11 -9.36 -12.35
C PRO A 69 12.78 -8.69 -13.69
N LYS A 70 13.77 -8.66 -14.58
CA LYS A 70 13.61 -8.06 -15.91
C LYS A 70 13.23 -6.56 -15.82
N VAL A 13 -20.98 6.86 3.54
CA VAL A 13 -20.03 6.28 4.54
C VAL A 13 -20.71 6.25 5.91
N ASP A 14 -21.27 5.08 6.25
CA ASP A 14 -21.95 4.92 7.54
C ASP A 14 -20.95 5.08 8.69
N ASN A 15 -20.06 4.08 8.85
CA ASN A 15 -19.05 4.13 9.91
C ASN A 15 -17.78 4.79 9.40
N LYS A 16 -17.16 4.19 8.36
CA LYS A 16 -15.94 4.72 7.76
C LYS A 16 -15.55 3.90 6.51
N PHE A 17 -14.93 4.57 5.54
CA PHE A 17 -14.51 3.90 4.29
C PHE A 17 -13.15 3.20 4.46
N ASN A 18 -13.03 2.43 5.54
CA ASN A 18 -11.79 1.70 5.82
C ASN A 18 -11.74 0.34 5.10
N LYS A 19 -12.81 0.00 4.36
CA LYS A 19 -12.87 -1.27 3.63
C LYS A 19 -11.72 -1.33 2.60
N GLU A 20 -11.57 -0.25 1.83
CA GLU A 20 -10.52 -0.17 0.81
C GLU A 20 -9.14 -0.26 1.47
N MET A 21 -9.02 0.31 2.67
CA MET A 21 -7.76 0.30 3.41
C MET A 21 -7.36 -1.13 3.72
N ARG A 22 -8.32 -1.96 4.12
CA ARG A 22 -8.05 -3.35 4.45
C ARG A 22 -7.52 -4.09 3.20
N ASN A 23 -8.15 -3.82 2.06
CA ASN A 23 -7.74 -4.45 0.80
C ASN A 23 -6.30 -4.05 0.44
N ALA A 24 -6.01 -2.75 0.45
CA ALA A 24 -4.66 -2.27 0.13
C ALA A 24 -3.65 -2.69 1.21
N TYR A 25 -4.12 -2.78 2.46
CA TYR A 25 -3.26 -3.17 3.60
C TYR A 25 -2.59 -4.52 3.33
N TRP A 26 -3.41 -5.55 3.08
CA TRP A 26 -2.89 -6.89 2.83
C TRP A 26 -2.13 -6.98 1.50
N GLU A 27 -2.67 -6.34 0.45
CA GLU A 27 -2.04 -6.38 -0.87
C GLU A 27 -0.60 -5.83 -0.82
N ILE A 28 -0.41 -4.72 -0.11
CA ILE A 28 0.92 -4.12 0.02
C ILE A 28 1.85 -5.08 0.78
N ALA A 29 1.39 -5.52 1.95
CA ALA A 29 2.18 -6.43 2.80
C ALA A 29 2.50 -7.73 2.05
N LEU A 30 1.60 -8.15 1.16
CA LEU A 30 1.79 -9.38 0.40
C LEU A 30 3.05 -9.33 -0.47
N LEU A 31 3.35 -8.15 -1.02
CA LEU A 31 4.54 -7.99 -1.88
C LEU A 31 5.82 -8.12 -1.04
N PRO A 32 6.67 -9.11 -1.34
CA PRO A 32 7.94 -9.35 -0.59
C PRO A 32 9.17 -8.58 -1.08
N ASN A 33 9.18 -8.17 -2.36
CA ASN A 33 10.35 -7.47 -2.93
C ASN A 33 10.39 -6.00 -2.56
N LEU A 34 9.34 -5.49 -1.91
CA LEU A 34 9.35 -4.08 -1.51
C LEU A 34 10.33 -3.88 -0.38
N ASN A 35 11.17 -2.85 -0.50
CA ASN A 35 12.18 -2.54 0.52
C ASN A 35 11.53 -2.44 1.91
N ASN A 36 12.31 -2.74 2.96
CA ASN A 36 11.82 -2.73 4.35
C ASN A 36 11.11 -1.41 4.70
N GLN A 37 11.67 -0.30 4.23
CA GLN A 37 11.08 1.01 4.49
C GLN A 37 9.84 1.24 3.63
N GLN A 38 9.97 0.95 2.33
CA GLN A 38 8.87 1.15 1.37
C GLN A 38 7.63 0.32 1.74
N LYS A 39 7.85 -0.95 2.08
CA LYS A 39 6.75 -1.87 2.42
C LYS A 39 5.91 -1.32 3.57
N ARG A 40 6.59 -0.86 4.62
CA ARG A 40 5.92 -0.31 5.80
C ARG A 40 5.45 1.13 5.58
N ALA A 41 6.21 1.88 4.76
CA ALA A 41 5.91 3.29 4.50
C ALA A 41 4.54 3.51 3.89
N PHE A 42 4.17 2.70 2.87
CA PHE A 42 2.87 2.87 2.20
C PHE A 42 1.71 2.72 3.18
N ILE A 43 1.61 1.56 3.85
CA ILE A 43 0.52 1.30 4.80
C ILE A 43 0.45 2.39 5.88
N ARG A 44 1.60 2.75 6.47
CA ARG A 44 1.63 3.80 7.50
C ARG A 44 1.14 5.14 6.94
N SER A 45 1.69 5.50 5.77
CA SER A 45 1.29 6.75 5.11
C SER A 45 -0.19 6.72 4.77
N LEU A 46 -0.71 5.52 4.52
CA LEU A 46 -2.12 5.33 4.19
C LEU A 46 -3.00 5.83 5.33
N TYR A 47 -2.62 5.48 6.56
CA TYR A 47 -3.36 5.93 7.73
C TYR A 47 -3.27 7.45 7.86
N ASP A 48 -2.08 7.99 7.55
CA ASP A 48 -1.85 9.43 7.62
C ASP A 48 -2.66 10.20 6.57
N ASP A 49 -2.77 9.62 5.36
CA ASP A 49 -3.51 10.24 4.25
C ASP A 49 -4.31 9.19 3.48
N PRO A 50 -5.41 8.71 4.04
CA PRO A 50 -6.27 7.67 3.37
C PRO A 50 -6.83 8.15 2.03
N SER A 51 -6.79 9.45 1.81
CA SER A 51 -7.30 10.05 0.57
C SER A 51 -6.56 9.53 -0.67
N GLN A 52 -5.27 9.17 -0.51
CA GLN A 52 -4.47 8.70 -1.65
C GLN A 52 -4.24 7.18 -1.63
N SER A 53 -4.94 6.47 -0.73
CA SER A 53 -4.79 5.00 -0.61
C SER A 53 -4.75 4.31 -1.97
N ALA A 54 -5.53 4.85 -2.91
CA ALA A 54 -5.60 4.31 -4.27
C ALA A 54 -4.24 4.37 -4.97
N ASN A 55 -3.64 5.56 -4.93
CA ASN A 55 -2.34 5.78 -5.58
C ASN A 55 -1.21 5.08 -4.81
N LEU A 56 -1.30 5.07 -3.48
CA LEU A 56 -0.27 4.43 -2.66
C LEU A 56 -0.21 2.93 -2.96
N LEU A 57 -1.37 2.29 -3.07
CA LEU A 57 -1.46 0.87 -3.39
C LEU A 57 -0.82 0.61 -4.75
N ALA A 58 -1.23 1.42 -5.72
CA ALA A 58 -0.69 1.32 -7.08
C ALA A 58 0.82 1.57 -7.08
N GLU A 59 1.23 2.53 -6.25
CA GLU A 59 2.64 2.89 -6.11
C GLU A 59 3.43 1.72 -5.52
N ALA A 60 2.81 1.00 -4.58
CA ALA A 60 3.46 -0.16 -3.96
C ALA A 60 3.73 -1.22 -5.02
N LYS A 61 2.72 -1.46 -5.86
CA LYS A 61 2.83 -2.44 -6.93
C LYS A 61 3.91 -2.02 -7.92
N LYS A 62 4.02 -0.70 -8.13
CA LYS A 62 5.01 -0.14 -9.06
C LYS A 62 6.43 -0.52 -8.63
N LEU A 63 6.71 -0.34 -7.34
CA LEU A 63 8.03 -0.69 -6.79
C LEU A 63 8.28 -2.19 -6.92
N ASN A 64 7.23 -2.97 -6.69
CA ASN A 64 7.32 -4.43 -6.80
C ASN A 64 7.68 -4.82 -8.24
N ASP A 65 6.95 -4.24 -9.19
CA ASP A 65 7.17 -4.52 -10.61
C ASP A 65 8.58 -4.10 -11.04
N ALA A 66 9.03 -2.96 -10.52
CA ALA A 66 10.35 -2.43 -10.87
C ALA A 66 11.49 -3.23 -10.23
N GLN A 67 11.41 -3.42 -8.91
CA GLN A 67 12.45 -4.15 -8.16
C GLN A 67 12.52 -5.62 -8.58
N ALA A 68 11.40 -6.17 -9.05
CA ALA A 68 11.33 -7.58 -9.48
C ALA A 68 12.42 -7.92 -10.51
N PRO A 69 12.79 -9.19 -10.63
CA PRO A 69 13.84 -9.65 -11.61
C PRO A 69 13.58 -9.15 -13.03
N LYS A 70 14.67 -9.09 -13.81
CA LYS A 70 14.62 -8.65 -15.21
C LYS A 70 14.18 -7.17 -15.29
N VAL A 13 -17.27 6.86 12.20
CA VAL A 13 -16.88 7.43 10.88
C VAL A 13 -17.48 6.57 9.76
N ASP A 14 -17.45 7.10 8.54
CA ASP A 14 -18.01 6.38 7.38
C ASP A 14 -17.25 5.06 7.14
N ASN A 15 -18.02 4.02 6.82
CA ASN A 15 -17.46 2.68 6.58
C ASN A 15 -16.36 2.68 5.52
N LYS A 16 -16.36 3.69 4.64
CA LYS A 16 -15.37 3.77 3.55
C LYS A 16 -13.93 3.68 4.07
N PHE A 17 -13.72 4.06 5.34
CA PHE A 17 -12.38 4.06 5.93
C PHE A 17 -11.77 2.65 5.99
N ASN A 18 -12.10 1.90 7.04
CA ASN A 18 -11.55 0.55 7.25
C ASN A 18 -11.72 -0.36 6.04
N LYS A 19 -12.83 -0.24 5.30
CA LYS A 19 -13.07 -1.09 4.14
C LYS A 19 -11.98 -0.94 3.07
N GLU A 20 -11.92 0.25 2.44
CA GLU A 20 -10.93 0.51 1.40
C GLU A 20 -9.50 0.37 1.93
N MET A 21 -9.28 0.85 3.15
CA MET A 21 -7.96 0.79 3.76
C MET A 21 -7.51 -0.65 3.95
N ARG A 22 -8.42 -1.52 4.41
CA ARG A 22 -8.11 -2.93 4.62
C ARG A 22 -7.67 -3.59 3.31
N ASN A 23 -8.36 -3.24 2.22
CA ASN A 23 -8.05 -3.81 0.90
C ASN A 23 -6.60 -3.51 0.50
N ALA A 24 -6.23 -2.22 0.48
CA ALA A 24 -4.86 -1.84 0.09
C ALA A 24 -3.84 -2.23 1.18
N TYR A 25 -4.28 -2.26 2.44
CA TYR A 25 -3.39 -2.62 3.56
C TYR A 25 -2.78 -4.00 3.36
N TRP A 26 -3.65 -5.00 3.26
CA TRP A 26 -3.22 -6.39 3.09
C TRP A 26 -2.56 -6.63 1.73
N GLU A 27 -3.15 -6.06 0.66
CA GLU A 27 -2.62 -6.25 -0.69
C GLU A 27 -1.18 -5.73 -0.82
N ILE A 28 -0.92 -4.52 -0.30
CA ILE A 28 0.43 -3.95 -0.35
C ILE A 28 1.39 -4.80 0.48
N ALA A 29 0.98 -5.13 1.70
CA ALA A 29 1.81 -5.93 2.61
C ALA A 29 2.17 -7.28 1.99
N LEU A 30 1.29 -7.80 1.13
CA LEU A 30 1.51 -9.10 0.48
C LEU A 30 2.80 -9.09 -0.35
N LEU A 31 3.11 -7.96 -1.00
CA LEU A 31 4.32 -7.87 -1.83
C LEU A 31 5.58 -8.01 -0.95
N PRO A 32 6.41 -9.01 -1.22
CA PRO A 32 7.66 -9.26 -0.42
C PRO A 32 8.90 -8.47 -0.89
N ASN A 33 9.01 -8.24 -2.20
CA ASN A 33 10.17 -7.54 -2.76
C ASN A 33 10.27 -6.09 -2.29
N LEU A 34 9.16 -5.52 -1.79
CA LEU A 34 9.20 -4.13 -1.32
C LEU A 34 10.13 -4.01 -0.13
N ASN A 35 11.01 -3.01 -0.16
CA ASN A 35 11.95 -2.78 0.94
C ASN A 35 11.16 -2.62 2.25
N ASN A 36 11.72 -3.14 3.35
CA ASN A 36 11.06 -3.08 4.66
C ASN A 36 10.60 -1.67 5.01
N GLN A 37 11.41 -0.67 4.65
CA GLN A 37 11.05 0.73 4.93
C GLN A 37 9.85 1.16 4.08
N GLN A 38 9.86 0.78 2.80
CA GLN A 38 8.78 1.14 1.88
C GLN A 38 7.44 0.54 2.30
N LYS A 39 7.47 -0.69 2.84
CA LYS A 39 6.23 -1.36 3.28
C LYS A 39 5.53 -0.53 4.35
N ARG A 40 6.20 -0.36 5.49
CA ARG A 40 5.65 0.42 6.60
C ARG A 40 5.36 1.86 6.19
N ALA A 41 6.21 2.41 5.31
CA ALA A 41 6.05 3.79 4.86
C ALA A 41 4.72 4.02 4.14
N PHE A 42 4.38 3.13 3.19
CA PHE A 42 3.13 3.27 2.43
C PHE A 42 1.92 3.23 3.35
N ILE A 43 1.73 2.10 4.06
CA ILE A 43 0.59 1.94 4.96
C ILE A 43 0.52 3.07 6.01
N ARG A 44 1.67 3.51 6.53
CA ARG A 44 1.67 4.60 7.51
C ARG A 44 1.10 5.88 6.88
N SER A 45 1.63 6.23 5.71
CA SER A 45 1.16 7.42 4.98
C SER A 45 -0.30 7.22 4.58
N LEU A 46 -0.65 5.98 4.26
CA LEU A 46 -2.01 5.61 3.85
C LEU A 46 -3.00 5.97 4.96
N TYR A 47 -2.60 5.68 6.20
CA TYR A 47 -3.44 5.98 7.36
C TYR A 47 -3.64 7.48 7.47
N ASP A 48 -2.55 8.24 7.31
CA ASP A 48 -2.59 9.70 7.39
C ASP A 48 -3.45 10.29 6.26
N ASP A 49 -3.36 9.68 5.07
CA ASP A 49 -4.11 10.16 3.89
C ASP A 49 -4.70 8.99 3.08
N PRO A 50 -5.84 8.44 3.48
CA PRO A 50 -6.51 7.30 2.75
C PRO A 50 -6.87 7.69 1.31
N SER A 51 -6.89 8.99 1.04
CA SER A 51 -7.23 9.50 -0.29
C SER A 51 -6.29 8.94 -1.35
N GLN A 52 -5.02 8.71 -0.98
CA GLN A 52 -4.03 8.18 -1.92
C GLN A 52 -3.97 6.65 -1.86
N SER A 53 -4.79 6.02 -1.01
CA SER A 53 -4.78 4.56 -0.87
C SER A 53 -4.80 3.86 -2.23
N ALA A 54 -5.54 4.43 -3.19
CA ALA A 54 -5.61 3.87 -4.53
C ALA A 54 -4.26 4.06 -5.24
N ASN A 55 -3.69 5.26 -5.12
CA ASN A 55 -2.40 5.59 -5.73
C ASN A 55 -1.28 4.79 -5.08
N LEU A 56 -1.25 4.77 -3.74
CA LEU A 56 -0.21 4.06 -2.99
C LEU A 56 -0.20 2.58 -3.36
N LEU A 57 -1.40 1.99 -3.51
CA LEU A 57 -1.51 0.57 -3.88
C LEU A 57 -0.85 0.34 -5.25
N ALA A 58 -1.22 1.20 -6.20
CA ALA A 58 -0.66 1.12 -7.55
C ALA A 58 0.85 1.36 -7.50
N GLU A 59 1.24 2.37 -6.72
CA GLU A 59 2.64 2.73 -6.54
C GLU A 59 3.42 1.57 -5.92
N ALA A 60 2.79 0.86 -4.99
CA ALA A 60 3.42 -0.29 -4.33
C ALA A 60 3.72 -1.37 -5.37
N LYS A 61 2.76 -1.56 -6.28
CA LYS A 61 2.92 -2.55 -7.34
C LYS A 61 4.08 -2.13 -8.25
N LYS A 62 4.21 -0.81 -8.47
CA LYS A 62 5.27 -0.26 -9.30
C LYS A 62 6.63 -0.60 -8.69
N LEU A 63 6.74 -0.44 -7.37
CA LEU A 63 7.97 -0.77 -6.65
C LEU A 63 8.27 -2.26 -6.80
N ASN A 64 7.22 -3.08 -6.62
CA ASN A 64 7.36 -4.53 -6.75
C ASN A 64 7.85 -4.91 -8.15
N ASP A 65 7.22 -4.32 -9.17
CA ASP A 65 7.59 -4.60 -10.56
C ASP A 65 9.03 -4.18 -10.83
N ALA A 66 9.44 -3.06 -10.23
CA ALA A 66 10.79 -2.54 -10.44
C ALA A 66 11.84 -3.38 -9.69
N GLN A 67 11.61 -3.60 -8.40
CA GLN A 67 12.54 -4.37 -7.56
C GLN A 67 12.65 -5.83 -8.01
N ALA A 68 11.57 -6.35 -8.62
CA ALA A 68 11.53 -7.75 -9.08
C ALA A 68 12.73 -8.09 -9.99
N PRO A 69 13.14 -9.35 -10.01
CA PRO A 69 14.31 -9.80 -10.83
C PRO A 69 14.08 -9.57 -12.32
N LYS A 70 15.16 -9.76 -13.10
CA LYS A 70 15.15 -9.58 -14.56
C LYS A 70 15.12 -8.09 -14.93
N VAL A 13 -20.93 6.89 3.75
CA VAL A 13 -20.05 6.27 4.77
C VAL A 13 -20.60 6.57 6.17
N ASP A 14 -20.94 5.52 6.92
CA ASP A 14 -21.49 5.68 8.27
C ASP A 14 -20.40 6.16 9.24
N ASN A 15 -19.49 5.25 9.61
CA ASN A 15 -18.41 5.57 10.53
C ASN A 15 -17.17 6.06 9.77
N LYS A 16 -16.62 5.19 8.91
CA LYS A 16 -15.44 5.51 8.11
C LYS A 16 -15.19 4.44 7.05
N PHE A 17 -14.68 4.86 5.88
CA PHE A 17 -14.41 3.92 4.77
C PHE A 17 -13.10 3.16 4.99
N ASN A 18 -13.12 2.25 5.97
CA ASN A 18 -11.94 1.44 6.30
C ASN A 18 -11.87 0.16 5.46
N LYS A 19 -12.92 -0.10 4.67
CA LYS A 19 -12.96 -1.31 3.83
C LYS A 19 -11.81 -1.30 2.81
N GLU A 20 -11.69 -0.19 2.08
CA GLU A 20 -10.64 -0.05 1.08
C GLU A 20 -9.26 -0.15 1.72
N MET A 21 -9.14 0.35 2.95
CA MET A 21 -7.88 0.33 3.68
C MET A 21 -7.44 -1.10 3.93
N ARG A 22 -8.39 -1.96 4.31
CA ARG A 22 -8.08 -3.37 4.56
C ARG A 22 -7.61 -4.05 3.27
N ASN A 23 -8.24 -3.68 2.16
CA ASN A 23 -7.88 -4.27 0.86
C ASN A 23 -6.43 -3.90 0.49
N ALA A 24 -6.13 -2.59 0.50
CA ALA A 24 -4.78 -2.13 0.16
C ALA A 24 -3.76 -2.59 1.21
N TYR A 25 -4.20 -2.70 2.46
CA TYR A 25 -3.31 -3.14 3.56
C TYR A 25 -2.70 -4.52 3.24
N TRP A 26 -3.57 -5.48 2.99
CA TRP A 26 -3.15 -6.85 2.67
C TRP A 26 -2.44 -6.91 1.31
N GLU A 27 -3.03 -6.24 0.31
CA GLU A 27 -2.46 -6.26 -1.05
C GLU A 27 -1.03 -5.70 -1.08
N ILE A 28 -0.80 -4.60 -0.35
CA ILE A 28 0.55 -4.00 -0.31
C ILE A 28 1.52 -4.96 0.36
N ALA A 29 1.13 -5.47 1.53
CA ALA A 29 1.96 -6.40 2.29
C ALA A 29 2.29 -7.65 1.46
N LEU A 30 1.42 -7.97 0.49
CA LEU A 30 1.61 -9.15 -0.36
C LEU A 30 2.95 -9.11 -1.11
N LEU A 31 3.38 -7.93 -1.56
CA LEU A 31 4.66 -7.83 -2.29
C LEU A 31 5.82 -8.07 -1.31
N PRO A 32 6.65 -9.08 -1.55
CA PRO A 32 7.80 -9.43 -0.66
C PRO A 32 9.13 -8.72 -0.99
N ASN A 33 9.26 -8.23 -2.23
CA ASN A 33 10.51 -7.59 -2.67
C ASN A 33 10.60 -6.10 -2.35
N LEU A 34 9.54 -5.52 -1.77
CA LEU A 34 9.59 -4.09 -1.43
C LEU A 34 10.54 -3.89 -0.25
N ASN A 35 11.39 -2.87 -0.34
CA ASN A 35 12.35 -2.57 0.74
C ASN A 35 11.61 -2.47 2.08
N ASN A 36 12.26 -2.93 3.15
CA ASN A 36 11.66 -2.93 4.50
C ASN A 36 11.03 -1.58 4.85
N GLN A 37 11.70 -0.49 4.47
CA GLN A 37 11.19 0.85 4.75
C GLN A 37 9.93 1.14 3.92
N GLN A 38 9.97 0.79 2.64
CA GLN A 38 8.86 1.02 1.72
C GLN A 38 7.60 0.26 2.14
N LYS A 39 7.77 -0.96 2.67
CA LYS A 39 6.64 -1.79 3.08
C LYS A 39 5.79 -1.06 4.14
N ARG A 40 6.43 -0.67 5.24
CA ARG A 40 5.76 0.04 6.32
C ARG A 40 5.34 1.45 5.89
N ALA A 41 6.16 2.07 5.04
CA ALA A 41 5.91 3.44 4.58
C ALA A 41 4.54 3.62 3.92
N PHE A 42 4.18 2.78 2.94
CA PHE A 42 2.89 2.92 2.25
C PHE A 42 1.71 2.80 3.22
N ILE A 43 1.58 1.64 3.87
CA ILE A 43 0.48 1.40 4.81
C ILE A 43 0.42 2.47 5.91
N ARG A 44 1.58 2.87 6.44
CA ARG A 44 1.61 3.90 7.50
C ARG A 44 1.08 5.23 6.95
N SER A 45 1.62 5.63 5.78
CA SER A 45 1.19 6.87 5.13
C SER A 45 -0.29 6.80 4.79
N LEU A 46 -0.77 5.57 4.53
CA LEU A 46 -2.17 5.33 4.19
C LEU A 46 -3.08 5.80 5.31
N TYR A 47 -2.68 5.49 6.55
CA TYR A 47 -3.44 5.89 7.73
C TYR A 47 -3.40 7.42 7.88
N ASP A 48 -2.22 8.00 7.64
CA ASP A 48 -2.04 9.46 7.75
C ASP A 48 -2.85 10.22 6.69
N ASP A 49 -2.83 9.72 5.45
CA ASP A 49 -3.55 10.36 4.33
C ASP A 49 -4.28 9.32 3.48
N PRO A 50 -5.38 8.78 3.98
CA PRO A 50 -6.17 7.74 3.25
C PRO A 50 -6.71 8.23 1.90
N SER A 51 -6.61 9.54 1.65
CA SER A 51 -7.11 10.12 0.40
C SER A 51 -6.36 9.56 -0.81
N GLN A 52 -5.13 9.09 -0.62
CA GLN A 52 -4.34 8.54 -1.74
C GLN A 52 -4.10 7.04 -1.60
N SER A 53 -4.89 6.37 -0.74
CA SER A 53 -4.76 4.92 -0.53
C SER A 53 -4.70 4.15 -1.85
N ALA A 54 -5.48 4.62 -2.83
CA ALA A 54 -5.49 3.97 -4.15
C ALA A 54 -4.13 4.09 -4.82
N ASN A 55 -3.55 5.30 -4.76
CA ASN A 55 -2.24 5.57 -5.36
C ASN A 55 -1.15 4.74 -4.69
N LEU A 56 -1.14 4.75 -3.34
CA LEU A 56 -0.13 4.02 -2.57
C LEU A 56 -0.11 2.54 -2.93
N LEU A 57 -1.30 1.95 -3.09
CA LEU A 57 -1.43 0.54 -3.45
C LEU A 57 -0.76 0.28 -4.81
N ALA A 58 -1.12 1.12 -5.78
CA ALA A 58 -0.54 1.02 -7.11
C ALA A 58 0.97 1.26 -7.05
N GLU A 59 1.34 2.27 -6.27
CA GLU A 59 2.76 2.63 -6.09
C GLU A 59 3.55 1.46 -5.50
N ALA A 60 2.92 0.72 -4.58
CA ALA A 60 3.56 -0.44 -3.96
C ALA A 60 3.85 -1.48 -5.02
N LYS A 61 2.84 -1.77 -5.84
CA LYS A 61 2.95 -2.73 -6.92
C LYS A 61 4.00 -2.25 -7.94
N LYS A 62 4.03 -0.93 -8.18
CA LYS A 62 4.99 -0.35 -9.12
C LYS A 62 6.42 -0.65 -8.65
N LEU A 63 6.68 -0.45 -7.36
CA LEU A 63 8.01 -0.73 -6.80
C LEU A 63 8.31 -2.23 -6.90
N ASN A 64 7.28 -3.05 -6.64
CA ASN A 64 7.43 -4.51 -6.73
C ASN A 64 7.84 -4.93 -8.14
N ASP A 65 7.11 -4.40 -9.13
CA ASP A 65 7.39 -4.71 -10.53
C ASP A 65 8.79 -4.26 -10.93
N ALA A 66 9.20 -3.09 -10.43
CA ALA A 66 10.50 -2.54 -10.78
C ALA A 66 11.65 -3.28 -10.08
N GLN A 67 11.54 -3.42 -8.75
CA GLN A 67 12.59 -4.09 -7.96
C GLN A 67 12.70 -5.58 -8.32
N ALA A 68 11.59 -6.17 -8.78
CA ALA A 68 11.56 -7.59 -9.13
C ALA A 68 12.64 -7.93 -10.19
N PRO A 69 13.23 -9.10 -10.12
CA PRO A 69 14.28 -9.55 -11.08
C PRO A 69 13.70 -9.90 -12.45
N LYS A 70 14.53 -9.73 -13.49
CA LYS A 70 14.14 -10.01 -14.86
C LYS A 70 15.20 -10.84 -15.57
N VAL A 13 -20.49 8.03 3.37
CA VAL A 13 -19.86 7.11 4.37
C VAL A 13 -20.46 7.40 5.75
N ASP A 14 -20.90 6.33 6.42
CA ASP A 14 -21.49 6.47 7.76
C ASP A 14 -20.42 6.88 8.78
N ASN A 15 -19.63 5.90 9.24
CA ASN A 15 -18.56 6.17 10.21
C ASN A 15 -17.25 6.51 9.49
N LYS A 16 -16.75 5.57 8.68
CA LYS A 16 -15.50 5.76 7.93
C LYS A 16 -15.28 4.59 6.97
N PHE A 17 -14.67 4.89 5.81
CA PHE A 17 -14.41 3.86 4.78
C PHE A 17 -13.13 3.07 5.12
N ASN A 18 -13.08 2.56 6.35
CA ASN A 18 -11.93 1.77 6.84
C ASN A 18 -11.65 0.57 5.93
N LYS A 19 -12.71 0.05 5.29
CA LYS A 19 -12.60 -1.12 4.41
C LYS A 19 -11.55 -0.89 3.32
N GLU A 20 -11.44 0.36 2.83
CA GLU A 20 -10.47 0.68 1.78
C GLU A 20 -9.04 0.43 2.27
N MET A 21 -8.77 0.83 3.51
CA MET A 21 -7.43 0.65 4.09
C MET A 21 -7.12 -0.83 4.23
N ARG A 22 -8.12 -1.62 4.65
CA ARG A 22 -7.95 -3.06 4.81
C ARG A 22 -7.50 -3.72 3.50
N ASN A 23 -8.12 -3.28 2.39
CA ASN A 23 -7.78 -3.83 1.08
C ASN A 23 -6.33 -3.54 0.71
N ALA A 24 -5.94 -2.25 0.75
CA ALA A 24 -4.57 -1.87 0.39
C ALA A 24 -3.55 -2.41 1.41
N TYR A 25 -3.96 -2.48 2.69
CA TYR A 25 -3.08 -2.98 3.76
C TYR A 25 -2.57 -4.39 3.44
N TRP A 26 -3.52 -5.28 3.15
CA TRP A 26 -3.19 -6.67 2.84
C TRP A 26 -2.43 -6.83 1.53
N GLU A 27 -2.91 -6.14 0.48
CA GLU A 27 -2.30 -6.22 -0.85
C GLU A 27 -0.84 -5.75 -0.82
N ILE A 28 -0.58 -4.64 -0.14
CA ILE A 28 0.79 -4.11 -0.05
C ILE A 28 1.69 -5.10 0.71
N ALA A 29 1.21 -5.56 1.87
CA ALA A 29 1.95 -6.50 2.69
C ALA A 29 2.26 -7.79 1.93
N LEU A 30 1.36 -8.17 1.02
CA LEU A 30 1.52 -9.39 0.22
C LEU A 30 2.79 -9.34 -0.61
N LEU A 31 3.15 -8.15 -1.13
CA LEU A 31 4.35 -8.01 -1.96
C LEU A 31 5.61 -8.25 -1.10
N PRO A 32 6.42 -9.24 -1.44
CA PRO A 32 7.66 -9.60 -0.68
C PRO A 32 8.95 -8.87 -1.08
N ASN A 33 9.05 -8.43 -2.34
CA ASN A 33 10.28 -7.79 -2.83
C ASN A 33 10.38 -6.30 -2.48
N LEU A 34 9.36 -5.75 -1.82
CA LEU A 34 9.40 -4.34 -1.43
C LEU A 34 10.40 -4.15 -0.30
N ASN A 35 11.24 -3.12 -0.42
CA ASN A 35 12.24 -2.82 0.61
C ASN A 35 11.57 -2.71 1.99
N ASN A 36 12.26 -3.19 3.03
CA ASN A 36 11.73 -3.17 4.40
C ASN A 36 11.16 -1.81 4.79
N GLN A 37 11.86 -0.74 4.42
CA GLN A 37 11.41 0.62 4.74
C GLN A 37 10.12 0.96 3.99
N GLN A 38 10.05 0.57 2.71
CA GLN A 38 8.88 0.86 1.87
C GLN A 38 7.62 0.14 2.38
N LYS A 39 7.77 -1.12 2.79
CA LYS A 39 6.63 -1.92 3.27
C LYS A 39 5.87 -1.18 4.38
N ARG A 40 6.59 -0.77 5.42
CA ARG A 40 5.99 -0.05 6.55
C ARG A 40 5.61 1.39 6.14
N ALA A 41 6.42 2.00 5.28
CA ALA A 41 6.20 3.38 4.84
C ALA A 41 4.85 3.60 4.17
N PHE A 42 4.54 2.84 3.11
CA PHE A 42 3.27 3.02 2.39
C PHE A 42 2.05 2.80 3.29
N ILE A 43 1.98 1.65 3.95
CA ILE A 43 0.84 1.34 4.83
C ILE A 43 0.70 2.40 5.94
N ARG A 44 1.82 2.85 6.52
CA ARG A 44 1.77 3.87 7.57
C ARG A 44 1.25 5.19 6.99
N SER A 45 1.82 5.59 5.84
CA SER A 45 1.41 6.82 5.17
C SER A 45 -0.06 6.73 4.74
N LEU A 46 -0.55 5.50 4.57
CA LEU A 46 -1.93 5.26 4.18
C LEU A 46 -2.87 5.83 5.23
N TYR A 47 -2.53 5.58 6.51
CA TYR A 47 -3.31 6.09 7.62
C TYR A 47 -3.18 7.62 7.66
N ASP A 48 -1.94 8.08 7.39
CA ASP A 48 -1.65 9.51 7.39
C ASP A 48 -2.40 10.24 6.27
N ASP A 49 -2.67 9.52 5.16
CA ASP A 49 -3.36 10.12 4.01
C ASP A 49 -4.27 9.07 3.34
N PRO A 50 -5.42 8.78 3.93
CA PRO A 50 -6.40 7.77 3.39
C PRO A 50 -6.80 8.07 1.95
N SER A 51 -6.83 9.36 1.60
CA SER A 51 -7.21 9.80 0.26
C SER A 51 -6.31 9.19 -0.83
N GLN A 52 -5.05 8.90 -0.48
CA GLN A 52 -4.10 8.36 -1.45
C GLN A 52 -4.08 6.82 -1.45
N SER A 53 -4.92 6.19 -0.62
CA SER A 53 -4.95 4.72 -0.54
C SER A 53 -4.91 4.04 -1.92
N ALA A 54 -5.66 4.61 -2.86
CA ALA A 54 -5.69 4.07 -4.22
C ALA A 54 -4.33 4.23 -4.90
N ASN A 55 -3.76 5.43 -4.77
CA ASN A 55 -2.46 5.74 -5.38
C ASN A 55 -1.34 4.94 -4.72
N LEU A 56 -1.34 4.91 -3.38
CA LEU A 56 -0.32 4.20 -2.61
C LEU A 56 -0.28 2.71 -2.99
N LEU A 57 -1.46 2.10 -3.12
CA LEU A 57 -1.54 0.67 -3.50
C LEU A 57 -0.91 0.46 -4.87
N ALA A 58 -1.31 1.31 -5.83
CA ALA A 58 -0.77 1.25 -7.19
C ALA A 58 0.73 1.52 -7.16
N GLU A 59 1.12 2.50 -6.34
CA GLU A 59 2.52 2.87 -6.18
C GLU A 59 3.31 1.70 -5.61
N ALA A 60 2.70 0.98 -4.66
CA ALA A 60 3.36 -0.17 -4.05
C ALA A 60 3.60 -1.24 -5.11
N LYS A 61 2.61 -1.43 -5.98
CA LYS A 61 2.70 -2.41 -7.05
C LYS A 61 3.83 -2.00 -8.01
N LYS A 62 3.97 -0.69 -8.22
CA LYS A 62 4.99 -0.14 -9.09
C LYS A 62 6.39 -0.54 -8.60
N LEU A 63 6.58 -0.43 -7.28
CA LEU A 63 7.85 -0.80 -6.66
C LEU A 63 8.11 -2.29 -6.86
N ASN A 64 7.08 -3.10 -6.67
CA ASN A 64 7.18 -4.55 -6.85
C ASN A 64 7.57 -4.88 -8.29
N ASP A 65 6.86 -4.26 -9.24
CA ASP A 65 7.11 -4.48 -10.66
C ASP A 65 8.52 -4.06 -11.05
N ALA A 66 8.99 -2.96 -10.47
CA ALA A 66 10.31 -2.43 -10.79
C ALA A 66 11.44 -3.23 -10.13
N GLN A 67 11.35 -3.43 -8.81
CA GLN A 67 12.38 -4.16 -8.06
C GLN A 67 12.45 -5.63 -8.47
N ALA A 68 11.32 -6.19 -8.94
CA ALA A 68 11.27 -7.60 -9.33
C ALA A 68 12.32 -7.92 -10.41
N PRO A 69 12.87 -9.12 -10.39
CA PRO A 69 13.91 -9.57 -11.37
C PRO A 69 13.32 -9.81 -12.76
N LYS A 70 14.16 -9.67 -13.78
CA LYS A 70 13.75 -9.87 -15.18
C LYS A 70 14.25 -11.21 -15.70
N VAL A 13 -15.72 7.60 13.09
CA VAL A 13 -15.82 7.89 11.62
C VAL A 13 -16.60 6.76 10.93
N ASP A 14 -17.03 7.02 9.69
CA ASP A 14 -17.78 6.04 8.92
C ASP A 14 -16.95 4.80 8.63
N ASN A 15 -17.62 3.65 8.54
CA ASN A 15 -16.97 2.36 8.28
C ASN A 15 -16.11 2.38 7.02
N LYS A 16 -16.40 3.31 6.10
CA LYS A 16 -15.64 3.39 4.83
C LYS A 16 -14.13 3.50 5.05
N PHE A 17 -13.72 3.98 6.22
CA PHE A 17 -12.30 4.14 6.52
C PHE A 17 -11.58 2.79 6.57
N ASN A 18 -11.99 1.93 7.50
CA ASN A 18 -11.37 0.61 7.68
C ASN A 18 -11.45 -0.25 6.41
N LYS A 19 -12.55 -0.15 5.67
CA LYS A 19 -12.73 -0.95 4.46
C LYS A 19 -11.64 -0.73 3.42
N GLU A 20 -11.43 0.54 3.03
CA GLU A 20 -10.42 0.87 2.03
C GLU A 20 -9.02 0.53 2.51
N MET A 21 -8.73 0.85 3.78
CA MET A 21 -7.42 0.58 4.36
C MET A 21 -7.14 -0.92 4.40
N ARG A 22 -8.13 -1.70 4.83
CA ARG A 22 -7.97 -3.17 4.92
C ARG A 22 -7.60 -3.76 3.56
N ASN A 23 -8.25 -3.26 2.50
CA ASN A 23 -7.99 -3.75 1.14
C ASN A 23 -6.52 -3.53 0.73
N ALA A 24 -6.07 -2.27 0.78
CA ALA A 24 -4.69 -1.95 0.38
C ALA A 24 -3.68 -2.50 1.40
N TYR A 25 -4.08 -2.59 2.68
CA TYR A 25 -3.20 -3.11 3.74
C TYR A 25 -2.69 -4.50 3.41
N TRP A 26 -3.63 -5.43 3.23
CA TRP A 26 -3.29 -6.82 2.91
C TRP A 26 -2.63 -6.94 1.54
N GLU A 27 -3.17 -6.22 0.55
CA GLU A 27 -2.63 -6.28 -0.82
C GLU A 27 -1.16 -5.83 -0.86
N ILE A 28 -0.88 -4.66 -0.27
CA ILE A 28 0.49 -4.14 -0.25
C ILE A 28 1.41 -5.08 0.55
N ALA A 29 0.94 -5.48 1.73
CA ALA A 29 1.72 -6.36 2.61
C ALA A 29 2.09 -7.68 1.90
N LEU A 30 1.24 -8.11 0.96
CA LEU A 30 1.49 -9.36 0.22
C LEU A 30 2.80 -9.30 -0.56
N LEU A 31 3.14 -8.13 -1.12
CA LEU A 31 4.38 -7.99 -1.89
C LEU A 31 5.60 -8.20 -0.99
N PRO A 32 6.43 -9.20 -1.29
CA PRO A 32 7.64 -9.56 -0.48
C PRO A 32 8.94 -8.82 -0.85
N ASN A 33 9.09 -8.38 -2.11
CA ASN A 33 10.33 -7.75 -2.56
C ASN A 33 10.41 -6.25 -2.24
N LEU A 34 9.37 -5.69 -1.62
CA LEU A 34 9.39 -4.28 -1.26
C LEU A 34 10.35 -4.05 -0.09
N ASN A 35 11.17 -3.01 -0.19
CA ASN A 35 12.13 -2.67 0.87
C ASN A 35 11.40 -2.54 2.21
N ASN A 36 12.06 -2.98 3.29
CA ASN A 36 11.48 -2.95 4.64
C ASN A 36 10.85 -1.59 4.97
N GLN A 37 11.52 -0.50 4.57
CA GLN A 37 11.02 0.85 4.83
C GLN A 37 9.76 1.13 4.00
N GLN A 38 9.80 0.73 2.73
CA GLN A 38 8.68 0.95 1.80
C GLN A 38 7.41 0.21 2.23
N LYS A 39 7.58 -1.02 2.76
CA LYS A 39 6.44 -1.83 3.20
C LYS A 39 5.58 -1.09 4.23
N ARG A 40 6.22 -0.64 5.30
CA ARG A 40 5.53 0.09 6.37
C ARG A 40 5.14 1.50 5.93
N ALA A 41 5.97 2.09 5.05
CA ALA A 41 5.74 3.46 4.58
C ALA A 41 4.36 3.65 3.93
N PHE A 42 4.00 2.77 2.97
CA PHE A 42 2.71 2.89 2.28
C PHE A 42 1.52 2.78 3.25
N ILE A 43 1.46 1.68 4.01
CA ILE A 43 0.37 1.46 4.96
C ILE A 43 0.27 2.62 5.97
N ARG A 44 1.41 3.16 6.42
CA ARG A 44 1.39 4.29 7.35
C ARG A 44 0.79 5.52 6.65
N SER A 45 1.21 5.72 5.39
CA SER A 45 0.71 6.84 4.58
C SER A 45 -0.80 6.71 4.38
N LEU A 46 -1.29 5.47 4.36
CA LEU A 46 -2.72 5.19 4.18
C LEU A 46 -3.52 5.97 5.23
N TYR A 47 -3.12 5.82 6.49
CA TYR A 47 -3.77 6.51 7.59
C TYR A 47 -3.60 8.02 7.46
N ASP A 48 -2.39 8.44 7.03
CA ASP A 48 -2.08 9.87 6.86
C ASP A 48 -3.08 10.55 5.90
N ASP A 49 -3.48 9.84 4.84
CA ASP A 49 -4.42 10.41 3.87
C ASP A 49 -5.07 9.29 3.01
N PRO A 50 -6.34 8.94 3.25
CA PRO A 50 -7.04 7.87 2.45
C PRO A 50 -7.20 8.28 0.99
N SER A 51 -7.05 9.58 0.72
CA SER A 51 -7.19 10.11 -0.63
C SER A 51 -6.17 9.47 -1.58
N GLN A 52 -5.00 9.10 -1.05
CA GLN A 52 -3.95 8.48 -1.86
C GLN A 52 -3.99 6.95 -1.78
N SER A 53 -4.94 6.40 -1.02
CA SER A 53 -5.05 4.94 -0.86
C SER A 53 -4.87 4.19 -2.18
N ALA A 54 -5.63 4.59 -3.20
CA ALA A 54 -5.54 3.95 -4.51
C ALA A 54 -4.15 4.17 -5.12
N ASN A 55 -3.60 5.36 -4.91
CA ASN A 55 -2.28 5.71 -5.45
C ASN A 55 -1.17 4.92 -4.76
N LEU A 56 -1.20 4.93 -3.42
CA LEU A 56 -0.19 4.24 -2.61
C LEU A 56 -0.13 2.75 -2.98
N LEU A 57 -1.30 2.11 -3.11
CA LEU A 57 -1.37 0.69 -3.48
C LEU A 57 -0.69 0.49 -4.83
N ALA A 58 -1.11 1.30 -5.80
CA ALA A 58 -0.55 1.24 -7.16
C ALA A 58 0.96 1.50 -7.11
N GLU A 59 1.34 2.48 -6.28
CA GLU A 59 2.75 2.84 -6.09
C GLU A 59 3.52 1.66 -5.52
N ALA A 60 2.88 0.92 -4.61
CA ALA A 60 3.52 -0.24 -3.99
C ALA A 60 3.78 -1.30 -5.06
N LYS A 61 2.80 -1.49 -5.94
CA LYS A 61 2.92 -2.46 -7.01
C LYS A 61 4.06 -2.04 -7.96
N LYS A 62 4.19 -0.72 -8.15
CA LYS A 62 5.23 -0.17 -9.02
C LYS A 62 6.61 -0.59 -8.53
N LEU A 63 6.83 -0.44 -7.22
CA LEU A 63 8.12 -0.82 -6.62
C LEU A 63 8.35 -2.32 -6.77
N ASN A 64 7.29 -3.11 -6.59
CA ASN A 64 7.37 -4.56 -6.74
C ASN A 64 7.80 -4.93 -8.16
N ASP A 65 7.12 -4.33 -9.13
CA ASP A 65 7.42 -4.58 -10.54
C ASP A 65 8.85 -4.17 -10.89
N ALA A 66 9.29 -3.05 -10.33
CA ALA A 66 10.63 -2.52 -10.62
C ALA A 66 11.73 -3.31 -9.91
N GLN A 67 11.59 -3.50 -8.60
CA GLN A 67 12.59 -4.22 -7.81
C GLN A 67 12.68 -5.70 -8.18
N ALA A 68 11.56 -6.26 -8.68
CA ALA A 68 11.51 -7.68 -9.06
C ALA A 68 12.58 -8.01 -10.12
N PRO A 69 13.13 -9.21 -10.07
CA PRO A 69 14.19 -9.66 -11.04
C PRO A 69 13.62 -9.79 -12.46
N LYS A 70 14.53 -9.75 -13.44
CA LYS A 70 14.19 -9.87 -14.86
C LYS A 70 13.33 -8.67 -15.32
N VAL A 13 -21.20 6.11 3.08
CA VAL A 13 -20.37 5.61 4.20
C VAL A 13 -20.97 6.07 5.53
N ASP A 14 -21.34 5.11 6.38
CA ASP A 14 -21.93 5.42 7.68
C ASP A 14 -20.86 6.01 8.61
N ASN A 15 -19.95 5.16 9.09
CA ASN A 15 -18.89 5.59 10.00
C ASN A 15 -17.64 6.03 9.23
N LYS A 16 -17.05 5.09 8.47
CA LYS A 16 -15.84 5.36 7.68
C LYS A 16 -15.52 4.18 6.76
N PHE A 17 -14.92 4.47 5.59
CA PHE A 17 -14.56 3.42 4.62
C PHE A 17 -13.23 2.76 4.99
N ASN A 18 -13.15 2.29 6.24
CA ASN A 18 -11.94 1.62 6.75
C ASN A 18 -11.63 0.37 5.93
N LYS A 19 -12.68 -0.27 5.39
CA LYS A 19 -12.52 -1.50 4.60
C LYS A 19 -11.55 -1.29 3.43
N GLU A 20 -11.57 -0.09 2.86
CA GLU A 20 -10.68 0.24 1.73
C GLU A 20 -9.21 0.10 2.15
N MET A 21 -8.89 0.62 3.34
CA MET A 21 -7.53 0.55 3.86
C MET A 21 -7.13 -0.90 4.09
N ARG A 22 -8.08 -1.71 4.59
CA ARG A 22 -7.83 -3.13 4.85
C ARG A 22 -7.41 -3.85 3.57
N ASN A 23 -8.05 -3.48 2.44
CA ASN A 23 -7.73 -4.10 1.16
C ASN A 23 -6.30 -3.77 0.72
N ALA A 24 -5.98 -2.47 0.66
CA ALA A 24 -4.63 -2.04 0.24
C ALA A 24 -3.57 -2.53 1.23
N TYR A 25 -3.94 -2.56 2.53
CA TYR A 25 -3.02 -3.01 3.59
C TYR A 25 -2.52 -4.43 3.31
N TRP A 26 -3.45 -5.34 3.08
CA TRP A 26 -3.12 -6.73 2.80
C TRP A 26 -2.31 -6.87 1.52
N GLU A 27 -2.74 -6.19 0.46
CA GLU A 27 -2.06 -6.27 -0.84
C GLU A 27 -0.61 -5.79 -0.77
N ILE A 28 -0.38 -4.69 -0.05
CA ILE A 28 0.97 -4.14 0.09
C ILE A 28 1.89 -5.15 0.81
N ALA A 29 1.44 -5.60 1.99
CA ALA A 29 2.21 -6.55 2.78
C ALA A 29 2.48 -7.85 2.01
N LEU A 30 1.55 -8.21 1.12
CA LEU A 30 1.68 -9.44 0.32
C LEU A 30 2.94 -9.40 -0.55
N LEU A 31 3.28 -8.22 -1.08
CA LEU A 31 4.48 -8.08 -1.92
C LEU A 31 5.74 -8.37 -1.10
N PRO A 32 6.54 -9.37 -1.49
CA PRO A 32 7.78 -9.78 -0.77
C PRO A 32 9.07 -9.06 -1.15
N ASN A 33 9.12 -8.46 -2.35
CA ASN A 33 10.35 -7.80 -2.82
C ASN A 33 10.44 -6.33 -2.43
N LEU A 34 9.43 -5.82 -1.72
CA LEU A 34 9.47 -4.41 -1.29
C LEU A 34 10.43 -4.25 -0.13
N ASN A 35 11.21 -3.18 -0.16
CA ASN A 35 12.16 -2.89 0.93
C ASN A 35 11.40 -2.70 2.25
N ASN A 36 12.03 -3.13 3.36
CA ASN A 36 11.40 -3.04 4.69
C ASN A 36 10.86 -1.63 5.00
N GLN A 37 11.64 -0.61 4.65
CA GLN A 37 11.24 0.77 4.90
C GLN A 37 10.05 1.16 4.01
N GLN A 38 10.05 0.68 2.76
CA GLN A 38 8.99 1.00 1.81
C GLN A 38 7.64 0.41 2.21
N LYS A 39 7.58 -0.92 2.44
CA LYS A 39 6.31 -1.56 2.81
C LYS A 39 5.68 -0.92 4.06
N ARG A 40 6.48 -0.75 5.10
CA ARG A 40 6.02 -0.12 6.33
C ARG A 40 5.60 1.33 6.08
N ALA A 41 6.30 2.00 5.14
CA ALA A 41 6.01 3.41 4.82
C ALA A 41 4.61 3.56 4.19
N PHE A 42 4.34 2.83 3.10
CA PHE A 42 3.02 2.93 2.43
C PHE A 42 1.90 2.52 3.39
N ILE A 43 2.12 1.46 4.16
CA ILE A 43 1.13 0.98 5.14
C ILE A 43 0.76 2.11 6.12
N ARG A 44 1.77 2.85 6.57
CA ARG A 44 1.58 3.98 7.48
C ARG A 44 0.93 5.15 6.73
N SER A 45 1.33 5.31 5.46
CA SER A 45 0.81 6.40 4.61
C SER A 45 -0.71 6.36 4.51
N LEU A 46 -1.29 5.15 4.51
CA LEU A 46 -2.76 5.00 4.42
C LEU A 46 -3.44 5.88 5.47
N TYR A 47 -3.04 5.70 6.73
CA TYR A 47 -3.60 6.48 7.83
C TYR A 47 -3.29 7.97 7.64
N ASP A 48 -2.06 8.24 7.19
CA ASP A 48 -1.62 9.63 6.97
C ASP A 48 -2.49 10.35 5.93
N ASP A 49 -2.85 9.63 4.85
CA ASP A 49 -3.68 10.20 3.78
C ASP A 49 -4.51 9.09 3.10
N PRO A 50 -5.65 8.73 3.67
CA PRO A 50 -6.53 7.65 3.09
C PRO A 50 -7.02 8.00 1.69
N SER A 51 -7.07 9.31 1.40
CA SER A 51 -7.53 9.78 0.08
C SER A 51 -6.65 9.23 -1.03
N GLN A 52 -5.35 9.04 -0.75
CA GLN A 52 -4.40 8.53 -1.75
C GLN A 52 -4.34 7.00 -1.73
N SER A 53 -5.25 6.36 -1.00
CA SER A 53 -5.29 4.89 -0.87
C SER A 53 -5.09 4.18 -2.22
N ALA A 54 -5.83 4.62 -3.23
CA ALA A 54 -5.73 4.03 -4.56
C ALA A 54 -4.34 4.25 -5.15
N ASN A 55 -3.79 5.45 -4.92
CA ASN A 55 -2.46 5.81 -5.43
C ASN A 55 -1.36 5.04 -4.69
N LEU A 56 -1.44 5.03 -3.36
CA LEU A 56 -0.44 4.34 -2.54
C LEU A 56 -0.35 2.86 -2.90
N LEU A 57 -1.51 2.22 -3.09
CA LEU A 57 -1.55 0.79 -3.46
C LEU A 57 -0.85 0.60 -4.81
N ALA A 58 -1.24 1.43 -5.78
CA ALA A 58 -0.65 1.37 -7.11
C ALA A 58 0.85 1.65 -7.03
N GLU A 59 1.20 2.63 -6.20
CA GLU A 59 2.59 3.02 -5.97
C GLU A 59 3.38 1.87 -5.36
N ALA A 60 2.73 1.12 -4.46
CA ALA A 60 3.40 -0.02 -3.82
C ALA A 60 3.68 -1.08 -4.87
N LYS A 61 2.70 -1.30 -5.74
CA LYS A 61 2.84 -2.28 -6.82
C LYS A 61 3.97 -1.85 -7.75
N LYS A 62 4.09 -0.53 -7.96
CA LYS A 62 5.13 0.03 -8.83
C LYS A 62 6.52 -0.38 -8.32
N LEU A 63 6.71 -0.30 -7.00
CA LEU A 63 7.99 -0.69 -6.39
C LEU A 63 8.24 -2.17 -6.63
N ASN A 64 7.18 -2.99 -6.47
CA ASN A 64 7.28 -4.43 -6.68
C ASN A 64 7.66 -4.72 -8.13
N ASP A 65 6.96 -4.08 -9.06
CA ASP A 65 7.20 -4.27 -10.49
C ASP A 65 8.62 -3.85 -10.87
N ALA A 66 9.10 -2.77 -10.25
CA ALA A 66 10.45 -2.24 -10.55
C ALA A 66 11.55 -3.10 -9.91
N GLN A 67 11.43 -3.36 -8.61
CA GLN A 67 12.43 -4.15 -7.87
C GLN A 67 12.47 -5.61 -8.33
N ALA A 68 11.34 -6.13 -8.82
CA ALA A 68 11.25 -7.52 -9.26
C ALA A 68 12.32 -7.85 -10.32
N PRO A 69 12.64 -9.14 -10.48
CA PRO A 69 13.68 -9.60 -11.47
C PRO A 69 13.41 -9.09 -12.89
N LYS A 70 14.48 -9.02 -13.69
CA LYS A 70 14.41 -8.56 -15.07
C LYS A 70 14.45 -9.75 -16.04
N VAL A 13 -20.79 6.34 2.98
CA VAL A 13 -19.72 6.20 4.01
C VAL A 13 -20.28 6.60 5.38
N ASP A 14 -20.83 5.60 6.10
CA ASP A 14 -21.41 5.85 7.41
C ASP A 14 -20.32 6.23 8.41
N ASN A 15 -19.42 5.27 8.70
CA ASN A 15 -18.31 5.50 9.62
C ASN A 15 -17.09 5.99 8.84
N LYS A 16 -16.62 5.15 7.91
CA LYS A 16 -15.45 5.47 7.08
C LYS A 16 -15.16 4.31 6.12
N PHE A 17 -14.45 4.61 5.02
CA PHE A 17 -14.10 3.60 4.01
C PHE A 17 -12.81 2.85 4.39
N ASN A 18 -12.73 2.49 5.69
CA ASN A 18 -11.57 1.76 6.21
C ASN A 18 -11.43 0.38 5.56
N LYS A 19 -12.57 -0.27 5.31
CA LYS A 19 -12.58 -1.63 4.72
C LYS A 19 -11.78 -1.70 3.42
N GLU A 20 -12.04 -0.75 2.51
CA GLU A 20 -11.33 -0.73 1.22
C GLU A 20 -9.83 -0.53 1.44
N MET A 21 -9.48 0.36 2.35
CA MET A 21 -8.07 0.63 2.64
C MET A 21 -7.38 -0.61 3.22
N ARG A 22 -8.11 -1.38 4.04
CA ARG A 22 -7.55 -2.61 4.63
C ARG A 22 -7.18 -3.59 3.52
N ASN A 23 -8.03 -3.66 2.49
CA ASN A 23 -7.78 -4.57 1.36
C ASN A 23 -6.47 -4.16 0.65
N ALA A 24 -6.30 -2.85 0.46
CA ALA A 24 -5.09 -2.33 -0.19
C ALA A 24 -3.86 -2.57 0.71
N TYR A 25 -4.05 -2.37 2.02
CA TYR A 25 -2.97 -2.56 3.00
C TYR A 25 -2.41 -3.99 2.92
N TRP A 26 -3.32 -4.96 2.91
CA TRP A 26 -2.95 -6.37 2.84
C TRP A 26 -2.20 -6.68 1.54
N GLU A 27 -2.71 -6.15 0.41
CA GLU A 27 -2.10 -6.41 -0.89
C GLU A 27 -0.67 -5.86 -0.95
N ILE A 28 -0.43 -4.68 -0.36
CA ILE A 28 0.91 -4.09 -0.33
C ILE A 28 1.88 -5.02 0.40
N ALA A 29 1.50 -5.40 1.62
CA ALA A 29 2.34 -6.28 2.44
C ALA A 29 2.62 -7.62 1.73
N LEU A 30 1.66 -8.06 0.91
CA LEU A 30 1.80 -9.32 0.18
C LEU A 30 3.01 -9.30 -0.77
N LEU A 31 3.29 -8.13 -1.37
CA LEU A 31 4.42 -8.01 -2.30
C LEU A 31 5.75 -8.10 -1.55
N PRO A 32 6.60 -9.05 -1.89
CA PRO A 32 7.94 -9.28 -1.23
C PRO A 32 9.10 -8.47 -1.81
N ASN A 33 8.98 -8.03 -3.07
CA ASN A 33 10.06 -7.29 -3.74
C ASN A 33 10.37 -5.97 -3.04
N LEU A 34 9.33 -5.32 -2.51
CA LEU A 34 9.52 -4.03 -1.84
C LEU A 34 10.20 -4.22 -0.49
N ASN A 35 11.23 -3.40 -0.26
CA ASN A 35 11.99 -3.44 1.01
C ASN A 35 11.05 -3.27 2.22
N ASN A 36 11.51 -3.76 3.38
CA ASN A 36 10.72 -3.70 4.61
C ASN A 36 10.31 -2.26 4.97
N GLN A 37 11.23 -1.32 4.82
CA GLN A 37 10.96 0.09 5.14
C GLN A 37 9.87 0.64 4.24
N GLN A 38 9.97 0.34 2.94
CA GLN A 38 8.98 0.81 1.97
C GLN A 38 7.60 0.24 2.28
N LYS A 39 7.57 -1.03 2.69
CA LYS A 39 6.31 -1.71 3.01
C LYS A 39 5.55 -0.96 4.11
N ARG A 40 6.15 -0.92 5.30
CA ARG A 40 5.55 -0.25 6.47
C ARG A 40 5.29 1.24 6.19
N ALA A 41 6.17 1.86 5.41
CA ALA A 41 6.06 3.28 5.10
C ALA A 41 4.73 3.59 4.38
N PHE A 42 4.37 2.75 3.40
CA PHE A 42 3.13 2.96 2.65
C PHE A 42 1.91 2.83 3.56
N ILE A 43 1.83 1.73 4.30
CA ILE A 43 0.72 1.48 5.22
C ILE A 43 0.56 2.62 6.23
N ARG A 44 1.67 3.05 6.83
CA ARG A 44 1.64 4.14 7.81
C ARG A 44 1.12 5.43 7.16
N SER A 45 1.67 5.75 5.99
CA SER A 45 1.25 6.95 5.25
C SER A 45 -0.22 6.84 4.86
N LEU A 46 -0.68 5.60 4.64
CA LEU A 46 -2.07 5.33 4.25
C LEU A 46 -3.04 5.89 5.30
N TYR A 47 -2.79 5.53 6.56
CA TYR A 47 -3.62 6.01 7.66
C TYR A 47 -3.53 7.53 7.76
N ASP A 48 -2.31 8.05 7.58
CA ASP A 48 -2.07 9.49 7.64
C ASP A 48 -2.87 10.23 6.56
N ASP A 49 -2.92 9.64 5.35
CA ASP A 49 -3.64 10.25 4.22
C ASP A 49 -4.46 9.19 3.47
N PRO A 50 -5.66 8.88 3.96
CA PRO A 50 -6.57 7.87 3.32
C PRO A 50 -6.81 8.15 1.84
N SER A 51 -6.73 9.43 1.46
CA SER A 51 -6.95 9.86 0.09
C SER A 51 -5.97 9.20 -0.88
N GLN A 52 -4.72 8.99 -0.43
CA GLN A 52 -3.69 8.39 -1.28
C GLN A 52 -3.80 6.86 -1.31
N SER A 53 -4.76 6.30 -0.56
CA SER A 53 -4.92 4.83 -0.49
C SER A 53 -4.78 4.16 -1.85
N ALA A 54 -5.55 4.62 -2.83
CA ALA A 54 -5.50 4.07 -4.18
C ALA A 54 -4.11 4.28 -4.81
N ASN A 55 -3.54 5.46 -4.55
CA ASN A 55 -2.23 5.81 -5.10
C ASN A 55 -1.12 4.95 -4.50
N LEU A 56 -1.07 4.86 -3.17
CA LEU A 56 -0.04 4.08 -2.48
C LEU A 56 -0.04 2.63 -2.94
N LEU A 57 -1.24 2.07 -3.13
CA LEU A 57 -1.37 0.68 -3.59
C LEU A 57 -0.75 0.54 -4.97
N ALA A 58 -1.14 1.44 -5.88
CA ALA A 58 -0.59 1.45 -7.24
C ALA A 58 0.92 1.67 -7.20
N GLU A 59 1.33 2.56 -6.29
CA GLU A 59 2.75 2.86 -6.10
C GLU A 59 3.49 1.60 -5.66
N ALA A 60 2.82 0.78 -4.83
CA ALA A 60 3.42 -0.47 -4.37
C ALA A 60 3.59 -1.40 -5.58
N LYS A 61 2.58 -1.38 -6.46
CA LYS A 61 2.61 -2.18 -7.68
C LYS A 61 3.77 -1.71 -8.57
N LYS A 62 3.96 -0.39 -8.61
CA LYS A 62 5.02 0.22 -9.42
C LYS A 62 6.40 -0.25 -8.94
N LEU A 63 6.64 -0.11 -7.63
CA LEU A 63 7.91 -0.53 -7.04
C LEU A 63 8.08 -2.04 -7.15
N ASN A 64 6.96 -2.79 -7.00
CA ASN A 64 6.99 -4.26 -7.12
C ASN A 64 7.47 -4.64 -8.52
N ASP A 65 6.85 -4.02 -9.53
CA ASP A 65 7.21 -4.27 -10.91
C ASP A 65 8.65 -3.86 -11.19
N ALA A 66 9.07 -2.75 -10.56
CA ALA A 66 10.41 -2.22 -10.79
C ALA A 66 11.50 -3.06 -10.10
N GLN A 67 11.34 -3.31 -8.80
CA GLN A 67 12.34 -4.09 -8.04
C GLN A 67 12.37 -5.56 -8.49
N ALA A 68 11.25 -6.05 -9.03
CA ALA A 68 11.16 -7.44 -9.48
C ALA A 68 12.24 -7.75 -10.53
N PRO A 69 12.71 -8.99 -10.59
CA PRO A 69 13.76 -9.41 -11.56
C PRO A 69 13.24 -9.45 -13.01
N LYS A 70 14.17 -9.30 -13.96
CA LYS A 70 13.83 -9.31 -15.40
C LYS A 70 12.89 -8.15 -15.79
N VAL A 13 -18.27 7.11 8.92
CA VAL A 13 -17.19 6.88 7.91
C VAL A 13 -16.35 5.67 8.31
N ASP A 14 -16.74 4.99 9.40
CA ASP A 14 -16.00 3.82 9.90
C ASP A 14 -15.87 2.74 8.81
N ASN A 15 -16.95 2.54 8.03
CA ASN A 15 -16.94 1.54 6.97
C ASN A 15 -15.83 1.85 5.94
N LYS A 16 -15.69 3.14 5.61
CA LYS A 16 -14.67 3.58 4.66
C LYS A 16 -13.26 3.45 5.25
N PHE A 17 -13.08 4.00 6.45
CA PHE A 17 -11.78 3.98 7.13
C PHE A 17 -11.29 2.56 7.44
N ASN A 18 -12.20 1.60 7.56
CA ASN A 18 -11.81 0.22 7.89
C ASN A 18 -11.57 -0.63 6.64
N LYS A 19 -12.62 -0.80 5.84
CA LYS A 19 -12.57 -1.65 4.63
C LYS A 19 -11.48 -1.19 3.64
N GLU A 20 -11.44 0.11 3.35
CA GLU A 20 -10.46 0.65 2.40
C GLU A 20 -9.02 0.32 2.84
N MET A 21 -8.73 0.55 4.12
CA MET A 21 -7.41 0.28 4.67
C MET A 21 -7.07 -1.19 4.56
N ARG A 22 -7.99 -2.05 5.01
CA ARG A 22 -7.79 -3.49 4.99
C ARG A 22 -7.49 -3.99 3.57
N ASN A 23 -8.20 -3.45 2.58
CA ASN A 23 -8.00 -3.86 1.19
C ASN A 23 -6.56 -3.61 0.73
N ALA A 24 -6.12 -2.35 0.74
CA ALA A 24 -4.74 -2.03 0.31
C ALA A 24 -3.71 -2.60 1.29
N TYR A 25 -4.12 -2.82 2.55
CA TYR A 25 -3.20 -3.35 3.58
C TYR A 25 -2.63 -4.70 3.16
N TRP A 26 -3.51 -5.69 2.93
CA TRP A 26 -3.04 -7.03 2.56
C TRP A 26 -2.54 -7.06 1.12
N GLU A 27 -3.17 -6.28 0.23
CA GLU A 27 -2.77 -6.25 -1.18
C GLU A 27 -1.31 -5.80 -1.32
N ILE A 28 -0.96 -4.71 -0.63
CA ILE A 28 0.41 -4.18 -0.67
C ILE A 28 1.38 -5.14 0.03
N ALA A 29 1.03 -5.55 1.25
CA ALA A 29 1.87 -6.45 2.04
C ALA A 29 2.19 -7.75 1.28
N LEU A 30 1.30 -8.11 0.34
CA LEU A 30 1.48 -9.35 -0.43
C LEU A 30 2.82 -9.38 -1.16
N LEU A 31 3.27 -8.24 -1.70
CA LEU A 31 4.54 -8.18 -2.43
C LEU A 31 5.71 -8.38 -1.44
N PRO A 32 6.54 -9.40 -1.63
CA PRO A 32 7.69 -9.73 -0.73
C PRO A 32 9.02 -9.05 -1.07
N ASN A 33 9.12 -8.40 -2.23
CA ASN A 33 10.38 -7.76 -2.65
C ASN A 33 10.44 -6.27 -2.30
N LEU A 34 9.37 -5.73 -1.70
CA LEU A 34 9.39 -4.32 -1.32
C LEU A 34 10.25 -4.13 -0.08
N ASN A 35 11.15 -3.15 -0.15
CA ASN A 35 12.03 -2.88 1.01
C ASN A 35 11.19 -2.64 2.26
N ASN A 36 11.72 -3.00 3.42
CA ASN A 36 10.99 -2.86 4.70
C ASN A 36 10.48 -1.43 4.91
N GLN A 37 11.34 -0.46 4.62
CA GLN A 37 10.98 0.95 4.77
C GLN A 37 9.87 1.35 3.80
N GLN A 38 9.97 0.88 2.55
CA GLN A 38 8.97 1.20 1.53
C GLN A 38 7.61 0.61 1.88
N LYS A 39 7.60 -0.68 2.25
CA LYS A 39 6.35 -1.36 2.60
C LYS A 39 5.68 -0.69 3.80
N ARG A 40 6.48 -0.46 4.85
CA ARG A 40 5.97 0.18 6.07
C ARG A 40 5.49 1.59 5.77
N ALA A 41 6.23 2.30 4.90
CA ALA A 41 5.89 3.67 4.53
C ALA A 41 4.53 3.77 3.83
N PHE A 42 4.27 2.85 2.87
CA PHE A 42 3.00 2.90 2.13
C PHE A 42 1.81 2.73 3.07
N ILE A 43 1.77 1.64 3.83
CA ILE A 43 0.66 1.38 4.75
C ILE A 43 0.51 2.52 5.77
N ARG A 44 1.64 2.99 6.32
CA ARG A 44 1.59 4.10 7.31
C ARG A 44 1.02 5.37 6.66
N SER A 45 1.57 5.72 5.50
CA SER A 45 1.12 6.91 4.76
C SER A 45 -0.37 6.81 4.44
N LEU A 46 -0.85 5.57 4.28
CA LEU A 46 -2.26 5.31 3.98
C LEU A 46 -3.15 5.87 5.10
N TYR A 47 -2.74 5.62 6.35
CA TYR A 47 -3.47 6.12 7.51
C TYR A 47 -3.41 7.64 7.51
N ASP A 48 -2.24 8.18 7.17
CA ASP A 48 -2.03 9.63 7.13
C ASP A 48 -3.00 10.31 6.15
N ASP A 49 -3.28 9.63 5.04
CA ASP A 49 -4.19 10.17 4.01
C ASP A 49 -4.82 9.04 3.17
N PRO A 50 -5.98 8.55 3.56
CA PRO A 50 -6.68 7.46 2.79
C PRO A 50 -6.99 7.88 1.35
N SER A 51 -6.98 9.18 1.12
CA SER A 51 -7.27 9.74 -0.21
C SER A 51 -6.30 9.21 -1.27
N GLN A 52 -5.09 8.81 -0.85
CA GLN A 52 -4.08 8.31 -1.77
C GLN A 52 -3.97 6.79 -1.76
N SER A 53 -4.80 6.11 -0.93
CA SER A 53 -4.74 4.64 -0.83
C SER A 53 -4.68 3.97 -2.20
N ALA A 54 -5.44 4.51 -3.16
CA ALA A 54 -5.44 3.97 -4.52
C ALA A 54 -4.06 4.15 -5.16
N ASN A 55 -3.51 5.35 -5.01
CA ASN A 55 -2.20 5.68 -5.56
C ASN A 55 -1.08 4.89 -4.86
N LEU A 56 -1.10 4.90 -3.53
CA LEU A 56 -0.09 4.19 -2.73
C LEU A 56 -0.04 2.70 -3.09
N LEU A 57 -1.23 2.08 -3.24
CA LEU A 57 -1.32 0.66 -3.61
C LEU A 57 -0.64 0.44 -4.97
N ALA A 58 -1.03 1.25 -5.93
CA ALA A 58 -0.47 1.18 -7.28
C ALA A 58 1.04 1.45 -7.24
N GLU A 59 1.42 2.44 -6.42
CA GLU A 59 2.82 2.81 -6.24
C GLU A 59 3.62 1.66 -5.62
N ALA A 60 2.99 0.95 -4.68
CA ALA A 60 3.65 -0.17 -4.03
C ALA A 60 3.95 -1.26 -5.07
N LYS A 61 2.96 -1.54 -5.92
CA LYS A 61 3.12 -2.54 -6.96
C LYS A 61 4.21 -2.11 -7.94
N LYS A 62 4.34 -0.79 -8.15
CA LYS A 62 5.34 -0.24 -9.06
C LYS A 62 6.74 -0.63 -8.58
N LEU A 63 6.99 -0.44 -7.28
CA LEU A 63 8.29 -0.80 -6.70
C LEU A 63 8.50 -2.31 -6.79
N ASN A 64 7.43 -3.08 -6.62
CA ASN A 64 7.50 -4.54 -6.72
C ASN A 64 7.92 -4.95 -8.13
N ASP A 65 7.25 -4.37 -9.12
CA ASP A 65 7.54 -4.66 -10.53
C ASP A 65 8.96 -4.25 -10.88
N ALA A 66 9.41 -3.12 -10.34
CA ALA A 66 10.74 -2.61 -10.65
C ALA A 66 11.85 -3.40 -9.95
N GLN A 67 11.72 -3.59 -8.63
CA GLN A 67 12.72 -4.32 -7.84
C GLN A 67 12.78 -5.80 -8.22
N ALA A 68 11.65 -6.33 -8.71
CA ALA A 68 11.57 -7.75 -9.10
C ALA A 68 12.65 -8.12 -10.12
N PRO A 69 13.18 -9.34 -10.06
CA PRO A 69 14.24 -9.82 -11.00
C PRO A 69 13.69 -10.16 -12.38
N LYS A 70 14.56 -10.08 -13.39
CA LYS A 70 14.18 -10.38 -14.78
C LYS A 70 14.15 -11.90 -15.01
N VAL A 13 -20.58 7.42 3.21
CA VAL A 13 -19.77 6.81 4.30
C VAL A 13 -20.20 7.39 5.65
N ASP A 14 -20.53 6.51 6.60
CA ASP A 14 -20.96 6.94 7.92
C ASP A 14 -19.77 7.45 8.73
N ASN A 15 -18.92 6.53 9.20
CA ASN A 15 -17.73 6.89 9.99
C ASN A 15 -16.52 7.11 9.07
N LYS A 16 -16.13 6.07 8.33
CA LYS A 16 -15.00 6.15 7.41
C LYS A 16 -14.88 4.87 6.59
N PHE A 17 -14.31 5.00 5.37
CA PHE A 17 -14.13 3.86 4.46
C PHE A 17 -12.84 3.09 4.81
N ASN A 18 -12.76 2.64 6.06
CA ASN A 18 -11.60 1.89 6.55
C ASN A 18 -11.40 0.59 5.76
N LYS A 19 -12.50 0.05 5.23
CA LYS A 19 -12.45 -1.21 4.47
C LYS A 19 -11.44 -1.13 3.31
N GLU A 20 -11.36 0.04 2.67
CA GLU A 20 -10.43 0.22 1.54
C GLU A 20 -8.99 0.06 2.01
N MET A 21 -8.67 0.59 3.20
CA MET A 21 -7.32 0.49 3.76
C MET A 21 -6.98 -0.97 4.05
N ARG A 22 -7.97 -1.72 4.56
CA ARG A 22 -7.75 -3.14 4.88
C ARG A 22 -7.33 -3.92 3.63
N ASN A 23 -8.00 -3.65 2.51
CA ASN A 23 -7.70 -4.33 1.25
C ASN A 23 -6.27 -4.03 0.79
N ALA A 24 -5.92 -2.73 0.74
CA ALA A 24 -4.58 -2.32 0.31
C ALA A 24 -3.51 -2.76 1.31
N TYR A 25 -3.86 -2.74 2.61
CA TYR A 25 -2.93 -3.13 3.68
C TYR A 25 -2.39 -4.55 3.44
N TRP A 26 -3.31 -5.49 3.31
CA TRP A 26 -2.95 -6.89 3.09
C TRP A 26 -2.25 -7.08 1.74
N GLU A 27 -2.80 -6.47 0.69
CA GLU A 27 -2.25 -6.60 -0.66
C GLU A 27 -0.80 -6.12 -0.71
N ILE A 28 -0.52 -4.91 -0.18
CA ILE A 28 0.85 -4.37 -0.18
C ILE A 28 1.81 -5.31 0.54
N ALA A 29 1.42 -5.74 1.75
CA ALA A 29 2.26 -6.63 2.54
C ALA A 29 2.51 -7.95 1.79
N LEU A 30 1.59 -8.31 0.89
CA LEU A 30 1.71 -9.55 0.11
C LEU A 30 3.00 -9.53 -0.74
N LEU A 31 3.35 -8.37 -1.30
CA LEU A 31 4.57 -8.27 -2.13
C LEU A 31 5.82 -8.49 -1.25
N PRO A 32 6.64 -9.49 -1.56
CA PRO A 32 7.87 -9.83 -0.77
C PRO A 32 9.16 -9.11 -1.20
N ASN A 33 9.13 -8.37 -2.32
CA ASN A 33 10.33 -7.70 -2.81
C ASN A 33 10.39 -6.22 -2.44
N LEU A 34 9.35 -5.71 -1.76
CA LEU A 34 9.36 -4.31 -1.35
C LEU A 34 10.28 -4.14 -0.15
N ASN A 35 11.17 -3.15 -0.23
CA ASN A 35 12.10 -2.87 0.88
C ASN A 35 11.34 -2.73 2.20
N ASN A 36 11.97 -3.18 3.30
CA ASN A 36 11.34 -3.13 4.63
C ASN A 36 10.80 -1.74 4.95
N GLN A 37 11.56 -0.70 4.58
CA GLN A 37 11.14 0.68 4.83
C GLN A 37 9.93 1.04 3.98
N GLN A 38 9.94 0.63 2.72
CA GLN A 38 8.84 0.93 1.79
C GLN A 38 7.53 0.31 2.26
N LYS A 39 7.57 -0.94 2.75
CA LYS A 39 6.33 -1.60 3.21
C LYS A 39 5.64 -0.76 4.29
N ARG A 40 6.33 -0.58 5.42
CA ARG A 40 5.81 0.21 6.52
C ARG A 40 5.49 1.64 6.09
N ALA A 41 6.26 2.16 5.13
CA ALA A 41 6.06 3.53 4.65
C ALA A 41 4.68 3.71 4.03
N PHE A 42 4.40 2.97 2.94
CA PHE A 42 3.09 3.07 2.27
C PHE A 42 1.96 2.66 3.22
N ILE A 43 2.20 1.60 4.00
CA ILE A 43 1.19 1.11 4.97
C ILE A 43 0.83 2.24 5.96
N ARG A 44 1.84 2.99 6.39
CA ARG A 44 1.63 4.12 7.32
C ARG A 44 1.00 5.31 6.58
N SER A 45 1.45 5.55 5.35
CA SER A 45 0.95 6.67 4.53
C SER A 45 -0.57 6.62 4.39
N LEU A 46 -1.13 5.41 4.32
CA LEU A 46 -2.59 5.25 4.19
C LEU A 46 -3.31 5.98 5.32
N TYR A 47 -2.79 5.84 6.54
CA TYR A 47 -3.36 6.50 7.71
C TYR A 47 -3.16 8.02 7.60
N ASP A 48 -1.96 8.42 7.15
CA ASP A 48 -1.61 9.84 7.03
C ASP A 48 -2.54 10.57 6.07
N ASP A 49 -2.87 9.94 4.93
CA ASP A 49 -3.76 10.57 3.93
C ASP A 49 -4.63 9.52 3.22
N PRO A 50 -5.76 9.16 3.81
CA PRO A 50 -6.70 8.15 3.21
C PRO A 50 -7.13 8.49 1.78
N SER A 51 -7.05 9.78 1.44
CA SER A 51 -7.44 10.25 0.11
C SER A 51 -6.58 9.63 -0.99
N GLN A 52 -5.32 9.27 -0.66
CA GLN A 52 -4.40 8.68 -1.64
C GLN A 52 -4.39 7.15 -1.59
N SER A 53 -5.30 6.54 -0.82
CA SER A 53 -5.34 5.06 -0.69
C SER A 53 -5.20 4.37 -2.05
N ALA A 54 -5.86 4.92 -3.07
CA ALA A 54 -5.79 4.35 -4.42
C ALA A 54 -4.38 4.51 -5.00
N ASN A 55 -3.82 5.71 -4.85
CA ASN A 55 -2.49 6.01 -5.38
C ASN A 55 -1.40 5.23 -4.64
N LEU A 56 -1.45 5.25 -3.30
CA LEU A 56 -0.45 4.56 -2.49
C LEU A 56 -0.38 3.07 -2.83
N LEU A 57 -1.56 2.43 -2.95
CA LEU A 57 -1.63 1.00 -3.28
C LEU A 57 -0.97 0.74 -4.63
N ALA A 58 -1.38 1.56 -5.62
CA ALA A 58 -0.82 1.46 -6.97
C ALA A 58 0.69 1.71 -6.94
N GLU A 59 1.07 2.70 -6.14
CA GLU A 59 2.48 3.07 -5.97
C GLU A 59 3.27 1.93 -5.35
N ALA A 60 2.66 1.24 -4.39
CA ALA A 60 3.31 0.12 -3.72
C ALA A 60 3.56 -1.00 -4.74
N LYS A 61 2.53 -1.31 -5.51
CA LYS A 61 2.63 -2.34 -6.54
C LYS A 61 3.68 -1.95 -7.59
N LYS A 62 3.79 -0.63 -7.83
CA LYS A 62 4.76 -0.11 -8.80
C LYS A 62 6.18 -0.49 -8.38
N LEU A 63 6.46 -0.34 -7.08
CA LEU A 63 7.76 -0.69 -6.52
C LEU A 63 8.00 -2.19 -6.67
N ASN A 64 6.94 -2.97 -6.45
CA ASN A 64 7.02 -4.44 -6.59
C ASN A 64 7.36 -4.81 -8.03
N ASP A 65 6.61 -4.23 -8.97
CA ASP A 65 6.81 -4.50 -10.39
C ASP A 65 8.21 -4.07 -10.84
N ALA A 66 8.68 -2.94 -10.32
CA ALA A 66 9.99 -2.41 -10.71
C ALA A 66 11.15 -3.21 -10.09
N GLN A 67 11.11 -3.39 -8.77
CA GLN A 67 12.18 -4.12 -8.06
C GLN A 67 12.22 -5.60 -8.46
N ALA A 68 11.07 -6.14 -8.88
CA ALA A 68 10.98 -7.55 -9.28
C ALA A 68 11.98 -7.88 -10.40
N PRO A 69 12.54 -9.07 -10.40
CA PRO A 69 13.52 -9.52 -11.44
C PRO A 69 12.86 -9.82 -12.78
N LYS A 70 13.64 -9.68 -13.87
CA LYS A 70 13.13 -9.95 -15.22
C LYS A 70 13.10 -11.45 -15.49
#